data_4H7N
#
_entry.id   4H7N
#
_cell.length_a   105.841
_cell.length_b   88.513
_cell.length_c   123.001
_cell.angle_alpha   90.000
_cell.angle_beta   109.970
_cell.angle_gamma   90.000
#
_symmetry.space_group_name_H-M   'P 1 21 1'
#
loop_
_entity.id
_entity.type
_entity.pdbx_description
1 polymer 'Aldehyde dehydrogenase'
2 non-polymer GLYCEROL
3 water water
#
_entity_poly.entity_id   1
_entity_poly.type   'polypeptide(L)'
_entity_poly.pdbx_seq_one_letter_code
;SNA(MSE)TKTIEVRNPRTGKFDYVIIPPPPRLLAQQCNRARRAQSRWQELGVEGRITTLQQWKQAILSRREQLTEALVN
DTGRLSITVLEIDSFLASIDRWCGLAPELLQTSAKNTSIPFIALQQSLVPYPLVGVISPWNFPLTLS(MSE)IDTIPALL
AGCAVVVKPSEIAPRFVAPLL(MSE)ALNTVPELRDVLIFVEGGGETGANLINYVDFVCFTGSVATGREVAETAARRFIP
AYLELGGKDPAIVLESANLELATSAILWGAVVNTGQSCLSIERIYVAESKFEEFYHQLIAKAHRLQLAYPLVEDGAIGPI
IAEKQAGIINDHILDAVEKGAVIHCGGKVEELGGGWWCRPTV(MSE)TNVNHS(MSE)KV(MSE)TEETFGPI(MSE)PV
(MSE)PFPDVEEAVYLANDTIYGLSAAVFAGSEDEALKVARQLNAGAISINDAALTA(MSE)(MSE)HEGEKNAFNFSGL
GGSRVGAAGLKRFLRKQAFLIKTNSTSDPWWFDK
;
_entity_poly.pdbx_strand_id   A,B,C,D
#
loop_
_chem_comp.id
_chem_comp.type
_chem_comp.name
_chem_comp.formula
GOL non-polymer GLYCEROL 'C3 H8 O3'
#
# COMPACT_ATOMS: atom_id res chain seq x y z
N ASN A 2 0.12 -56.21 -5.72
CA ASN A 2 -0.65 -56.99 -4.76
C ASN A 2 -1.79 -56.16 -4.07
N ALA A 3 -1.50 -55.27 -3.11
CA ALA A 3 -2.58 -54.58 -2.38
C ALA A 3 -3.37 -53.61 -3.25
N MSE A 4 -4.64 -53.41 -2.97
CA MSE A 4 -5.44 -52.48 -3.75
C MSE A 4 -4.98 -51.04 -3.53
O MSE A 4 -4.73 -50.65 -2.40
CB MSE A 4 -6.91 -52.57 -3.37
CG MSE A 4 -7.75 -51.49 -4.09
SE MSE A 4 -9.58 -51.99 -3.70
CE MSE A 4 -9.94 -53.28 -5.08
N THR A 5 -4.91 -50.27 -4.61
CA THR A 5 -4.60 -48.83 -4.53
C THR A 5 -5.84 -48.09 -4.06
N LYS A 6 -5.79 -47.52 -2.86
CA LYS A 6 -6.91 -46.75 -2.38
C LYS A 6 -7.14 -45.48 -3.23
N THR A 7 -8.39 -45.15 -3.53
CA THR A 7 -8.69 -43.91 -4.22
C THR A 7 -9.81 -43.23 -3.43
N ILE A 8 -9.98 -41.93 -3.59
CA ILE A 8 -11.04 -41.18 -2.93
C ILE A 8 -11.80 -40.44 -4.03
N GLU A 9 -13.12 -40.62 -4.08
CA GLU A 9 -13.93 -39.89 -5.03
C GLU A 9 -14.30 -38.56 -4.41
N VAL A 10 -14.35 -37.51 -5.22
CA VAL A 10 -14.42 -36.16 -4.67
C VAL A 10 -15.71 -35.56 -5.19
N ARG A 11 -16.54 -35.09 -4.25
CA ARG A 11 -17.81 -34.47 -4.56
C ARG A 11 -17.65 -33.05 -5.12
N ASN A 12 -18.46 -32.77 -6.13
CA ASN A 12 -18.62 -31.44 -6.66
C ASN A 12 -19.67 -30.73 -5.81
N PRO A 13 -19.29 -29.60 -5.23
CA PRO A 13 -20.19 -28.90 -4.30
C PRO A 13 -21.42 -28.22 -4.95
N ARG A 14 -21.38 -27.96 -6.25
CA ARG A 14 -22.54 -27.40 -6.96
C ARG A 14 -23.54 -28.49 -7.33
N THR A 15 -23.03 -29.61 -7.84
CA THR A 15 -23.88 -30.65 -8.37
C THR A 15 -24.13 -31.80 -7.43
N GLY A 16 -23.28 -31.99 -6.43
CA GLY A 16 -23.46 -33.09 -5.54
C GLY A 16 -22.98 -34.41 -6.10
N LYS A 17 -22.43 -34.42 -7.31
CA LYS A 17 -21.95 -35.68 -7.92
C LYS A 17 -20.45 -35.79 -7.78
N PHE A 18 -19.98 -37.01 -7.90
CA PHE A 18 -18.54 -37.28 -7.88
C PHE A 18 -17.95 -36.96 -9.24
N ASP A 19 -16.96 -36.11 -9.33
CA ASP A 19 -16.47 -35.76 -10.65
C ASP A 19 -14.96 -35.68 -10.67
N TYR A 20 -14.31 -36.31 -9.70
CA TYR A 20 -12.88 -36.19 -9.57
C TYR A 20 -12.44 -37.31 -8.64
N VAL A 21 -11.22 -37.76 -8.82
CA VAL A 21 -10.67 -38.89 -8.03
C VAL A 21 -9.29 -38.48 -7.62
N ILE A 22 -8.91 -38.74 -6.38
CA ILE A 22 -7.53 -38.54 -6.00
C ILE A 22 -7.02 -39.86 -5.42
N ILE A 23 -5.70 -40.02 -5.37
CA ILE A 23 -5.02 -41.22 -4.99
C ILE A 23 -4.01 -41.00 -3.86
N PRO A 24 -4.39 -41.31 -2.63
CA PRO A 24 -3.46 -40.96 -1.57
C PRO A 24 -2.27 -41.90 -1.52
N PRO A 25 -1.08 -41.37 -1.24
CA PRO A 25 0.05 -42.30 -1.21
C PRO A 25 0.07 -43.09 0.09
N PRO A 26 0.30 -44.41 0.01
CA PRO A 26 0.54 -45.19 1.25
C PRO A 26 1.77 -44.74 2.05
N PRO A 27 1.82 -45.07 3.35
CA PRO A 27 2.95 -44.61 4.17
C PRO A 27 4.32 -44.78 3.48
N ARG A 28 4.54 -45.93 2.86
CA ARG A 28 5.82 -46.25 2.18
C ARG A 28 6.15 -45.29 1.00
N LEU A 29 5.19 -45.05 0.16
CA LEU A 29 5.34 -44.07 -0.92
C LEU A 29 5.46 -42.61 -0.45
N LEU A 30 4.69 -42.24 0.56
CA LEU A 30 4.79 -40.91 1.09
C LEU A 30 6.21 -40.63 1.62
N ALA A 31 6.75 -41.59 2.33
CA ALA A 31 8.11 -41.48 2.91
C ALA A 31 9.17 -41.30 1.81
N GLN A 32 8.98 -42.03 0.75
CA GLN A 32 9.81 -41.93 -0.43
C GLN A 32 9.78 -40.55 -1.02
N GLN A 33 8.60 -39.96 -1.19
CA GLN A 33 8.52 -38.59 -1.76
C GLN A 33 9.11 -37.53 -0.83
N CYS A 34 8.97 -37.69 0.48
CA CYS A 34 9.60 -36.78 1.42
C CYS A 34 11.14 -36.83 1.32
N ASN A 35 11.66 -38.05 1.15
CA ASN A 35 13.09 -38.24 1.02
C ASN A 35 13.66 -37.67 -0.27
N ARG A 36 12.89 -37.73 -1.35
CA ARG A 36 13.24 -37.04 -2.59
C ARG A 36 13.28 -35.54 -2.41
N ALA A 37 12.31 -34.96 -1.69
CA ALA A 37 12.34 -33.52 -1.48
C ALA A 37 13.58 -33.12 -0.63
N ARG A 38 13.91 -33.93 0.35
CA ARG A 38 15.09 -33.69 1.21
C ARG A 38 16.40 -33.65 0.46
N ARG A 39 16.53 -34.55 -0.50
CA ARG A 39 17.71 -34.60 -1.37
C ARG A 39 17.83 -33.35 -2.22
N ALA A 40 16.70 -32.84 -2.70
CA ALA A 40 16.72 -31.65 -3.54
C ALA A 40 16.87 -30.35 -2.74
N GLN A 41 16.57 -30.41 -1.44
CA GLN A 41 16.56 -29.23 -0.59
C GLN A 41 17.93 -28.56 -0.41
N SER A 42 19.01 -29.33 -0.41
CA SER A 42 20.35 -28.75 -0.28
C SER A 42 20.66 -27.77 -1.39
N ARG A 43 20.42 -28.17 -2.63
CA ARG A 43 20.64 -27.27 -3.76
C ARG A 43 19.72 -26.06 -3.69
N TRP A 44 18.45 -26.27 -3.34
CA TRP A 44 17.51 -25.14 -3.11
C TRP A 44 18.03 -24.11 -2.04
N GLN A 45 18.54 -24.60 -0.94
CA GLN A 45 19.10 -23.73 0.10
C GLN A 45 20.37 -23.02 -0.45
N GLU A 46 21.22 -23.75 -1.16
CA GLU A 46 22.48 -23.20 -1.71
C GLU A 46 22.25 -22.24 -2.85
N LEU A 47 21.12 -22.30 -3.53
CA LEU A 47 20.81 -21.23 -4.50
C LEU A 47 20.84 -19.82 -3.96
N GLY A 48 20.57 -19.64 -2.67
CA GLY A 48 20.42 -18.32 -2.11
C GLY A 48 19.06 -17.68 -2.34
N VAL A 49 18.70 -16.76 -1.46
CA VAL A 49 17.39 -16.15 -1.54
C VAL A 49 17.11 -15.46 -2.88
N GLU A 50 18.12 -14.90 -3.52
CA GLU A 50 17.87 -14.20 -4.80
C GLU A 50 17.55 -15.22 -5.90
N GLY A 51 18.27 -16.31 -5.93
CA GLY A 51 17.95 -17.40 -6.84
C GLY A 51 16.54 -17.98 -6.59
N ARG A 52 16.14 -18.11 -5.32
CA ARG A 52 14.83 -18.68 -5.00
C ARG A 52 13.72 -17.75 -5.44
N ILE A 53 13.93 -16.44 -5.26
CA ILE A 53 13.03 -15.40 -5.77
C ILE A 53 12.88 -15.52 -7.27
N THR A 54 13.98 -15.62 -8.00
CA THR A 54 13.87 -15.75 -9.47
C THR A 54 12.95 -16.91 -9.85
N THR A 55 13.16 -18.05 -9.19
CA THR A 55 12.43 -19.26 -9.42
C THR A 55 10.94 -19.09 -9.12
N LEU A 56 10.61 -18.50 -7.98
CA LEU A 56 9.21 -18.29 -7.62
C LEU A 56 8.55 -17.36 -8.63
N GLN A 57 9.26 -16.33 -9.08
CA GLN A 57 8.70 -15.47 -10.12
C GLN A 57 8.50 -16.20 -11.45
N GLN A 58 9.39 -17.13 -11.79
CA GLN A 58 9.21 -17.98 -12.98
C GLN A 58 7.95 -18.82 -12.83
N TRP A 59 7.74 -19.36 -11.62
CA TRP A 59 6.54 -20.16 -11.31
C TRP A 59 5.30 -19.27 -11.43
N LYS A 60 5.37 -18.06 -10.88
CA LYS A 60 4.27 -17.13 -11.01
C LYS A 60 3.94 -16.82 -12.49
N GLN A 61 4.97 -16.59 -13.29
CA GLN A 61 4.75 -16.38 -14.71
C GLN A 61 4.03 -17.55 -15.38
N ALA A 62 4.46 -18.78 -15.10
CA ALA A 62 3.83 -19.96 -15.67
C ALA A 62 2.37 -20.09 -15.23
N ILE A 63 2.07 -19.82 -13.97
CA ILE A 63 0.71 -19.86 -13.48
C ILE A 63 -0.11 -18.81 -14.18
N LEU A 64 0.41 -17.61 -14.30
CA LEU A 64 -0.29 -16.56 -15.02
C LEU A 64 -0.57 -16.92 -16.47
N SER A 65 0.35 -17.63 -17.12
CA SER A 65 0.12 -18.06 -18.50
C SER A 65 -1.05 -19.02 -18.67
N ARG A 66 -1.50 -19.63 -17.59
CA ARG A 66 -2.58 -20.61 -17.63
C ARG A 66 -3.62 -20.24 -16.59
N ARG A 67 -3.85 -18.95 -16.43
CA ARG A 67 -4.72 -18.49 -15.35
C ARG A 67 -6.13 -19.04 -15.50
N GLU A 68 -6.63 -19.15 -16.72
CA GLU A 68 -7.97 -19.65 -16.91
C GLU A 68 -8.14 -21.07 -16.40
N GLN A 69 -7.11 -21.90 -16.49
CA GLN A 69 -7.18 -23.27 -16.01
C GLN A 69 -7.17 -23.29 -14.48
N LEU A 70 -6.44 -22.36 -13.86
CA LEU A 70 -6.47 -22.27 -12.40
C LEU A 70 -7.85 -21.83 -11.92
N THR A 71 -8.41 -20.82 -12.58
CA THR A 71 -9.71 -20.29 -12.24
C THR A 71 -10.76 -21.42 -12.39
N GLU A 72 -10.67 -22.17 -13.48
CA GLU A 72 -11.67 -23.20 -13.75
C GLU A 72 -11.63 -24.33 -12.66
N ALA A 73 -10.42 -24.71 -12.28
CA ALA A 73 -10.32 -25.75 -11.27
C ALA A 73 -10.80 -25.25 -9.91
N LEU A 74 -10.53 -23.99 -9.60
CA LEU A 74 -10.91 -23.45 -8.29
C LEU A 74 -12.44 -23.15 -8.25
N VAL A 75 -13.03 -22.71 -9.34
CA VAL A 75 -14.50 -22.65 -9.46
C VAL A 75 -15.11 -24.07 -9.19
N ASN A 76 -14.54 -25.07 -9.83
CA ASN A 76 -15.01 -26.44 -9.64
C ASN A 76 -14.89 -26.85 -8.16
N ASP A 77 -13.79 -26.50 -7.50
CA ASP A 77 -13.60 -26.86 -6.08
C ASP A 77 -14.59 -26.15 -5.15
N THR A 78 -14.87 -24.89 -5.43
CA THR A 78 -15.58 -23.99 -4.48
C THR A 78 -16.97 -23.63 -4.86
N GLY A 79 -17.32 -23.81 -6.12
CA GLY A 79 -18.64 -23.45 -6.60
C GLY A 79 -18.91 -21.98 -6.82
N ARG A 80 -17.88 -21.14 -6.75
CA ARG A 80 -18.08 -19.72 -6.90
C ARG A 80 -16.97 -19.09 -7.73
N LEU A 81 -17.31 -17.95 -8.35
CA LEU A 81 -16.39 -17.23 -9.21
C LEU A 81 -15.72 -16.00 -8.58
N SER A 82 -16.48 -15.02 -8.10
CA SER A 82 -15.84 -13.74 -7.76
C SER A 82 -14.85 -13.90 -6.62
N ILE A 83 -15.16 -14.73 -5.63
CA ILE A 83 -14.16 -15.01 -4.57
C ILE A 83 -13.03 -15.89 -5.11
N THR A 84 -13.26 -16.65 -6.17
CA THR A 84 -12.14 -17.35 -6.82
C THR A 84 -11.13 -16.38 -7.42
N VAL A 85 -11.64 -15.38 -8.12
CA VAL A 85 -10.77 -14.34 -8.70
C VAL A 85 -9.94 -13.67 -7.59
N LEU A 86 -10.56 -13.36 -6.48
CA LEU A 86 -9.83 -12.72 -5.37
C LEU A 86 -8.81 -13.63 -4.76
N GLU A 87 -9.13 -14.91 -4.61
CA GLU A 87 -8.14 -15.85 -4.07
C GLU A 87 -6.93 -15.88 -4.95
N ILE A 88 -7.18 -15.96 -6.26
CA ILE A 88 -6.06 -16.01 -7.20
C ILE A 88 -5.21 -14.73 -7.13
N ASP A 89 -5.84 -13.57 -7.11
CA ASP A 89 -5.15 -12.28 -7.05
C ASP A 89 -4.32 -12.17 -5.77
N SER A 90 -4.93 -12.58 -4.67
CA SER A 90 -4.31 -12.57 -3.36
C SER A 90 -3.09 -13.54 -3.27
N PHE A 91 -3.23 -14.74 -3.79
CA PHE A 91 -2.07 -15.65 -3.96
C PHE A 91 -0.92 -15.01 -4.77
N LEU A 92 -1.24 -14.48 -5.93
CA LEU A 92 -0.22 -13.84 -6.77
C LEU A 92 0.48 -12.65 -6.06
N ALA A 93 -0.27 -11.83 -5.35
CA ALA A 93 0.34 -10.70 -4.63
C ALA A 93 1.17 -11.18 -3.47
N SER A 94 0.76 -12.31 -2.88
CA SER A 94 1.52 -12.84 -1.78
C SER A 94 2.93 -13.37 -2.24
N ILE A 95 3.02 -13.92 -3.44
CA ILE A 95 4.29 -14.35 -3.94
C ILE A 95 5.20 -13.12 -4.07
N ASP A 96 4.65 -12.04 -4.66
CA ASP A 96 5.41 -10.78 -4.78
C ASP A 96 5.86 -10.23 -3.43
N ARG A 97 4.93 -10.15 -2.49
CA ARG A 97 5.21 -9.57 -1.19
CA ARG A 97 5.20 -9.57 -1.17
C ARG A 97 6.30 -10.31 -0.41
N TRP A 98 6.19 -11.63 -0.34
CA TRP A 98 7.24 -12.42 0.28
C TRP A 98 8.58 -12.36 -0.46
N CYS A 99 8.54 -12.34 -1.80
CA CYS A 99 9.80 -12.15 -2.55
C CYS A 99 10.50 -10.84 -2.15
N GLY A 100 9.69 -9.82 -1.91
CA GLY A 100 10.18 -8.52 -1.50
C GLY A 100 10.78 -8.53 -0.12
N LEU A 101 10.17 -9.28 0.79
CA LEU A 101 10.60 -9.19 2.19
C LEU A 101 11.76 -10.08 2.50
N ALA A 102 11.86 -11.20 1.79
CA ALA A 102 12.80 -12.25 2.17
C ALA A 102 14.29 -11.86 2.27
N PRO A 103 14.84 -11.08 1.30
CA PRO A 103 16.31 -10.80 1.38
C PRO A 103 16.70 -10.16 2.68
N GLU A 104 15.91 -9.21 3.13
CA GLU A 104 16.24 -8.48 4.34
C GLU A 104 16.12 -9.40 5.55
N LEU A 105 15.15 -10.30 5.52
CA LEU A 105 14.96 -11.22 6.65
C LEU A 105 16.04 -12.27 6.72
N LEU A 106 16.68 -12.61 5.60
CA LEU A 106 17.64 -13.69 5.58
C LEU A 106 19.11 -13.24 5.65
N GLN A 107 19.34 -11.94 5.71
CA GLN A 107 20.72 -11.43 5.65
C GLN A 107 21.47 -11.73 6.97
N THR A 108 22.69 -12.23 6.88
CA THR A 108 23.53 -12.43 8.07
C THR A 108 23.88 -11.05 8.67
N SER A 109 24.42 -11.06 9.87
CA SER A 109 24.82 -9.85 10.53
C SER A 109 26.12 -10.13 11.28
N ALA A 110 26.87 -9.07 11.55
CA ALA A 110 28.12 -9.20 12.29
C ALA A 110 28.15 -8.04 13.25
N LYS A 111 28.60 -8.27 14.47
CA LYS A 111 28.47 -7.32 15.55
C LYS A 111 29.58 -7.55 16.54
N ASN A 112 29.87 -6.55 17.36
CA ASN A 112 30.70 -6.76 18.52
C ASN A 112 29.86 -7.21 19.69
N THR A 113 30.50 -7.57 20.78
CA THR A 113 29.83 -8.01 21.99
C THR A 113 30.36 -7.19 23.13
N SER A 114 29.90 -7.46 24.35
CA SER A 114 30.40 -6.83 25.55
C SER A 114 31.83 -7.23 25.87
N ILE A 115 32.40 -8.16 25.12
CA ILE A 115 33.79 -8.53 25.34
C ILE A 115 34.62 -8.13 24.11
N PRO A 116 35.71 -7.34 24.33
CA PRO A 116 36.32 -6.76 23.13
C PRO A 116 37.01 -7.76 22.24
N PHE A 117 37.41 -8.94 22.74
CA PHE A 117 38.08 -9.95 21.89
C PHE A 117 37.14 -11.08 21.44
N ILE A 118 35.84 -10.91 21.64
CA ILE A 118 34.85 -11.82 21.12
C ILE A 118 33.91 -11.07 20.18
N ALA A 119 33.85 -11.55 18.94
CA ALA A 119 32.98 -11.02 17.91
C ALA A 119 31.81 -12.01 17.67
N LEU A 120 30.69 -11.51 17.16
CA LEU A 120 29.50 -12.30 16.95
C LEU A 120 29.06 -12.22 15.49
N GLN A 121 28.86 -13.36 14.86
CA GLN A 121 28.13 -13.39 13.58
C GLN A 121 26.88 -14.21 13.75
N GLN A 122 25.84 -13.86 13.02
CA GLN A 122 24.57 -14.59 13.06
C GLN A 122 24.25 -15.16 11.68
N SER A 123 23.65 -16.35 11.63
CA SER A 123 23.06 -16.83 10.35
C SER A 123 21.80 -17.60 10.61
N LEU A 124 21.13 -17.99 9.52
CA LEU A 124 19.82 -18.60 9.59
C LEU A 124 19.79 -19.88 8.74
N VAL A 125 19.32 -20.98 9.30
CA VAL A 125 19.36 -22.28 8.64
C VAL A 125 17.90 -22.80 8.54
N PRO A 126 17.39 -22.98 7.31
CA PRO A 126 15.99 -23.44 7.21
C PRO A 126 15.76 -24.84 7.75
N TYR A 127 14.56 -25.11 8.26
CA TYR A 127 14.12 -26.50 8.47
C TYR A 127 14.14 -27.17 7.10
N PRO A 128 14.74 -28.35 6.97
CA PRO A 128 14.81 -28.89 5.58
C PRO A 128 13.45 -29.23 4.95
N LEU A 129 12.54 -29.78 5.71
CA LEU A 129 11.24 -30.24 5.18
C LEU A 129 10.05 -29.84 6.06
N VAL A 130 9.18 -29.03 5.47
CA VAL A 130 8.00 -28.47 6.15
C VAL A 130 6.78 -29.18 5.57
N GLY A 131 5.92 -29.67 6.44
CA GLY A 131 4.58 -30.17 6.02
C GLY A 131 3.45 -29.15 6.22
N VAL A 132 2.66 -28.97 5.17
CA VAL A 132 1.49 -28.11 5.24
C VAL A 132 0.23 -28.89 5.01
N ILE A 133 -0.71 -28.78 5.93
CA ILE A 133 -2.04 -29.42 5.83
C ILE A 133 -3.04 -28.30 5.83
N SER A 134 -3.76 -28.15 4.72
CA SER A 134 -4.57 -26.95 4.50
C SER A 134 -6.07 -27.33 4.25
N PRO A 135 -6.99 -26.42 4.57
CA PRO A 135 -8.43 -26.70 4.57
C PRO A 135 -9.08 -26.40 3.24
N TRP A 136 -10.35 -26.80 3.13
CA TRP A 136 -11.10 -26.71 1.88
C TRP A 136 -11.78 -25.35 1.59
N ASN A 137 -11.82 -24.41 2.54
CA ASN A 137 -12.65 -23.22 2.37
C ASN A 137 -12.08 -22.07 1.49
N PHE A 138 -10.76 -21.93 1.53
CA PHE A 138 -10.02 -21.10 0.59
C PHE A 138 -8.85 -21.98 0.18
N PRO A 139 -9.12 -22.90 -0.70
CA PRO A 139 -8.15 -23.96 -0.92
C PRO A 139 -6.81 -23.45 -1.43
N LEU A 140 -6.83 -22.46 -2.34
CA LEU A 140 -5.60 -21.96 -2.90
C LEU A 140 -4.86 -21.14 -1.89
N THR A 141 -5.50 -20.12 -1.34
CA THR A 141 -4.73 -19.19 -0.50
C THR A 141 -4.23 -19.88 0.76
N LEU A 142 -5.06 -20.74 1.36
CA LEU A 142 -4.61 -21.39 2.59
C LEU A 142 -3.62 -22.56 2.37
N SER A 143 -3.53 -23.13 1.16
CA SER A 143 -2.48 -24.07 0.86
C SER A 143 -1.13 -23.36 0.71
N MSE A 144 -1.17 -22.06 0.39
CA MSE A 144 0.02 -21.34 0.00
C MSE A 144 0.50 -20.32 1.00
O MSE A 144 1.60 -19.83 0.88
CB MSE A 144 -0.28 -20.62 -1.33
CG MSE A 144 -0.42 -21.61 -2.48
SE MSE A 144 1.27 -22.53 -2.92
CE MSE A 144 0.81 -24.30 -2.46
N ILE A 145 -0.34 -19.96 1.96
CA ILE A 145 0.00 -18.93 2.91
C ILE A 145 1.25 -19.22 3.72
N ASP A 146 1.48 -20.48 4.13
CA ASP A 146 2.70 -20.86 4.82
C ASP A 146 3.75 -21.32 3.79
N THR A 147 3.32 -21.98 2.74
CA THR A 147 4.22 -22.61 1.78
C THR A 147 5.20 -21.61 1.18
N ILE A 148 4.68 -20.45 0.77
CA ILE A 148 5.50 -19.48 0.05
C ILE A 148 6.64 -18.95 0.91
N PRO A 149 6.38 -18.43 2.13
CA PRO A 149 7.54 -17.99 2.91
C PRO A 149 8.47 -19.13 3.29
N ALA A 150 7.94 -20.31 3.56
CA ALA A 150 8.82 -21.42 3.84
C ALA A 150 9.77 -21.73 2.65
N LEU A 151 9.24 -21.69 1.42
CA LEU A 151 10.08 -21.93 0.26
C LEU A 151 11.17 -20.88 0.17
N LEU A 152 10.84 -19.62 0.37
CA LEU A 152 11.81 -18.56 0.25
C LEU A 152 12.88 -18.63 1.32
N ALA A 153 12.52 -19.17 2.46
CA ALA A 153 13.44 -19.40 3.55
C ALA A 153 14.50 -20.43 3.17
N GLY A 154 14.23 -21.22 2.14
CA GLY A 154 15.11 -22.29 1.78
C GLY A 154 14.65 -23.70 2.17
N CYS A 155 13.41 -23.83 2.61
CA CYS A 155 12.81 -25.12 2.93
C CYS A 155 12.26 -25.78 1.68
N ALA A 156 12.24 -27.11 1.67
CA ALA A 156 11.30 -27.85 0.85
C ALA A 156 9.98 -28.02 1.59
N VAL A 157 8.88 -28.10 0.82
CA VAL A 157 7.57 -28.09 1.41
C VAL A 157 6.73 -29.17 0.77
N VAL A 158 6.11 -30.01 1.60
CA VAL A 158 5.07 -30.97 1.15
C VAL A 158 3.69 -30.45 1.54
N VAL A 159 2.85 -30.21 0.56
CA VAL A 159 1.57 -29.64 0.79
C VAL A 159 0.48 -30.70 0.55
N LYS A 160 -0.38 -30.86 1.54
CA LYS A 160 -1.53 -31.78 1.51
C LYS A 160 -2.81 -31.00 1.70
N PRO A 161 -3.40 -30.57 0.61
CA PRO A 161 -4.71 -29.91 0.72
C PRO A 161 -5.83 -30.89 1.08
N SER A 162 -6.96 -30.37 1.52
CA SER A 162 -8.12 -31.18 1.92
C SER A 162 -8.61 -31.91 0.72
N GLU A 163 -8.95 -33.16 0.96
CA GLU A 163 -9.60 -34.02 0.02
C GLU A 163 -10.95 -33.49 -0.44
N ILE A 164 -11.54 -32.59 0.35
CA ILE A 164 -12.82 -31.94 -0.05
C ILE A 164 -12.67 -30.95 -1.22
N ALA A 165 -11.47 -30.40 -1.43
CA ALA A 165 -11.27 -29.39 -2.49
C ALA A 165 -9.83 -29.44 -3.05
N PRO A 166 -9.51 -30.48 -3.83
CA PRO A 166 -8.13 -30.74 -4.23
C PRO A 166 -7.83 -30.38 -5.68
N ARG A 167 -8.83 -29.99 -6.44
CA ARG A 167 -8.65 -29.91 -7.92
C ARG A 167 -7.72 -28.78 -8.37
N PHE A 168 -7.58 -27.73 -7.55
CA PHE A 168 -6.76 -26.57 -7.90
C PHE A 168 -5.30 -26.91 -8.03
N VAL A 169 -4.89 -28.04 -7.46
CA VAL A 169 -3.52 -28.51 -7.52
C VAL A 169 -3.08 -28.83 -8.98
N ALA A 170 -3.96 -29.37 -9.78
CA ALA A 170 -3.53 -29.87 -11.12
C ALA A 170 -2.93 -28.72 -11.96
N PRO A 171 -3.57 -27.56 -12.02
CA PRO A 171 -2.91 -26.48 -12.79
C PRO A 171 -1.65 -25.90 -12.10
N LEU A 172 -1.59 -25.88 -10.77
CA LEU A 172 -0.38 -25.45 -10.11
C LEU A 172 0.80 -26.36 -10.46
N LEU A 173 0.52 -27.67 -10.43
CA LEU A 173 1.52 -28.69 -10.69
C LEU A 173 2.00 -28.61 -12.14
N MSE A 174 1.09 -28.38 -13.04
CA MSE A 174 1.46 -28.22 -14.42
C MSE A 174 2.38 -27.03 -14.59
O MSE A 174 3.33 -27.07 -15.38
CB MSE A 174 0.19 -28.10 -15.27
CG MSE A 174 0.43 -27.54 -16.66
SE MSE A 174 -1.17 -27.67 -17.81
CE MSE A 174 -2.44 -26.46 -16.91
N ALA A 175 2.14 -25.94 -13.85
CA ALA A 175 3.03 -24.75 -13.98
C ALA A 175 4.36 -25.06 -13.35
N LEU A 176 4.30 -25.75 -12.22
CA LEU A 176 5.46 -26.09 -11.41
C LEU A 176 6.49 -26.91 -12.22
N ASN A 177 6.00 -27.84 -13.03
CA ASN A 177 6.89 -28.73 -13.73
C ASN A 177 7.66 -28.07 -14.84
N THR A 178 7.36 -26.82 -15.18
CA THR A 178 8.18 -26.05 -16.11
C THR A 178 9.32 -25.29 -15.43
N VAL A 179 9.42 -25.38 -14.10
CA VAL A 179 10.41 -24.63 -13.31
C VAL A 179 11.34 -25.60 -12.62
N PRO A 180 12.50 -25.85 -13.23
CA PRO A 180 13.23 -27.05 -12.79
C PRO A 180 13.80 -26.95 -11.37
N GLU A 181 14.14 -25.75 -10.92
CA GLU A 181 14.69 -25.64 -9.56
C GLU A 181 13.64 -25.78 -8.42
N LEU A 182 12.36 -25.72 -8.72
CA LEU A 182 11.33 -25.75 -7.69
C LEU A 182 10.62 -27.07 -7.64
N ARG A 183 10.64 -27.80 -8.74
CA ARG A 183 9.69 -28.88 -8.94
C ARG A 183 10.06 -30.09 -8.11
N ASP A 184 11.29 -30.19 -7.63
CA ASP A 184 11.59 -31.26 -6.68
C ASP A 184 11.60 -30.83 -5.21
N VAL A 185 11.32 -29.57 -4.93
CA VAL A 185 11.20 -29.11 -3.53
C VAL A 185 9.83 -28.65 -3.07
N LEU A 186 8.90 -28.46 -4.00
CA LEU A 186 7.52 -28.20 -3.69
C LEU A 186 6.79 -29.42 -4.18
N ILE A 187 6.29 -30.21 -3.24
CA ILE A 187 5.66 -31.47 -3.53
C ILE A 187 4.22 -31.39 -3.08
N PHE A 188 3.29 -31.68 -3.99
CA PHE A 188 1.86 -31.75 -3.63
C PHE A 188 1.45 -33.22 -3.46
N VAL A 189 0.78 -33.53 -2.37
CA VAL A 189 0.26 -34.86 -2.12
C VAL A 189 -1.22 -34.77 -1.84
N GLU A 190 -1.95 -35.80 -2.21
CA GLU A 190 -3.41 -35.82 -2.08
C GLU A 190 -3.80 -36.77 -0.97
N GLY A 191 -4.90 -36.47 -0.29
CA GLY A 191 -5.41 -37.43 0.65
C GLY A 191 -6.26 -36.79 1.69
N GLY A 192 -6.84 -37.63 2.54
CA GLY A 192 -7.62 -37.13 3.67
C GLY A 192 -6.81 -37.03 4.92
N GLY A 193 -7.51 -37.07 6.05
CA GLY A 193 -6.91 -36.90 7.34
C GLY A 193 -5.81 -37.90 7.64
N GLU A 194 -5.98 -39.14 7.22
CA GLU A 194 -4.99 -40.17 7.46
C GLU A 194 -3.68 -39.85 6.77
N THR A 195 -3.75 -39.34 5.54
CA THR A 195 -2.51 -38.96 4.85
C THR A 195 -1.81 -37.80 5.55
N GLY A 196 -2.61 -36.87 6.07
CA GLY A 196 -2.08 -35.78 6.88
C GLY A 196 -1.36 -36.27 8.13
N ALA A 197 -2.00 -37.17 8.85
CA ALA A 197 -1.37 -37.79 9.99
C ALA A 197 -0.06 -38.47 9.61
N ASN A 198 -0.07 -39.24 8.52
CA ASN A 198 1.18 -39.87 8.06
C ASN A 198 2.33 -38.89 7.75
N LEU A 199 2.02 -37.80 7.07
CA LEU A 199 3.00 -36.76 6.75
C LEU A 199 3.69 -36.20 7.92
N ILE A 200 2.98 -36.02 9.03
CA ILE A 200 3.61 -35.48 10.24
C ILE A 200 4.78 -36.36 10.70
N ASN A 201 4.70 -37.66 10.45
CA ASN A 201 5.86 -38.52 10.73
C ASN A 201 7.12 -38.29 9.93
N TYR A 202 7.07 -37.54 8.83
CA TYR A 202 8.22 -37.44 7.93
C TYR A 202 8.89 -36.05 7.83
N VAL A 203 8.26 -35.03 8.40
CA VAL A 203 8.68 -33.65 8.23
C VAL A 203 9.39 -33.13 9.49
N ASP A 204 9.98 -31.96 9.36
CA ASP A 204 10.73 -31.30 10.43
C ASP A 204 9.92 -30.21 11.12
N PHE A 205 8.76 -29.90 10.55
CA PHE A 205 7.95 -28.74 10.92
C PHE A 205 6.55 -29.00 10.29
N VAL A 206 5.49 -28.80 11.03
CA VAL A 206 4.12 -28.93 10.49
C VAL A 206 3.30 -27.69 10.70
N CYS A 207 2.69 -27.20 9.61
CA CYS A 207 1.66 -26.16 9.62
C CYS A 207 0.27 -26.76 9.36
N PHE A 208 -0.67 -26.52 10.26
CA PHE A 208 -2.03 -27.06 10.14
C PHE A 208 -3.04 -25.96 10.43
N THR A 209 -4.00 -25.88 9.51
CA THR A 209 -5.16 -25.03 9.63
C THR A 209 -6.39 -25.88 9.49
N GLY A 210 -7.34 -25.72 10.40
CA GLY A 210 -8.56 -26.52 10.40
C GLY A 210 -9.27 -26.44 11.74
N SER A 211 -9.99 -27.51 12.06
CA SER A 211 -10.83 -27.56 13.22
C SER A 211 -10.03 -27.68 14.53
N VAL A 212 -10.59 -27.22 15.63
CA VAL A 212 -9.91 -27.29 16.92
C VAL A 212 -9.64 -28.72 17.32
N ALA A 213 -10.59 -29.63 17.13
CA ALA A 213 -10.33 -31.00 17.57
C ALA A 213 -9.19 -31.67 16.75
N THR A 214 -9.11 -31.43 15.46
CA THR A 214 -8.06 -32.07 14.66
C THR A 214 -6.71 -31.38 14.98
N GLY A 215 -6.75 -30.08 15.22
CA GLY A 215 -5.55 -29.31 15.50
C GLY A 215 -4.94 -29.72 16.82
N ARG A 216 -5.79 -30.04 17.78
CA ARG A 216 -5.31 -30.53 19.05
C ARG A 216 -4.58 -31.87 18.87
N GLU A 217 -5.09 -32.70 17.97
CA GLU A 217 -4.46 -33.97 17.70
C GLU A 217 -3.12 -33.72 16.98
N VAL A 218 -3.08 -32.74 16.08
CA VAL A 218 -1.82 -32.41 15.39
C VAL A 218 -0.78 -31.88 16.36
N ALA A 219 -1.20 -31.06 17.33
CA ALA A 219 -0.31 -30.56 18.41
C ALA A 219 0.33 -31.70 19.13
N GLU A 220 -0.52 -32.65 19.51
CA GLU A 220 -0.03 -33.77 20.32
C GLU A 220 0.88 -34.68 19.51
N THR A 221 0.56 -34.96 18.24
CA THR A 221 1.45 -35.73 17.35
C THR A 221 2.77 -35.04 17.09
N ALA A 222 2.72 -33.76 16.78
CA ALA A 222 3.97 -33.01 16.61
C ALA A 222 4.86 -33.06 17.86
N ALA A 223 4.25 -32.93 19.02
CA ALA A 223 5.03 -32.98 20.24
C ALA A 223 5.71 -34.35 20.42
N ARG A 224 5.01 -35.44 20.15
CA ARG A 224 5.58 -36.77 20.27
C ARG A 224 6.69 -36.99 19.28
N ARG A 225 6.59 -36.39 18.10
CA ARG A 225 7.68 -36.42 17.14
C ARG A 225 8.80 -35.43 17.47
N PHE A 226 8.55 -34.51 18.39
CA PHE A 226 9.48 -33.44 18.78
C PHE A 226 9.82 -32.53 17.59
N ILE A 227 8.77 -32.05 16.92
CA ILE A 227 8.90 -31.00 15.93
C ILE A 227 7.99 -29.78 16.22
N PRO A 228 8.36 -28.61 15.72
CA PRO A 228 7.52 -27.45 15.83
C PRO A 228 6.21 -27.62 15.09
N ALA A 229 5.16 -27.08 15.67
CA ALA A 229 3.86 -27.00 15.01
C ALA A 229 3.33 -25.58 15.00
N TYR A 230 2.92 -25.13 13.82
CA TYR A 230 2.14 -23.91 13.68
C TYR A 230 0.71 -24.31 13.42
N LEU A 231 -0.18 -23.80 14.26
CA LEU A 231 -1.57 -24.20 14.26
C LEU A 231 -2.51 -22.99 14.21
N GLU A 232 -3.47 -23.05 13.31
CA GLU A 232 -4.53 -22.02 13.24
C GLU A 232 -5.85 -22.75 13.15
N LEU A 233 -6.64 -22.66 14.23
CA LEU A 233 -7.71 -23.64 14.48
C LEU A 233 -9.12 -23.07 14.53
N GLY A 234 -9.35 -21.95 13.90
CA GLY A 234 -10.71 -21.50 13.80
C GLY A 234 -11.00 -20.47 14.87
N GLY A 235 -12.21 -19.98 14.78
CA GLY A 235 -12.63 -18.82 15.50
C GLY A 235 -14.14 -18.75 15.66
N LYS A 236 -14.55 -17.92 16.59
CA LYS A 236 -15.92 -17.50 16.71
C LYS A 236 -15.91 -15.97 16.88
N ASP A 237 -15.48 -15.30 15.84
CA ASP A 237 -15.16 -13.90 15.97
C ASP A 237 -16.41 -13.03 16.27
N PRO A 238 -16.36 -12.23 17.37
CA PRO A 238 -17.46 -11.31 17.68
C PRO A 238 -17.29 -9.92 17.08
N ALA A 239 -18.40 -9.26 16.79
CA ALA A 239 -18.43 -7.82 16.51
C ALA A 239 -19.27 -7.17 17.59
N ILE A 240 -18.76 -6.06 18.12
CA ILE A 240 -19.41 -5.24 19.12
C ILE A 240 -19.68 -3.89 18.43
N VAL A 241 -20.94 -3.49 18.49
CA VAL A 241 -21.41 -2.21 17.93
C VAL A 241 -21.90 -1.33 19.06
N LEU A 242 -21.09 -0.32 19.40
CA LEU A 242 -21.44 0.63 20.45
C LEU A 242 -22.43 1.66 19.94
N GLU A 243 -23.03 2.33 20.92
CA GLU A 243 -24.14 3.24 20.71
C GLU A 243 -23.79 4.36 19.73
N SER A 244 -22.54 4.86 19.81
CA SER A 244 -22.03 5.94 18.93
C SER A 244 -21.63 5.48 17.51
N ALA A 245 -21.76 4.19 17.20
CA ALA A 245 -21.22 3.69 15.91
C ALA A 245 -21.86 4.30 14.68
N ASN A 246 -21.18 4.25 13.55
CA ASN A 246 -21.76 4.59 12.25
C ASN A 246 -22.46 3.32 11.75
N LEU A 247 -23.79 3.28 11.88
CA LEU A 247 -24.54 2.04 11.60
C LEU A 247 -24.56 1.62 10.15
N GLU A 248 -24.47 2.61 9.25
CA GLU A 248 -24.44 2.34 7.83
C GLU A 248 -23.18 1.55 7.45
N LEU A 249 -22.01 1.99 7.95
CA LEU A 249 -20.79 1.28 7.74
C LEU A 249 -20.80 -0.02 8.53
N ALA A 250 -21.28 0.02 9.76
CA ALA A 250 -21.22 -1.18 10.60
C ALA A 250 -22.05 -2.33 10.00
N THR A 251 -23.23 -2.00 9.45
CA THR A 251 -24.08 -3.04 8.88
C THR A 251 -23.47 -3.57 7.58
N SER A 252 -22.90 -2.72 6.73
CA SER A 252 -22.25 -3.24 5.53
C SER A 252 -20.99 -4.10 5.92
N ALA A 253 -20.20 -3.64 6.89
CA ALA A 253 -18.97 -4.33 7.22
C ALA A 253 -19.26 -5.71 7.84
N ILE A 254 -20.25 -5.74 8.74
CA ILE A 254 -20.59 -6.97 9.48
C ILE A 254 -21.26 -7.98 8.53
N LEU A 255 -22.08 -7.48 7.60
CA LEU A 255 -22.65 -8.39 6.61
C LEU A 255 -21.56 -9.06 5.79
N TRP A 256 -20.62 -8.27 5.30
CA TRP A 256 -19.53 -8.81 4.48
C TRP A 256 -18.68 -9.79 5.31
N GLY A 257 -18.33 -9.37 6.50
CA GLY A 257 -17.54 -10.19 7.36
C GLY A 257 -18.23 -11.48 7.74
N ALA A 258 -19.56 -11.46 7.87
CA ALA A 258 -20.30 -12.70 8.26
C ALA A 258 -20.64 -13.64 7.11
N VAL A 259 -20.76 -13.14 5.86
CA VAL A 259 -21.24 -14.01 4.81
C VAL A 259 -20.35 -14.15 3.58
N VAL A 260 -19.24 -13.41 3.51
CA VAL A 260 -18.30 -13.60 2.42
C VAL A 260 -17.84 -15.06 2.49
N ASN A 261 -17.73 -15.66 1.33
CA ASN A 261 -17.45 -17.08 1.16
C ASN A 261 -18.53 -17.93 1.85
N THR A 262 -19.75 -17.41 1.89
CA THR A 262 -20.89 -18.09 2.56
C THR A 262 -20.56 -18.36 4.06
N GLY A 263 -19.71 -17.52 4.62
CA GLY A 263 -19.37 -17.66 6.04
C GLY A 263 -18.38 -18.75 6.37
N GLN A 264 -17.78 -19.36 5.34
CA GLN A 264 -16.88 -20.49 5.48
C GLN A 264 -15.46 -19.95 5.63
N SER A 265 -15.14 -19.52 6.85
CA SER A 265 -13.90 -18.84 7.11
C SER A 265 -13.70 -18.79 8.62
N CYS A 266 -12.45 -19.05 9.01
CA CYS A 266 -11.96 -18.87 10.41
C CYS A 266 -12.26 -17.43 10.90
N LEU A 267 -12.23 -16.48 9.96
CA LEU A 267 -12.33 -15.02 10.21
C LEU A 267 -13.71 -14.44 10.03
N SER A 268 -14.68 -15.31 9.86
CA SER A 268 -16.03 -14.88 9.67
C SER A 268 -16.52 -14.30 11.02
N ILE A 269 -17.28 -13.21 10.94
CA ILE A 269 -18.00 -12.69 12.10
C ILE A 269 -19.16 -13.69 12.38
N GLU A 270 -19.17 -14.28 13.57
CA GLU A 270 -20.17 -15.28 13.87
C GLU A 270 -21.07 -14.92 15.05
N ARG A 271 -20.79 -13.80 15.72
CA ARG A 271 -21.60 -13.30 16.85
C ARG A 271 -21.59 -11.78 16.82
N ILE A 272 -22.74 -11.16 17.03
CA ILE A 272 -22.88 -9.72 16.90
C ILE A 272 -23.60 -9.17 18.14
N TYR A 273 -22.93 -8.25 18.84
CA TYR A 273 -23.44 -7.63 20.06
C TYR A 273 -23.68 -6.16 19.77
N VAL A 274 -24.90 -5.64 20.06
CA VAL A 274 -25.24 -4.26 19.72
C VAL A 274 -25.86 -3.55 20.92
N ALA A 275 -25.41 -2.33 21.16
CA ALA A 275 -25.98 -1.49 22.21
C ALA A 275 -27.50 -1.56 22.11
N GLU A 276 -28.18 -1.78 23.23
CA GLU A 276 -29.65 -1.95 23.21
C GLU A 276 -30.43 -0.79 22.58
N SER A 277 -29.97 0.45 22.73
CA SER A 277 -30.67 1.57 22.12
C SER A 277 -30.57 1.62 20.59
N LYS A 278 -29.63 0.89 19.99
CA LYS A 278 -29.49 0.88 18.51
C LYS A 278 -29.80 -0.48 17.90
N PHE A 279 -30.18 -1.40 18.76
CA PHE A 279 -30.33 -2.80 18.41
C PHE A 279 -31.36 -3.02 17.27
N GLU A 280 -32.55 -2.48 17.48
CA GLU A 280 -33.66 -2.66 16.56
C GLU A 280 -33.31 -2.06 15.19
N GLU A 281 -32.84 -0.83 15.20
CA GLU A 281 -32.45 -0.09 13.99
C GLU A 281 -31.35 -0.82 13.19
N PHE A 282 -30.39 -1.34 13.93
CA PHE A 282 -29.30 -2.10 13.35
C PHE A 282 -29.79 -3.38 12.69
N TYR A 283 -30.58 -4.19 13.36
CA TYR A 283 -30.89 -5.46 12.76
C TYR A 283 -31.82 -5.29 11.55
N HIS A 284 -32.67 -4.29 11.57
CA HIS A 284 -33.47 -3.98 10.40
C HIS A 284 -32.65 -3.52 9.22
N GLN A 285 -31.63 -2.73 9.49
CA GLN A 285 -30.76 -2.36 8.38
C GLN A 285 -29.98 -3.59 7.87
N LEU A 286 -29.50 -4.42 8.80
CA LEU A 286 -28.79 -5.64 8.43
C LEU A 286 -29.63 -6.56 7.56
N ILE A 287 -30.88 -6.74 7.98
CA ILE A 287 -31.78 -7.59 7.17
C ILE A 287 -31.90 -7.07 5.74
N ALA A 288 -32.12 -5.77 5.59
CA ALA A 288 -32.38 -5.22 4.24
C ALA A 288 -31.17 -5.48 3.33
N LYS A 289 -29.96 -5.28 3.88
CA LYS A 289 -28.75 -5.53 3.11
C LYS A 289 -28.53 -7.02 2.82
N ALA A 290 -28.79 -7.86 3.80
CA ALA A 290 -28.64 -9.29 3.63
C ALA A 290 -29.60 -9.83 2.58
N HIS A 291 -30.80 -9.28 2.61
CA HIS A 291 -31.82 -9.76 1.74
C HIS A 291 -31.47 -9.46 0.27
N ARG A 292 -30.68 -8.40 0.01
CA ARG A 292 -30.25 -8.08 -1.38
C ARG A 292 -29.29 -9.12 -1.97
N LEU A 293 -28.58 -9.91 -1.16
CA LEU A 293 -27.59 -10.85 -1.70
C LEU A 293 -28.24 -12.08 -2.37
N GLN A 294 -27.67 -12.52 -3.48
CA GLN A 294 -28.19 -13.65 -4.24
C GLN A 294 -27.27 -14.87 -4.21
N LEU A 295 -27.89 -16.05 -4.21
CA LEU A 295 -27.17 -17.31 -4.39
C LEU A 295 -26.64 -17.36 -5.81
N ALA A 296 -25.51 -18.04 -5.98
CA ALA A 296 -24.89 -18.23 -7.28
C ALA A 296 -25.52 -19.46 -7.90
N TYR A 297 -26.83 -19.37 -8.09
CA TYR A 297 -27.65 -20.45 -8.53
C TYR A 297 -28.73 -19.85 -9.42
N PRO A 298 -29.01 -20.45 -10.57
CA PRO A 298 -28.50 -21.73 -11.10
C PRO A 298 -27.12 -21.68 -11.67
N LEU A 299 -26.64 -20.51 -12.08
CA LEU A 299 -25.28 -20.37 -12.65
C LEU A 299 -24.37 -19.61 -11.70
N VAL A 300 -23.08 -19.84 -11.85
CA VAL A 300 -22.07 -19.23 -10.99
C VAL A 300 -22.13 -17.71 -11.05
N GLU A 301 -22.50 -17.18 -12.20
CA GLU A 301 -22.65 -15.73 -12.39
C GLU A 301 -23.89 -15.15 -11.70
N ASP A 302 -24.83 -15.96 -11.24
CA ASP A 302 -26.11 -15.39 -10.79
C ASP A 302 -26.05 -14.74 -9.39
N GLY A 303 -24.90 -14.71 -8.73
CA GLY A 303 -24.89 -14.18 -7.38
C GLY A 303 -23.59 -14.33 -6.65
N ALA A 304 -23.50 -13.65 -5.52
CA ALA A 304 -22.28 -13.58 -4.74
C ALA A 304 -22.11 -14.79 -3.80
N ILE A 305 -23.21 -15.45 -3.45
CA ILE A 305 -23.15 -16.48 -2.35
C ILE A 305 -23.09 -17.87 -2.97
N GLY A 306 -21.92 -18.48 -2.84
CA GLY A 306 -21.73 -19.87 -3.29
C GLY A 306 -22.35 -20.91 -2.37
N PRO A 307 -22.25 -22.17 -2.75
CA PRO A 307 -22.76 -23.25 -1.97
C PRO A 307 -21.93 -23.54 -0.74
N ILE A 308 -22.51 -24.28 0.18
CA ILE A 308 -21.75 -24.86 1.26
C ILE A 308 -20.94 -25.98 0.66
N ILE A 309 -19.61 -25.88 0.76
CA ILE A 309 -18.70 -26.71 0.00
C ILE A 309 -18.67 -28.14 0.50
N ALA A 310 -18.64 -28.30 1.81
CA ALA A 310 -18.55 -29.65 2.39
C ALA A 310 -19.89 -30.10 2.90
N GLU A 311 -20.32 -31.32 2.57
CA GLU A 311 -21.61 -31.81 3.10
C GLU A 311 -21.69 -31.83 4.61
N LYS A 312 -20.61 -32.23 5.27
CA LYS A 312 -20.63 -32.29 6.73
C LYS A 312 -20.87 -30.87 7.30
N GLN A 313 -20.33 -29.84 6.67
CA GLN A 313 -20.56 -28.50 7.17
C GLN A 313 -22.03 -28.07 6.98
N ALA A 314 -22.64 -28.50 5.89
CA ALA A 314 -24.07 -28.28 5.71
C ALA A 314 -24.87 -28.87 6.86
N GLY A 315 -24.50 -30.08 7.29
CA GLY A 315 -25.15 -30.71 8.43
C GLY A 315 -24.96 -29.90 9.70
N ILE A 316 -23.75 -29.39 9.94
CA ILE A 316 -23.50 -28.60 11.13
C ILE A 316 -24.31 -27.30 11.15
N ILE A 317 -24.31 -26.59 10.02
CA ILE A 317 -25.04 -25.32 9.92
C ILE A 317 -26.54 -25.59 10.17
N ASN A 318 -27.06 -26.63 9.54
CA ASN A 318 -28.46 -27.01 9.72
C ASN A 318 -28.79 -27.27 11.21
N ASP A 319 -27.88 -27.97 11.86
CA ASP A 319 -28.03 -28.28 13.27
C ASP A 319 -28.00 -27.03 14.16
N HIS A 320 -27.16 -26.04 13.82
CA HIS A 320 -27.09 -24.80 14.57
C HIS A 320 -28.37 -24.00 14.46
N ILE A 321 -28.93 -23.97 13.25
CA ILE A 321 -30.18 -23.25 13.01
C ILE A 321 -31.33 -23.93 13.78
N LEU A 322 -31.43 -25.25 13.65
CA LEU A 322 -32.46 -25.97 14.43
C LEU A 322 -32.31 -25.87 15.95
N ASP A 323 -31.09 -26.03 16.46
CA ASP A 323 -30.85 -25.88 17.92
C ASP A 323 -31.30 -24.47 18.36
N ALA A 324 -30.93 -23.45 17.56
CA ALA A 324 -31.31 -22.06 17.85
C ALA A 324 -32.83 -21.85 17.91
N VAL A 325 -33.52 -22.34 16.88
CA VAL A 325 -34.97 -22.25 16.83
C VAL A 325 -35.62 -23.00 17.99
N GLU A 326 -35.20 -24.23 18.24
CA GLU A 326 -35.68 -24.94 19.43
C GLU A 326 -35.54 -24.10 20.71
N LYS A 327 -34.50 -23.26 20.81
CA LYS A 327 -34.24 -22.53 22.04
C LYS A 327 -34.81 -21.12 22.02
N GLY A 328 -35.58 -20.78 21.00
CA GLY A 328 -36.35 -19.56 20.98
C GLY A 328 -35.93 -18.57 19.92
N ALA A 329 -34.91 -18.85 19.12
CA ALA A 329 -34.41 -17.83 18.15
C ALA A 329 -35.51 -17.46 17.16
N VAL A 330 -35.47 -16.22 16.68
CA VAL A 330 -36.37 -15.70 15.64
C VAL A 330 -35.56 -15.51 14.36
N ILE A 331 -35.97 -16.12 13.27
CA ILE A 331 -35.29 -16.01 11.99
C ILE A 331 -35.96 -14.90 11.21
N HIS A 332 -35.22 -13.87 10.84
CA HIS A 332 -35.81 -12.79 10.06
C HIS A 332 -35.65 -12.98 8.56
N CYS A 333 -34.65 -13.71 8.12
CA CYS A 333 -34.41 -13.93 6.71
C CYS A 333 -33.50 -15.15 6.61
N GLY A 334 -33.57 -15.80 5.46
CA GLY A 334 -32.85 -17.03 5.23
C GLY A 334 -33.24 -18.14 6.19
N GLY A 335 -32.27 -18.81 6.81
CA GLY A 335 -32.60 -19.79 7.83
C GLY A 335 -32.89 -21.20 7.39
N LYS A 336 -32.58 -21.53 6.14
CA LYS A 336 -32.80 -22.87 5.60
C LYS A 336 -31.60 -23.41 4.86
N VAL A 337 -31.05 -24.54 5.31
CA VAL A 337 -30.09 -25.28 4.51
C VAL A 337 -30.84 -26.16 3.52
N GLU A 338 -30.73 -25.87 2.23
CA GLU A 338 -31.53 -26.58 1.21
C GLU A 338 -30.68 -27.10 0.07
N GLU A 339 -31.17 -28.17 -0.53
CA GLU A 339 -30.58 -28.76 -1.72
C GLU A 339 -31.14 -28.08 -2.97
N LEU A 340 -30.24 -27.64 -3.85
CA LEU A 340 -30.63 -27.05 -5.12
C LEU A 340 -29.62 -27.49 -6.17
N GLY A 341 -30.13 -28.12 -7.23
CA GLY A 341 -29.30 -28.69 -8.30
C GLY A 341 -28.33 -29.74 -7.81
N GLY A 342 -28.64 -30.35 -6.67
CA GLY A 342 -27.79 -31.36 -6.08
C GLY A 342 -26.78 -30.83 -5.08
N GLY A 343 -26.63 -29.52 -4.99
CA GLY A 343 -25.75 -28.87 -4.01
C GLY A 343 -26.47 -28.42 -2.76
N TRP A 344 -25.73 -28.13 -1.70
CA TRP A 344 -26.31 -27.58 -0.47
C TRP A 344 -26.03 -26.07 -0.43
N TRP A 345 -27.03 -25.34 0.05
CA TRP A 345 -27.04 -23.90 0.08
C TRP A 345 -27.69 -23.37 1.35
N CYS A 346 -27.24 -22.19 1.77
CA CYS A 346 -27.89 -21.42 2.83
C CYS A 346 -27.74 -19.94 2.50
N ARG A 347 -28.83 -19.24 2.62
CA ARG A 347 -28.79 -17.80 2.41
C ARG A 347 -28.35 -17.08 3.68
N PRO A 348 -27.85 -15.86 3.51
CA PRO A 348 -27.58 -14.97 4.64
C PRO A 348 -28.75 -14.95 5.61
N THR A 349 -28.47 -15.22 6.88
CA THR A 349 -29.49 -15.47 7.87
C THR A 349 -29.28 -14.56 9.05
N VAL A 350 -30.27 -13.68 9.32
CA VAL A 350 -30.25 -12.83 10.54
C VAL A 350 -31.22 -13.43 11.55
N MSE A 351 -30.74 -13.64 12.77
CA MSE A 351 -31.56 -14.13 13.86
C MSE A 351 -31.43 -13.28 15.09
O MSE A 351 -30.35 -12.76 15.41
CB MSE A 351 -31.12 -15.50 14.33
CG MSE A 351 -30.62 -16.45 13.28
SE MSE A 351 -30.17 -18.21 14.14
CE MSE A 351 -29.65 -17.68 15.87
N THR A 352 -32.51 -13.16 15.83
CA THR A 352 -32.53 -12.42 17.10
C THR A 352 -33.20 -13.33 18.17
N ASN A 353 -33.37 -12.77 19.36
CA ASN A 353 -33.73 -13.54 20.54
C ASN A 353 -32.78 -14.72 20.74
N VAL A 354 -31.48 -14.43 20.67
CA VAL A 354 -30.42 -15.46 20.74
C VAL A 354 -29.63 -15.29 22.02
N ASN A 355 -28.94 -16.33 22.42
CA ASN A 355 -28.13 -16.28 23.64
C ASN A 355 -27.08 -17.37 23.64
N HIS A 356 -26.25 -17.37 24.67
CA HIS A 356 -25.10 -18.25 24.70
C HIS A 356 -25.48 -19.66 25.17
N SER A 357 -26.77 -19.98 25.37
CA SER A 357 -27.14 -21.40 25.53
C SER A 357 -27.16 -22.12 24.17
N MSE A 358 -27.11 -21.37 23.07
CA MSE A 358 -27.26 -21.98 21.73
C MSE A 358 -25.91 -22.25 21.06
O MSE A 358 -24.94 -21.47 21.19
CB MSE A 358 -28.07 -21.02 20.81
CG MSE A 358 -29.41 -20.59 21.34
SE MSE A 358 -30.08 -19.05 20.30
CE MSE A 358 -31.82 -19.01 21.19
N LYS A 359 -25.86 -23.33 20.28
CA LYS A 359 -24.66 -23.69 19.55
C LYS A 359 -24.19 -22.63 18.62
N VAL A 360 -25.15 -21.96 17.98
CA VAL A 360 -24.80 -20.95 17.00
C VAL A 360 -24.01 -19.77 17.61
N MSE A 361 -24.09 -19.60 18.91
CA MSE A 361 -23.33 -18.57 19.64
C MSE A 361 -22.08 -19.07 20.33
O MSE A 361 -21.32 -18.27 20.91
CB MSE A 361 -24.32 -17.84 20.55
CG MSE A 361 -25.14 -16.97 19.59
SE MSE A 361 -25.82 -15.40 20.52
CE MSE A 361 -24.30 -14.27 19.97
N THR A 362 -21.82 -20.38 20.29
CA THR A 362 -20.69 -20.91 21.02
C THR A 362 -19.78 -21.78 20.15
N GLU A 363 -20.31 -22.71 19.35
CA GLU A 363 -19.48 -23.58 18.52
C GLU A 363 -19.32 -22.95 17.14
N GLU A 364 -18.18 -23.18 16.50
CA GLU A 364 -17.90 -22.65 15.18
C GLU A 364 -19.02 -23.10 14.24
N THR A 365 -19.60 -22.15 13.53
CA THR A 365 -20.68 -22.44 12.58
C THR A 365 -20.15 -22.59 11.13
N PHE A 366 -19.24 -21.70 10.72
CA PHE A 366 -18.68 -21.75 9.37
C PHE A 366 -19.82 -21.65 8.33
N GLY A 367 -20.80 -20.80 8.62
CA GLY A 367 -21.94 -20.55 7.73
C GLY A 367 -22.32 -19.09 7.71
N PRO A 368 -23.35 -18.72 6.91
CA PRO A 368 -23.62 -17.29 6.71
C PRO A 368 -24.68 -16.80 7.71
N ILE A 369 -24.41 -17.03 8.98
CA ILE A 369 -25.40 -16.80 10.03
C ILE A 369 -25.02 -15.59 10.88
N MSE A 370 -26.00 -14.74 11.18
CA MSE A 370 -25.76 -13.50 11.88
C MSE A 370 -26.71 -13.49 13.05
O MSE A 370 -27.86 -13.02 12.91
CB MSE A 370 -26.03 -12.34 10.94
CG MSE A 370 -24.92 -12.19 9.91
SE MSE A 370 -25.36 -10.93 8.47
CE MSE A 370 -26.63 -12.03 7.45
N PRO A 371 -26.31 -14.07 14.18
CA PRO A 371 -27.10 -13.94 15.42
C PRO A 371 -26.77 -12.62 16.10
N VAL A 372 -27.78 -11.84 16.42
CA VAL A 372 -27.61 -10.51 16.97
C VAL A 372 -28.21 -10.37 18.36
N MSE A 373 -27.40 -9.97 19.34
CA MSE A 373 -27.84 -9.84 20.74
C MSE A 373 -27.69 -8.42 21.21
O MSE A 373 -26.66 -7.84 20.97
CB MSE A 373 -26.87 -10.62 21.63
CG MSE A 373 -27.47 -11.91 22.11
SE MSE A 373 -26.25 -12.76 23.41
CE MSE A 373 -27.03 -12.33 25.14
N PRO A 374 -28.67 -7.85 21.93
CA PRO A 374 -28.44 -6.54 22.54
C PRO A 374 -27.53 -6.60 23.79
N PHE A 375 -26.85 -5.50 24.14
CA PHE A 375 -26.25 -5.37 25.48
C PHE A 375 -26.66 -4.07 26.21
N PRO A 376 -26.84 -4.14 27.54
CA PRO A 376 -27.15 -2.96 28.32
C PRO A 376 -25.95 -2.04 28.60
N ASP A 377 -24.74 -2.58 28.60
CA ASP A 377 -23.54 -1.77 28.88
C ASP A 377 -22.31 -2.46 28.33
N VAL A 378 -21.23 -1.71 28.25
CA VAL A 378 -19.98 -2.17 27.65
C VAL A 378 -19.40 -3.32 28.44
N GLU A 379 -19.57 -3.30 29.76
CA GLU A 379 -18.98 -4.36 30.57
C GLU A 379 -19.61 -5.68 30.17
N GLU A 380 -20.91 -5.71 29.92
CA GLU A 380 -21.56 -6.91 29.42
C GLU A 380 -21.13 -7.32 27.98
N ALA A 381 -21.00 -6.33 27.10
CA ALA A 381 -20.51 -6.58 25.73
C ALA A 381 -19.15 -7.26 25.74
N VAL A 382 -18.21 -6.75 26.56
CA VAL A 382 -16.89 -7.35 26.71
C VAL A 382 -16.98 -8.78 27.30
N TYR A 383 -17.79 -8.96 28.34
CA TYR A 383 -17.99 -10.29 28.92
C TYR A 383 -18.50 -11.29 27.87
N LEU A 384 -19.53 -10.90 27.12
CA LEU A 384 -20.05 -11.80 26.07
C LEU A 384 -19.05 -12.08 24.95
N ALA A 385 -18.33 -11.06 24.49
CA ALA A 385 -17.37 -11.24 23.41
C ALA A 385 -16.27 -12.19 23.85
N ASN A 386 -15.93 -12.14 25.14
CA ASN A 386 -14.83 -12.96 25.68
C ASN A 386 -15.30 -14.34 26.18
N ASP A 387 -16.60 -14.59 26.15
CA ASP A 387 -17.16 -15.88 26.59
C ASP A 387 -17.10 -16.95 25.47
N THR A 388 -15.90 -17.43 25.19
CA THR A 388 -15.68 -18.32 24.07
C THR A 388 -14.39 -19.05 24.33
N ILE A 389 -14.26 -20.26 23.77
CA ILE A 389 -12.96 -20.98 23.78
C ILE A 389 -12.04 -20.61 22.65
N TYR A 390 -12.50 -19.71 21.78
CA TYR A 390 -11.70 -19.21 20.68
C TYR A 390 -11.06 -17.84 21.00
N GLY A 391 -10.27 -17.33 20.06
CA GLY A 391 -9.60 -16.06 20.31
C GLY A 391 -8.79 -15.62 19.12
N LEU A 392 -9.40 -15.74 17.93
CA LEU A 392 -8.69 -15.44 16.72
C LEU A 392 -8.79 -13.93 16.42
N SER A 393 -10.02 -13.43 16.22
CA SER A 393 -10.20 -12.01 15.93
C SER A 393 -11.49 -11.46 16.51
N ALA A 394 -11.71 -10.17 16.26
CA ALA A 394 -12.92 -9.48 16.67
C ALA A 394 -13.04 -8.14 15.96
N ALA A 395 -14.19 -7.51 16.10
CA ALA A 395 -14.40 -6.16 15.56
C ALA A 395 -15.13 -5.29 16.58
N VAL A 396 -14.79 -4.01 16.64
CA VAL A 396 -15.50 -3.05 17.47
C VAL A 396 -15.77 -1.81 16.66
N PHE A 397 -17.01 -1.32 16.74
CA PHE A 397 -17.46 -0.15 16.04
C PHE A 397 -17.92 0.89 17.04
N ALA A 398 -17.44 2.10 16.84
CA ALA A 398 -17.90 3.22 17.59
C ALA A 398 -17.79 4.52 16.81
N GLY A 399 -18.17 5.59 17.49
CA GLY A 399 -18.18 6.94 16.95
C GLY A 399 -16.80 7.49 16.81
N SER A 400 -15.79 6.87 17.41
CA SER A 400 -14.44 7.34 17.27
C SER A 400 -13.50 6.17 17.46
N GLU A 401 -12.29 6.28 16.93
CA GLU A 401 -11.36 5.20 17.10
C GLU A 401 -10.99 5.03 18.58
N ASP A 402 -10.82 6.10 19.33
CA ASP A 402 -10.43 5.95 20.76
C ASP A 402 -11.47 5.27 21.62
N GLU A 403 -12.75 5.54 21.36
CA GLU A 403 -13.80 4.78 22.05
C GLU A 403 -13.79 3.25 21.75
N ALA A 404 -13.69 2.89 20.47
CA ALA A 404 -13.59 1.52 20.07
C ALA A 404 -12.33 0.86 20.65
N LEU A 405 -11.21 1.56 20.59
CA LEU A 405 -9.95 0.95 21.03
C LEU A 405 -10.02 0.59 22.52
N LYS A 406 -10.65 1.47 23.32
CA LYS A 406 -10.83 1.17 24.77
C LYS A 406 -11.47 -0.20 24.99
N VAL A 407 -12.43 -0.54 24.16
CA VAL A 407 -13.12 -1.79 24.27
C VAL A 407 -12.30 -2.90 23.68
N ALA A 408 -11.72 -2.62 22.51
CA ALA A 408 -10.89 -3.60 21.83
C ALA A 408 -9.71 -4.12 22.67
N ARG A 409 -9.05 -3.23 23.41
CA ARG A 409 -7.97 -3.63 24.28
C ARG A 409 -8.40 -4.62 25.38
N GLN A 410 -9.71 -4.77 25.63
CA GLN A 410 -10.21 -5.74 26.64
C GLN A 410 -10.48 -7.10 26.09
N LEU A 411 -10.32 -7.26 24.78
CA LEU A 411 -10.75 -8.50 24.18
C LEU A 411 -9.60 -9.49 24.04
N ASN A 412 -9.87 -10.75 24.33
CA ASN A 412 -8.90 -11.83 24.21
C ASN A 412 -8.81 -12.38 22.76
N ALA A 413 -8.30 -11.59 21.84
CA ALA A 413 -8.15 -11.98 20.43
C ALA A 413 -6.96 -11.34 19.82
N GLY A 414 -6.39 -12.01 18.82
CA GLY A 414 -5.14 -11.55 18.23
C GLY A 414 -5.26 -10.31 17.36
N ALA A 415 -6.32 -10.22 16.58
CA ALA A 415 -6.48 -9.07 15.65
C ALA A 415 -7.87 -8.44 15.78
N ILE A 416 -7.93 -7.18 16.17
CA ILE A 416 -9.19 -6.55 16.32
C ILE A 416 -9.34 -5.49 15.25
N SER A 417 -10.41 -5.61 14.51
CA SER A 417 -10.77 -4.58 13.50
C SER A 417 -11.54 -3.47 14.20
N ILE A 418 -11.22 -2.22 13.85
CA ILE A 418 -11.74 -1.07 14.50
C ILE A 418 -12.51 -0.21 13.49
N ASN A 419 -13.82 -0.09 13.71
CA ASN A 419 -14.74 0.58 12.77
C ASN A 419 -14.80 -0.08 11.42
N ASP A 420 -14.45 -1.36 11.43
CA ASP A 420 -14.55 -2.25 10.30
C ASP A 420 -14.60 -3.69 10.82
N ALA A 421 -14.79 -4.67 9.93
CA ALA A 421 -14.83 -6.07 10.35
C ALA A 421 -14.05 -6.96 9.42
N ALA A 422 -13.45 -7.99 10.01
CA ALA A 422 -12.71 -9.01 9.29
C ALA A 422 -11.56 -8.51 8.44
N LEU A 423 -10.88 -7.47 8.90
CA LEU A 423 -9.85 -6.87 8.05
C LEU A 423 -8.72 -7.80 7.78
N THR A 424 -8.48 -8.77 8.68
CA THR A 424 -7.38 -9.70 8.42
C THR A 424 -7.65 -10.60 7.25
N ALA A 425 -8.89 -10.68 6.82
CA ALA A 425 -9.17 -11.40 5.58
C ALA A 425 -8.64 -10.63 4.34
N MSE A 426 -8.47 -9.32 4.42
CA MSE A 426 -8.07 -8.53 3.24
C MSE A 426 -6.66 -8.03 3.35
O MSE A 426 -6.12 -7.49 2.41
CB MSE A 426 -9.00 -7.33 3.05
CG MSE A 426 -10.36 -7.86 2.68
SE MSE A 426 -10.33 -8.83 0.94
CE MSE A 426 -9.41 -7.50 -0.18
N MSE A 427 -6.03 -8.19 4.50
CA MSE A 427 -4.75 -7.61 4.73
C MSE A 427 -3.89 -8.50 5.52
O MSE A 427 -4.33 -9.16 6.42
CB MSE A 427 -4.89 -6.46 5.66
CG MSE A 427 -5.87 -5.56 5.00
SE MSE A 427 -6.05 -4.22 6.38
CE MSE A 427 -4.33 -3.31 5.95
N HIS A 428 -2.62 -8.34 5.25
CA HIS A 428 -1.58 -9.22 5.67
C HIS A 428 -0.56 -8.41 6.48
N GLU A 429 -0.93 -7.26 7.05
CA GLU A 429 -0.01 -6.54 7.93
C GLU A 429 -0.56 -6.63 9.32
N GLY A 430 0.33 -6.56 10.30
CA GLY A 430 -0.10 -6.68 11.71
C GLY A 430 0.17 -8.07 12.28
N GLU A 431 1.26 -8.19 13.02
CA GLU A 431 1.59 -9.43 13.70
C GLU A 431 0.59 -9.69 14.79
N LYS A 432 0.17 -10.95 14.90
CA LYS A 432 -0.85 -11.33 15.83
C LYS A 432 -0.62 -12.75 16.29
N ASN A 433 -0.90 -12.98 17.57
CA ASN A 433 -0.90 -14.36 18.13
C ASN A 433 -2.35 -14.73 18.47
N ALA A 434 -2.80 -15.93 18.14
CA ALA A 434 -4.12 -16.35 18.61
C ALA A 434 -4.20 -16.52 20.12
N PHE A 435 -5.40 -16.31 20.66
CA PHE A 435 -5.67 -16.50 22.06
C PHE A 435 -6.48 -17.80 22.22
N ASN A 436 -6.46 -18.36 23.42
CA ASN A 436 -7.22 -19.53 23.76
C ASN A 436 -6.96 -20.67 22.77
N PHE A 437 -7.99 -21.35 22.25
CA PHE A 437 -7.78 -22.54 21.41
C PHE A 437 -7.70 -22.26 19.92
N SER A 438 -7.60 -21.00 19.55
CA SER A 438 -7.58 -20.62 18.14
C SER A 438 -6.22 -20.87 17.48
N GLY A 439 -5.17 -21.06 18.28
CA GLY A 439 -3.89 -21.40 17.72
C GLY A 439 -2.70 -21.37 18.65
N LEU A 440 -1.59 -21.81 18.10
CA LEU A 440 -0.26 -21.78 18.74
C LEU A 440 0.80 -21.64 17.66
N GLY A 441 1.99 -21.18 18.04
CA GLY A 441 3.16 -21.18 17.20
C GLY A 441 3.57 -19.81 16.65
N GLY A 442 3.00 -18.73 17.18
CA GLY A 442 3.42 -17.39 16.78
C GLY A 442 2.54 -16.80 15.65
N SER A 443 3.16 -16.09 14.75
CA SER A 443 2.42 -15.32 13.75
C SER A 443 2.87 -15.77 12.36
N ARG A 444 1.94 -15.81 11.41
CA ARG A 444 2.29 -16.09 9.99
C ARG A 444 2.36 -14.82 9.21
N VAL A 445 2.26 -13.70 9.91
CA VAL A 445 2.24 -12.41 9.26
C VAL A 445 3.56 -11.72 9.52
N GLY A 446 4.04 -11.04 8.50
CA GLY A 446 5.23 -10.21 8.59
C GLY A 446 6.51 -10.98 8.66
N ALA A 447 7.52 -10.34 9.22
CA ALA A 447 8.81 -10.95 9.50
C ALA A 447 8.64 -12.31 10.11
N ALA A 448 8.08 -12.37 11.31
CA ALA A 448 8.00 -13.63 12.09
C ALA A 448 7.36 -14.79 11.32
N GLY A 449 6.52 -14.45 10.34
CA GLY A 449 5.91 -15.38 9.46
C GLY A 449 6.89 -16.10 8.51
N LEU A 450 8.07 -15.51 8.29
CA LEU A 450 9.09 -16.19 7.55
C LEU A 450 10.11 -16.77 8.51
N LYS A 451 10.42 -16.03 9.57
CA LYS A 451 11.46 -16.48 10.48
C LYS A 451 11.12 -17.72 11.28
N ARG A 452 9.86 -18.01 11.45
CA ARG A 452 9.54 -19.27 12.05
C ARG A 452 10.14 -20.51 11.35
N PHE A 453 10.47 -20.38 10.06
CA PHE A 453 10.98 -21.52 9.27
C PHE A 453 12.51 -21.66 9.28
N LEU A 454 13.17 -20.83 10.09
CA LEU A 454 14.63 -20.72 10.16
C LEU A 454 15.10 -20.93 11.56
N ARG A 455 16.21 -21.64 11.73
CA ARG A 455 16.84 -21.71 13.02
C ARG A 455 17.97 -20.69 12.99
N LYS A 456 18.05 -19.90 14.03
CA LYS A 456 19.13 -18.95 14.22
C LYS A 456 20.34 -19.66 14.77
N GLN A 457 21.49 -19.32 14.22
CA GLN A 457 22.79 -19.84 14.65
C GLN A 457 23.66 -18.69 15.02
N ALA A 458 24.29 -18.73 16.18
CA ALA A 458 25.27 -17.72 16.58
C ALA A 458 26.69 -18.29 16.48
N PHE A 459 27.61 -17.48 15.97
CA PHE A 459 29.03 -17.82 15.94
C PHE A 459 29.70 -16.77 16.80
N LEU A 460 30.29 -17.23 17.89
CA LEU A 460 31.05 -16.39 18.77
C LEU A 460 32.53 -16.65 18.55
N ILE A 461 33.23 -15.59 18.16
CA ILE A 461 34.57 -15.71 17.59
C ILE A 461 35.61 -15.04 18.45
N LYS A 462 36.58 -15.83 18.88
CA LYS A 462 37.69 -15.31 19.63
C LYS A 462 38.71 -14.72 18.64
N THR A 463 38.87 -13.40 18.66
CA THR A 463 39.76 -12.72 17.73
C THR A 463 41.20 -12.46 18.28
N ASN A 464 41.54 -12.81 19.52
CA ASN A 464 42.89 -12.50 20.01
C ASN A 464 43.63 -13.78 20.32
N SER A 465 44.83 -13.67 20.92
CA SER A 465 45.70 -14.83 21.09
C SER A 465 46.14 -15.15 22.50
N THR A 466 45.68 -14.39 23.47
CA THR A 466 46.00 -14.73 24.84
C THR A 466 44.82 -15.49 25.46
N SER A 467 45.10 -16.13 26.59
CA SER A 467 44.12 -16.88 27.36
C SER A 467 42.88 -16.06 27.66
N ASP A 468 41.72 -16.72 27.61
CA ASP A 468 40.51 -16.15 28.16
C ASP A 468 40.71 -16.09 29.66
N PRO A 469 40.29 -14.97 30.29
CA PRO A 469 40.55 -14.84 31.72
C PRO A 469 39.86 -15.88 32.59
N TRP A 470 38.78 -16.50 32.11
CA TRP A 470 38.03 -17.48 32.87
C TRP A 470 38.57 -18.91 32.79
N TRP A 471 39.51 -19.16 31.88
CA TRP A 471 40.16 -20.47 31.83
C TRP A 471 40.95 -20.82 33.11
N PHE A 472 41.43 -22.05 33.21
CA PHE A 472 42.19 -22.48 34.37
C PHE A 472 43.68 -22.12 34.24
N ASP A 473 44.08 -21.52 33.11
CA ASP A 473 45.40 -20.90 32.98
C ASP A 473 45.52 -19.78 34.03
N THR B 5 -12.37 56.24 1.08
CA THR B 5 -12.99 54.92 0.70
C THR B 5 -13.68 54.99 -0.68
N LYS B 6 -13.10 54.35 -1.70
CA LYS B 6 -13.75 54.23 -3.01
C LYS B 6 -15.00 53.30 -2.95
N THR B 7 -16.03 53.70 -3.67
CA THR B 7 -17.30 52.97 -3.68
C THR B 7 -17.82 52.87 -5.09
N ILE B 8 -18.71 51.90 -5.34
CA ILE B 8 -19.46 51.83 -6.59
C ILE B 8 -20.99 51.85 -6.33
N GLU B 9 -21.68 52.67 -7.11
CA GLU B 9 -23.12 52.80 -7.00
C GLU B 9 -23.76 51.68 -7.83
N VAL B 10 -24.76 51.03 -7.28
CA VAL B 10 -25.36 49.89 -7.96
C VAL B 10 -26.81 50.20 -8.34
N ARG B 11 -27.08 50.05 -9.63
CA ARG B 11 -28.39 50.28 -10.18
C ARG B 11 -29.41 49.18 -9.85
N ASN B 12 -30.67 49.58 -9.69
CA ASN B 12 -31.77 48.67 -9.48
C ASN B 12 -32.46 48.43 -10.83
N PRO B 13 -32.46 47.19 -11.30
CA PRO B 13 -32.92 46.93 -12.68
C PRO B 13 -34.43 47.15 -12.90
N ARG B 14 -35.22 47.19 -11.81
CA ARG B 14 -36.68 47.49 -11.92
C ARG B 14 -36.96 49.00 -11.93
N THR B 15 -36.39 49.71 -10.99
CA THR B 15 -36.73 51.15 -10.82
C THR B 15 -35.74 52.03 -11.56
N GLY B 16 -34.59 51.49 -11.88
CA GLY B 16 -33.54 52.22 -12.56
C GLY B 16 -32.72 53.18 -11.72
N LYS B 17 -32.95 53.24 -10.41
CA LYS B 17 -32.19 54.17 -9.60
C LYS B 17 -31.05 53.49 -8.86
N PHE B 18 -30.02 54.27 -8.53
CA PHE B 18 -28.94 53.78 -7.67
C PHE B 18 -29.44 53.60 -6.23
N ASP B 19 -29.55 52.35 -5.78
CA ASP B 19 -30.07 52.04 -4.44
C ASP B 19 -29.15 51.14 -3.55
N TYR B 20 -27.94 50.87 -3.97
CA TYR B 20 -27.09 49.99 -3.21
C TYR B 20 -25.64 50.43 -3.44
N VAL B 21 -24.76 50.10 -2.53
CA VAL B 21 -23.37 50.57 -2.63
C VAL B 21 -22.41 49.43 -2.32
N ILE B 22 -21.42 49.23 -3.18
CA ILE B 22 -20.39 48.24 -2.90
C ILE B 22 -19.05 48.93 -2.70
N ILE B 23 -18.12 48.25 -2.03
CA ILE B 23 -16.82 48.83 -1.66
C ILE B 23 -15.73 47.93 -2.22
N PRO B 24 -15.17 48.31 -3.38
CA PRO B 24 -14.12 47.46 -3.95
C PRO B 24 -12.85 47.59 -3.14
N PRO B 25 -12.15 46.49 -2.92
CA PRO B 25 -10.94 46.60 -2.14
C PRO B 25 -9.79 47.15 -2.97
N PRO B 26 -9.04 48.13 -2.41
CA PRO B 26 -7.78 48.49 -3.04
C PRO B 26 -6.86 47.26 -3.15
N PRO B 27 -5.94 47.23 -4.12
CA PRO B 27 -5.08 46.06 -4.29
C PRO B 27 -4.41 45.55 -3.01
N ARG B 28 -3.92 46.44 -2.15
CA ARG B 28 -3.28 46.02 -0.90
C ARG B 28 -4.22 45.22 0.03
N LEU B 29 -5.44 45.70 0.16
CA LEU B 29 -6.46 45.00 0.90
C LEU B 29 -6.81 43.64 0.26
N LEU B 30 -6.95 43.59 -1.06
CA LEU B 30 -7.29 42.33 -1.73
C LEU B 30 -6.18 41.33 -1.57
N ALA B 31 -4.94 41.78 -1.74
CA ALA B 31 -3.80 40.88 -1.53
C ALA B 31 -3.82 40.34 -0.10
N GLN B 32 -4.08 41.20 0.88
CA GLN B 32 -4.19 40.70 2.24
C GLN B 32 -5.35 39.70 2.47
N GLN B 33 -6.52 39.94 1.87
CA GLN B 33 -7.61 38.98 2.00
C GLN B 33 -7.29 37.65 1.36
N CYS B 34 -6.65 37.69 0.19
CA CYS B 34 -6.14 36.45 -0.42
C CYS B 34 -5.14 35.73 0.45
N ASN B 35 -4.17 36.46 1.03
CA ASN B 35 -3.23 35.78 1.90
C ASN B 35 -3.81 35.18 3.15
N ARG B 36 -4.79 35.85 3.76
CA ARG B 36 -5.51 35.24 4.89
C ARG B 36 -6.23 33.97 4.49
N ALA B 37 -6.82 33.98 3.31
CA ALA B 37 -7.51 32.78 2.84
C ALA B 37 -6.50 31.64 2.63
N ARG B 38 -5.30 31.97 2.14
CA ARG B 38 -4.23 30.96 1.97
C ARG B 38 -3.77 30.43 3.32
N ARG B 39 -3.66 31.29 4.32
CA ARG B 39 -3.21 30.78 5.65
C ARG B 39 -4.28 29.83 6.17
N ALA B 40 -5.55 30.17 5.94
CA ALA B 40 -6.61 29.37 6.45
C ALA B 40 -6.85 28.06 5.63
N GLN B 41 -6.48 28.07 4.36
CA GLN B 41 -6.67 26.89 3.50
C GLN B 41 -5.99 25.59 4.05
N SER B 42 -4.85 25.73 4.70
CA SER B 42 -4.18 24.57 5.30
C SER B 42 -5.06 23.80 6.23
N ARG B 43 -5.68 24.51 7.16
CA ARG B 43 -6.55 23.85 8.11
C ARG B 43 -7.79 23.23 7.41
N TRP B 44 -8.34 23.97 6.46
CA TRP B 44 -9.49 23.50 5.70
C TRP B 44 -9.17 22.21 4.94
N GLN B 45 -8.00 22.13 4.32
CA GLN B 45 -7.57 20.91 3.67
C GLN B 45 -7.39 19.80 4.68
N GLU B 46 -6.65 20.08 5.74
CA GLU B 46 -6.44 19.17 6.86
C GLU B 46 -7.74 18.70 7.56
N LEU B 47 -8.81 19.50 7.61
CA LEU B 47 -10.11 18.97 8.15
C LEU B 47 -10.55 17.66 7.48
N GLY B 48 -10.19 17.44 6.21
CA GLY B 48 -10.63 16.26 5.46
C GLY B 48 -12.00 16.47 4.82
N VAL B 49 -12.27 15.70 3.78
CA VAL B 49 -13.58 15.82 3.11
C VAL B 49 -14.78 15.72 4.05
N GLU B 50 -14.72 14.85 5.07
CA GLU B 50 -15.92 14.66 5.87
C GLU B 50 -16.20 15.88 6.73
N GLY B 51 -15.15 16.51 7.23
CA GLY B 51 -15.25 17.75 8.01
C GLY B 51 -15.76 18.91 7.15
N ARG B 52 -15.30 18.98 5.91
CA ARG B 52 -15.74 20.02 5.00
C ARG B 52 -17.20 19.83 4.67
N ILE B 53 -17.63 18.59 4.50
CA ILE B 53 -19.08 18.34 4.25
C ILE B 53 -19.93 18.74 5.44
N THR B 54 -19.53 18.36 6.63
CA THR B 54 -20.27 18.76 7.83
C THR B 54 -20.34 20.29 7.84
N THR B 55 -19.25 20.94 7.49
CA THR B 55 -19.24 22.41 7.53
C THR B 55 -20.18 23.01 6.47
N LEU B 56 -20.05 22.52 5.26
CA LEU B 56 -20.96 23.01 4.21
C LEU B 56 -22.43 22.78 4.53
N GLN B 57 -22.77 21.65 5.16
CA GLN B 57 -24.14 21.32 5.50
C GLN B 57 -24.62 22.28 6.62
N GLN B 58 -23.75 22.62 7.55
CA GLN B 58 -24.12 23.71 8.53
C GLN B 58 -24.41 25.05 7.80
N TRP B 59 -23.54 25.44 6.86
CA TRP B 59 -23.77 26.68 6.09
C TRP B 59 -25.12 26.58 5.32
N LYS B 60 -25.35 25.46 4.64
CA LYS B 60 -26.69 25.19 4.05
C LYS B 60 -27.86 25.36 5.03
N GLN B 61 -27.81 24.74 6.20
CA GLN B 61 -28.87 24.96 7.20
C GLN B 61 -29.04 26.45 7.53
N ALA B 62 -27.96 27.18 7.70
CA ALA B 62 -28.03 28.60 8.00
C ALA B 62 -28.65 29.41 6.82
N ILE B 63 -28.25 29.11 5.59
CA ILE B 63 -28.84 29.78 4.43
C ILE B 63 -30.35 29.51 4.38
N LEU B 64 -30.75 28.26 4.60
CA LEU B 64 -32.17 27.87 4.64
C LEU B 64 -32.93 28.67 5.70
N SER B 65 -32.33 28.82 6.89
CA SER B 65 -32.98 29.60 7.94
C SER B 65 -33.24 31.04 7.53
N ARG B 66 -32.34 31.61 6.73
CA ARG B 66 -32.42 33.00 6.22
C ARG B 66 -32.92 33.07 4.78
N ARG B 67 -33.73 32.11 4.35
CA ARG B 67 -34.04 32.04 2.92
C ARG B 67 -34.76 33.28 2.45
N GLU B 68 -35.62 33.83 3.28
CA GLU B 68 -36.40 35.00 2.89
C GLU B 68 -35.52 36.21 2.57
N GLN B 69 -34.45 36.40 3.35
CA GLN B 69 -33.49 37.49 3.10
C GLN B 69 -32.74 37.27 1.80
N LEU B 70 -32.31 36.04 1.55
CA LEU B 70 -31.66 35.71 0.28
C LEU B 70 -32.57 35.99 -0.91
N THR B 71 -33.83 35.58 -0.75
CA THR B 71 -34.83 35.70 -1.77
C THR B 71 -35.03 37.20 -2.08
N GLU B 72 -35.16 38.02 -1.05
CA GLU B 72 -35.39 39.44 -1.23
C GLU B 72 -34.19 40.11 -1.92
N ALA B 73 -32.95 39.76 -1.53
CA ALA B 73 -31.78 40.42 -2.11
C ALA B 73 -31.68 40.04 -3.59
N LEU B 74 -31.95 38.78 -3.90
CA LEU B 74 -31.84 38.30 -5.28
C LEU B 74 -32.99 38.83 -6.19
N VAL B 75 -34.18 39.05 -5.63
CA VAL B 75 -35.24 39.76 -6.39
C VAL B 75 -34.80 41.20 -6.70
N ASN B 76 -34.17 41.89 -5.75
CA ASN B 76 -33.64 43.23 -6.00
C ASN B 76 -32.54 43.22 -7.08
N ASP B 77 -31.65 42.22 -7.02
CA ASP B 77 -30.54 42.07 -8.00
C ASP B 77 -31.10 41.82 -9.43
N THR B 78 -32.16 41.01 -9.53
CA THR B 78 -32.60 40.51 -10.85
C THR B 78 -33.93 41.01 -11.40
N GLY B 79 -34.76 41.59 -10.53
CA GLY B 79 -36.04 42.08 -10.91
C GLY B 79 -37.13 41.05 -11.13
N ARG B 80 -36.90 39.79 -10.70
CA ARG B 80 -37.91 38.72 -10.86
C ARG B 80 -37.89 37.73 -9.70
N LEU B 81 -38.97 36.97 -9.58
CA LEU B 81 -39.17 36.17 -8.38
C LEU B 81 -39.13 34.69 -8.67
N SER B 82 -39.89 34.22 -9.65
CA SER B 82 -39.99 32.78 -9.82
C SER B 82 -38.64 32.15 -10.15
N ILE B 83 -37.88 32.80 -11.04
CA ILE B 83 -36.53 32.29 -11.33
C ILE B 83 -35.61 32.42 -10.11
N THR B 84 -35.85 33.45 -9.29
CA THR B 84 -35.09 33.60 -8.04
C THR B 84 -35.30 32.38 -7.11
N VAL B 85 -36.53 31.90 -7.02
CA VAL B 85 -36.84 30.75 -6.18
C VAL B 85 -36.11 29.52 -6.73
N LEU B 86 -36.11 29.39 -8.04
CA LEU B 86 -35.42 28.28 -8.70
C LEU B 86 -33.91 28.35 -8.53
N GLU B 87 -33.31 29.54 -8.61
CA GLU B 87 -31.86 29.67 -8.35
C GLU B 87 -31.53 29.16 -6.95
N ILE B 88 -32.30 29.60 -5.96
CA ILE B 88 -32.03 29.17 -4.57
C ILE B 88 -32.18 27.63 -4.41
N ASP B 89 -33.26 27.04 -4.97
CA ASP B 89 -33.48 25.59 -4.84
C ASP B 89 -32.32 24.88 -5.51
N SER B 90 -31.85 25.39 -6.64
CA SER B 90 -30.78 24.76 -7.39
C SER B 90 -29.45 24.81 -6.62
N PHE B 91 -29.17 25.97 -6.05
CA PHE B 91 -27.94 26.18 -5.29
C PHE B 91 -27.95 25.19 -4.11
N LEU B 92 -29.06 25.13 -3.40
CA LEU B 92 -29.18 24.23 -2.28
C LEU B 92 -29.06 22.78 -2.69
N ALA B 93 -29.77 22.40 -3.75
CA ALA B 93 -29.60 21.06 -4.27
C ALA B 93 -28.13 20.76 -4.60
N SER B 94 -27.40 21.70 -5.20
CA SER B 94 -26.02 21.39 -5.58
C SER B 94 -25.17 21.11 -4.34
N ILE B 95 -25.44 21.77 -3.24
CA ILE B 95 -24.67 21.49 -2.03
C ILE B 95 -24.81 20.03 -1.63
N ASP B 96 -26.06 19.57 -1.54
CA ASP B 96 -26.32 18.16 -1.24
C ASP B 96 -25.70 17.18 -2.21
N ARG B 97 -25.79 17.50 -3.49
CA ARG B 97 -25.27 16.63 -4.53
C ARG B 97 -23.75 16.45 -4.45
N TRP B 98 -23.04 17.57 -4.39
CA TRP B 98 -21.61 17.51 -4.28
C TRP B 98 -21.14 16.84 -2.99
N CYS B 99 -21.81 17.15 -1.87
CA CYS B 99 -21.51 16.51 -0.60
C CYS B 99 -21.67 14.98 -0.71
N GLY B 100 -22.65 14.53 -1.50
CA GLY B 100 -22.86 13.12 -1.80
C GLY B 100 -21.70 12.47 -2.55
N LEU B 101 -21.18 13.14 -3.56
CA LEU B 101 -20.11 12.60 -4.40
C LEU B 101 -18.70 12.74 -3.85
N ALA B 102 -18.45 13.74 -3.03
CA ALA B 102 -17.09 14.13 -2.71
C ALA B 102 -16.30 13.01 -1.98
N PRO B 103 -16.95 12.32 -1.03
CA PRO B 103 -16.08 11.38 -0.26
C PRO B 103 -15.38 10.35 -1.11
N GLU B 104 -16.10 9.69 -2.01
CA GLU B 104 -15.43 8.70 -2.84
C GLU B 104 -14.48 9.31 -3.87
N LEU B 105 -14.74 10.55 -4.28
CA LEU B 105 -13.86 11.19 -5.27
C LEU B 105 -12.56 11.62 -4.65
N LEU B 106 -12.58 12.00 -3.39
CA LEU B 106 -11.37 12.51 -2.76
C LEU B 106 -10.49 11.44 -2.07
N GLN B 107 -10.89 10.20 -2.09
CA GLN B 107 -10.17 9.14 -1.35
C GLN B 107 -8.80 8.79 -1.96
N THR B 108 -7.68 8.88 -1.22
CA THR B 108 -6.43 8.31 -1.68
C THR B 108 -6.59 6.80 -1.98
N SER B 109 -6.03 6.31 -3.07
CA SER B 109 -6.10 4.89 -3.41
C SER B 109 -4.71 4.29 -3.57
N ALA B 110 -4.64 2.96 -3.59
CA ALA B 110 -3.41 2.21 -3.65
C ALA B 110 -3.61 0.99 -4.52
N LYS B 111 -2.58 0.61 -5.28
CA LYS B 111 -2.63 -0.64 -6.02
C LYS B 111 -1.25 -1.18 -6.33
N ASN B 112 -1.19 -2.45 -6.74
CA ASN B 112 0.07 -3.04 -7.14
C ASN B 112 0.37 -2.58 -8.56
N THR B 113 1.56 -2.83 -9.09
CA THR B 113 1.94 -2.33 -10.44
C THR B 113 2.42 -3.53 -11.27
N SER B 114 2.93 -3.30 -12.47
CA SER B 114 3.56 -4.37 -13.25
C SER B 114 4.96 -4.77 -12.73
N ILE B 115 5.46 -4.09 -11.70
CA ILE B 115 6.71 -4.51 -11.09
C ILE B 115 6.47 -5.04 -9.66
N PRO B 116 6.93 -6.24 -9.37
CA PRO B 116 6.54 -6.86 -8.10
C PRO B 116 6.92 -6.07 -6.85
N PHE B 117 8.02 -5.34 -6.87
CA PHE B 117 8.45 -4.58 -5.67
C PHE B 117 8.15 -3.04 -5.77
N ILE B 118 7.29 -2.62 -6.69
CA ILE B 118 6.85 -1.25 -6.70
C ILE B 118 5.34 -1.16 -6.48
N ALA B 119 4.94 -0.42 -5.44
CA ALA B 119 3.54 -0.11 -5.21
C ALA B 119 3.18 1.32 -5.65
N LEU B 120 1.90 1.54 -5.91
CA LEU B 120 1.42 2.85 -6.33
C LEU B 120 0.37 3.35 -5.35
N GLN B 121 0.52 4.59 -4.89
CA GLN B 121 -0.58 5.30 -4.28
C GLN B 121 -0.90 6.55 -5.05
N GLN B 122 -2.16 6.89 -5.14
CA GLN B 122 -2.64 8.11 -5.82
C GLN B 122 -3.41 9.01 -4.87
N SER B 123 -2.99 10.26 -4.76
CA SER B 123 -3.59 11.28 -3.90
C SER B 123 -4.08 12.42 -4.74
N LEU B 124 -4.88 13.30 -4.15
CA LEU B 124 -5.38 14.50 -4.81
C LEU B 124 -5.07 15.68 -3.91
N VAL B 125 -4.46 16.74 -4.45
CA VAL B 125 -4.05 17.89 -3.65
C VAL B 125 -4.75 19.13 -4.24
N PRO B 126 -5.54 19.84 -3.46
CA PRO B 126 -6.25 20.98 -4.02
C PRO B 126 -5.36 22.18 -4.39
N TYR B 127 -5.75 22.93 -5.42
CA TYR B 127 -5.17 24.26 -5.63
C TYR B 127 -5.46 25.09 -4.38
N PRO B 128 -4.47 25.78 -3.81
CA PRO B 128 -4.82 26.44 -2.53
C PRO B 128 -5.87 27.54 -2.63
N LEU B 129 -5.83 28.36 -3.70
CA LEU B 129 -6.69 29.54 -3.81
C LEU B 129 -7.26 29.67 -5.24
N VAL B 130 -8.58 29.49 -5.35
CA VAL B 130 -9.28 29.55 -6.63
C VAL B 130 -10.01 30.89 -6.67
N GLY B 131 -9.93 31.56 -7.80
CA GLY B 131 -10.69 32.81 -7.98
C GLY B 131 -11.88 32.58 -8.89
N VAL B 132 -13.05 33.09 -8.49
CA VAL B 132 -14.29 32.93 -9.32
C VAL B 132 -14.77 34.32 -9.67
N ILE B 133 -14.95 34.57 -10.97
CA ILE B 133 -15.50 35.86 -11.42
C ILE B 133 -16.79 35.48 -12.13
N SER B 134 -17.92 35.94 -11.61
CA SER B 134 -19.24 35.46 -12.06
C SER B 134 -20.14 36.53 -12.59
N PRO B 135 -21.16 36.13 -13.39
CA PRO B 135 -21.95 37.11 -14.11
C PRO B 135 -23.26 37.54 -13.42
N TRP B 136 -23.91 38.54 -13.96
CA TRP B 136 -25.07 39.13 -13.31
C TRP B 136 -26.41 38.44 -13.62
N ASN B 137 -26.48 37.54 -14.60
CA ASN B 137 -27.76 37.06 -15.10
C ASN B 137 -28.42 35.99 -14.20
N PHE B 138 -27.61 35.10 -13.62
CA PHE B 138 -28.04 34.20 -12.55
C PHE B 138 -27.01 34.39 -11.43
N PRO B 139 -27.15 35.46 -10.67
CA PRO B 139 -26.09 35.89 -9.77
C PRO B 139 -25.69 34.79 -8.81
N LEU B 140 -26.68 34.15 -8.21
CA LEU B 140 -26.42 33.19 -7.15
C LEU B 140 -25.87 31.91 -7.73
N THR B 141 -26.63 31.26 -8.61
CA THR B 141 -26.17 29.96 -9.08
C THR B 141 -24.85 30.02 -9.78
N LEU B 142 -24.62 31.04 -10.60
CA LEU B 142 -23.35 31.09 -11.31
C LEU B 142 -22.18 31.59 -10.47
N SER B 143 -22.42 32.21 -9.33
CA SER B 143 -21.29 32.52 -8.43
C SER B 143 -20.93 31.26 -7.63
N MSE B 144 -21.86 30.30 -7.53
CA MSE B 144 -21.68 29.10 -6.65
C MSE B 144 -21.39 27.82 -7.37
O MSE B 144 -20.91 26.84 -6.76
CB MSE B 144 -22.91 28.87 -5.75
CG MSE B 144 -23.10 30.01 -4.74
SE MSE B 144 -21.60 30.12 -3.42
CE MSE B 144 -20.72 31.71 -3.99
N ILE B 145 -21.58 27.81 -8.68
CA ILE B 145 -21.55 26.57 -9.46
C ILE B 145 -20.17 25.88 -9.43
N ASP B 146 -19.11 26.67 -9.51
CA ASP B 146 -17.72 26.18 -9.34
C ASP B 146 -17.25 26.28 -7.85
N THR B 147 -17.76 27.25 -7.09
CA THR B 147 -17.25 27.49 -5.72
C THR B 147 -17.49 26.28 -4.81
N ILE B 148 -18.67 25.68 -4.92
CA ILE B 148 -19.04 24.57 -4.05
C ILE B 148 -18.10 23.37 -4.25
N PRO B 149 -17.94 22.88 -5.49
CA PRO B 149 -17.01 21.76 -5.57
C PRO B 149 -15.56 22.09 -5.23
N ALA B 150 -15.10 23.28 -5.56
CA ALA B 150 -13.74 23.70 -5.16
C ALA B 150 -13.54 23.70 -3.67
N LEU B 151 -14.53 24.22 -2.94
CA LEU B 151 -14.48 24.19 -1.49
C LEU B 151 -14.39 22.76 -0.94
N LEU B 152 -15.19 21.86 -1.49
CA LEU B 152 -15.17 20.45 -1.03
C LEU B 152 -13.88 19.74 -1.37
N ALA B 153 -13.24 20.15 -2.44
CA ALA B 153 -11.98 19.61 -2.83
C ALA B 153 -10.89 20.03 -1.86
N GLY B 154 -11.19 21.02 -1.01
CA GLY B 154 -10.16 21.59 -0.07
C GLY B 154 -9.55 22.93 -0.45
N CYS B 155 -10.01 23.55 -1.51
CA CYS B 155 -9.56 24.87 -1.91
C CYS B 155 -10.19 25.99 -1.04
N ALA B 156 -9.50 27.11 -0.92
CA ALA B 156 -10.13 28.34 -0.52
C ALA B 156 -10.56 29.00 -1.82
N VAL B 157 -11.64 29.75 -1.76
CA VAL B 157 -12.22 30.38 -2.94
C VAL B 157 -12.51 31.82 -2.65
N VAL B 158 -12.03 32.69 -3.52
CA VAL B 158 -12.39 34.10 -3.49
C VAL B 158 -13.37 34.33 -4.62
N VAL B 159 -14.57 34.79 -4.27
CA VAL B 159 -15.68 35.03 -5.22
C VAL B 159 -15.94 36.51 -5.47
N LYS B 160 -15.82 36.90 -6.74
CA LYS B 160 -16.11 38.29 -7.15
C LYS B 160 -17.28 38.33 -8.14
N PRO B 161 -18.49 38.52 -7.62
CA PRO B 161 -19.66 38.57 -8.50
C PRO B 161 -19.68 39.92 -9.24
N SER B 162 -20.57 40.03 -10.19
CA SER B 162 -20.65 41.24 -11.01
C SER B 162 -21.11 42.43 -10.17
N GLU B 163 -20.47 43.56 -10.38
CA GLU B 163 -20.91 44.83 -9.85
C GLU B 163 -22.38 45.15 -10.21
N ILE B 164 -22.90 44.50 -11.25
CA ILE B 164 -24.28 44.73 -11.72
C ILE B 164 -25.32 44.04 -10.81
N ALA B 165 -24.94 42.96 -10.12
CA ALA B 165 -25.90 42.26 -9.28
C ALA B 165 -25.19 41.63 -8.12
N PRO B 166 -24.81 42.46 -7.13
CA PRO B 166 -23.99 42.09 -5.98
C PRO B 166 -24.70 41.90 -4.63
N ARG B 167 -26.02 42.11 -4.60
CA ARG B 167 -26.75 42.20 -3.32
C ARG B 167 -26.91 40.87 -2.58
N PHE B 168 -27.00 39.79 -3.35
CA PHE B 168 -27.22 38.43 -2.84
C PHE B 168 -26.10 37.94 -1.90
N VAL B 169 -24.95 38.57 -1.99
CA VAL B 169 -23.80 38.27 -1.13
C VAL B 169 -24.11 38.55 0.36
N ALA B 170 -24.88 39.59 0.66
CA ALA B 170 -25.07 40.00 2.07
C ALA B 170 -25.65 38.82 2.88
N PRO B 171 -26.77 38.25 2.42
CA PRO B 171 -27.29 37.15 3.22
C PRO B 171 -26.38 35.92 3.28
N LEU B 172 -25.61 35.63 2.21
CA LEU B 172 -24.66 34.54 2.30
C LEU B 172 -23.58 34.83 3.35
N LEU B 173 -23.13 36.07 3.41
CA LEU B 173 -22.16 36.47 4.42
C LEU B 173 -22.73 36.37 5.82
N MSE B 174 -24.00 36.72 6.02
CA MSE B 174 -24.62 36.59 7.35
C MSE B 174 -24.68 35.13 7.77
O MSE B 174 -24.47 34.77 8.94
CB MSE B 174 -26.08 37.07 7.40
CG MSE B 174 -26.20 38.58 7.36
SE MSE B 174 -25.32 39.24 9.00
CE MSE B 174 -26.29 38.44 10.50
N ALA B 175 -25.01 34.28 6.78
CA ALA B 175 -25.08 32.85 7.04
C ALA B 175 -23.70 32.28 7.39
N LEU B 176 -22.64 32.82 6.78
CA LEU B 176 -21.27 32.43 7.12
C LEU B 176 -20.85 32.70 8.58
N ASN B 177 -21.53 33.64 9.24
CA ASN B 177 -21.21 34.02 10.61
C ASN B 177 -21.51 32.85 11.60
N THR B 178 -22.31 31.88 11.17
CA THR B 178 -22.63 30.61 11.88
C THR B 178 -21.60 29.54 11.63
N VAL B 179 -20.69 29.74 10.68
CA VAL B 179 -19.80 28.68 10.29
C VAL B 179 -18.32 29.15 10.16
N PRO B 180 -17.66 29.30 11.29
CA PRO B 180 -16.30 29.85 11.35
C PRO B 180 -15.24 29.11 10.52
N GLU B 181 -15.32 27.77 10.43
CA GLU B 181 -14.35 27.02 9.59
C GLU B 181 -14.44 27.44 8.13
N LEU B 182 -15.66 27.72 7.66
CA LEU B 182 -15.87 28.10 6.25
C LEU B 182 -15.62 29.55 5.97
N ARG B 183 -15.97 30.38 6.92
CA ARG B 183 -15.88 31.80 6.76
C ARG B 183 -14.45 32.30 6.54
N ASP B 184 -13.43 31.57 6.99
CA ASP B 184 -12.02 31.94 6.64
C ASP B 184 -11.55 31.49 5.22
N VAL B 185 -12.26 30.58 4.56
CA VAL B 185 -11.82 30.13 3.27
C VAL B 185 -12.71 30.46 2.08
N LEU B 186 -13.96 30.85 2.33
CA LEU B 186 -14.86 31.35 1.31
C LEU B 186 -14.96 32.83 1.48
N ILE B 187 -14.33 33.54 0.55
CA ILE B 187 -14.17 34.98 0.66
C ILE B 187 -14.99 35.68 -0.40
N PHE B 188 -15.87 36.59 -0.03
CA PHE B 188 -16.62 37.37 -1.03
C PHE B 188 -16.03 38.76 -1.15
N VAL B 189 -15.69 39.13 -2.37
CA VAL B 189 -15.20 40.47 -2.64
C VAL B 189 -16.10 41.16 -3.67
N GLU B 190 -16.28 42.45 -3.46
CA GLU B 190 -17.15 43.26 -4.32
C GLU B 190 -16.24 44.03 -5.27
N GLY B 191 -16.74 44.30 -6.47
CA GLY B 191 -16.06 45.23 -7.36
C GLY B 191 -16.43 44.94 -8.80
N GLY B 192 -15.96 45.82 -9.70
CA GLY B 192 -16.15 45.69 -11.14
C GLY B 192 -15.01 44.97 -11.80
N GLY B 193 -14.84 45.25 -13.10
CA GLY B 193 -13.83 44.59 -13.92
C GLY B 193 -12.42 44.74 -13.38
N GLU B 194 -12.09 45.93 -12.89
CA GLU B 194 -10.73 46.17 -12.41
C GLU B 194 -10.43 45.28 -11.20
N THR B 195 -11.41 45.11 -10.31
CA THR B 195 -11.19 44.23 -9.14
C THR B 195 -10.99 42.81 -9.62
N GLY B 196 -11.74 42.39 -10.64
CA GLY B 196 -11.55 41.08 -11.23
C GLY B 196 -10.16 40.86 -11.79
N ALA B 197 -9.67 41.84 -12.57
CA ALA B 197 -8.34 41.75 -13.13
C ALA B 197 -7.31 41.65 -12.02
N ASN B 198 -7.44 42.44 -10.96
CA ASN B 198 -6.46 42.36 -9.84
C ASN B 198 -6.49 40.99 -9.13
N LEU B 199 -7.69 40.44 -8.95
CA LEU B 199 -7.86 39.12 -8.35
C LEU B 199 -7.07 38.06 -9.04
N ILE B 200 -7.04 38.12 -10.37
CA ILE B 200 -6.38 37.09 -11.16
C ILE B 200 -4.87 37.01 -10.82
N ASN B 201 -4.28 38.14 -10.44
CA ASN B 201 -2.90 38.16 -10.03
C ASN B 201 -2.60 37.46 -8.74
N TYR B 202 -3.62 37.10 -7.96
CA TYR B 202 -3.35 36.55 -6.64
C TYR B 202 -3.72 35.11 -6.49
N VAL B 203 -4.42 34.52 -7.47
CA VAL B 203 -4.93 33.15 -7.31
C VAL B 203 -4.13 32.08 -8.02
N ASP B 204 -4.38 30.80 -7.70
CA ASP B 204 -3.74 29.66 -8.37
C ASP B 204 -4.56 29.07 -9.52
N PHE B 205 -5.78 29.55 -9.73
CA PHE B 205 -6.75 28.94 -10.65
C PHE B 205 -7.88 29.96 -10.83
N VAL B 206 -8.24 30.27 -12.06
CA VAL B 206 -9.31 31.24 -12.26
C VAL B 206 -10.49 30.61 -12.98
N CYS B 207 -11.70 30.82 -12.47
CA CYS B 207 -12.92 30.45 -13.22
C CYS B 207 -13.57 31.75 -13.63
N PHE B 208 -13.86 31.89 -14.93
CA PHE B 208 -14.49 33.07 -15.42
C PHE B 208 -15.69 32.73 -16.31
N THR B 209 -16.82 33.39 -16.08
CA THR B 209 -18.02 33.23 -16.92
C THR B 209 -18.43 34.60 -17.36
N GLY B 210 -18.62 34.81 -18.67
CA GLY B 210 -18.90 36.12 -19.17
C GLY B 210 -18.76 36.20 -20.67
N SER B 211 -18.51 37.40 -21.16
CA SER B 211 -18.55 37.68 -22.59
C SER B 211 -17.33 37.04 -23.21
N VAL B 212 -17.39 36.80 -24.52
CA VAL B 212 -16.26 36.22 -25.22
C VAL B 212 -15.03 37.15 -25.21
N ALA B 213 -15.23 38.45 -25.38
CA ALA B 213 -14.07 39.36 -25.40
C ALA B 213 -13.32 39.41 -24.06
N THR B 214 -14.04 39.50 -22.97
CA THR B 214 -13.41 39.51 -21.65
C THR B 214 -12.77 38.15 -21.32
N GLY B 215 -13.46 37.09 -21.68
CA GLY B 215 -12.95 35.74 -21.50
C GLY B 215 -11.62 35.48 -22.16
N ARG B 216 -11.47 36.00 -23.36
CA ARG B 216 -10.22 35.86 -24.09
C ARG B 216 -9.14 36.68 -23.38
N GLU B 217 -9.48 37.80 -22.74
CA GLU B 217 -8.44 38.54 -21.94
C GLU B 217 -8.09 37.72 -20.72
N VAL B 218 -9.09 37.10 -20.08
CA VAL B 218 -8.80 36.21 -18.98
C VAL B 218 -7.83 35.05 -19.36
N ALA B 219 -8.11 34.36 -20.44
CA ALA B 219 -7.24 33.32 -20.95
C ALA B 219 -5.78 33.80 -21.12
N GLU B 220 -5.59 34.97 -21.71
CA GLU B 220 -4.26 35.50 -21.99
C GLU B 220 -3.56 35.89 -20.68
N THR B 221 -4.29 36.46 -19.74
CA THR B 221 -3.72 36.79 -18.43
C THR B 221 -3.37 35.52 -17.65
N ALA B 222 -4.27 34.54 -17.60
CA ALA B 222 -3.96 33.28 -16.98
C ALA B 222 -2.75 32.57 -17.57
N ALA B 223 -2.62 32.56 -18.90
CA ALA B 223 -1.43 31.96 -19.49
C ALA B 223 -0.14 32.70 -19.08
N ARG B 224 -0.18 34.02 -19.05
CA ARG B 224 0.98 34.79 -18.64
C ARG B 224 1.36 34.54 -17.17
N ARG B 225 0.36 34.34 -16.33
CA ARG B 225 0.66 34.04 -14.92
C ARG B 225 1.00 32.58 -14.71
N PHE B 226 0.72 31.77 -15.74
CA PHE B 226 0.91 30.31 -15.77
C PHE B 226 0.05 29.60 -14.73
N ILE B 227 -1.25 29.87 -14.82
CA ILE B 227 -2.25 29.22 -14.01
C ILE B 227 -3.37 28.70 -14.89
N PRO B 228 -4.04 27.62 -14.49
CA PRO B 228 -5.18 27.16 -15.26
C PRO B 228 -6.36 28.09 -15.19
N ALA B 229 -7.17 28.06 -16.25
CA ALA B 229 -8.37 28.84 -16.34
C ALA B 229 -9.52 27.94 -16.83
N TYR B 230 -10.63 28.00 -16.12
CA TYR B 230 -11.89 27.45 -16.63
C TYR B 230 -12.73 28.60 -17.14
N LEU B 231 -13.17 28.55 -18.39
CA LEU B 231 -13.85 29.68 -19.06
C LEU B 231 -15.16 29.20 -19.67
N GLU B 232 -16.22 29.94 -19.41
CA GLU B 232 -17.54 29.73 -20.04
C GLU B 232 -17.93 31.04 -20.64
N LEU B 233 -17.92 31.16 -21.95
CA LEU B 233 -17.99 32.48 -22.59
C LEU B 233 -19.25 32.75 -23.40
N GLY B 234 -20.30 32.03 -23.13
CA GLY B 234 -21.57 32.32 -23.80
C GLY B 234 -21.78 31.42 -25.00
N GLY B 235 -22.84 31.74 -25.70
CA GLY B 235 -23.30 30.88 -26.74
C GLY B 235 -24.29 31.57 -27.65
N LYS B 236 -24.51 30.91 -28.76
CA LYS B 236 -25.54 31.32 -29.69
C LYS B 236 -26.29 30.05 -30.09
N ASP B 237 -26.93 29.45 -29.09
CA ASP B 237 -27.45 28.07 -29.22
C ASP B 237 -28.60 28.00 -30.25
N PRO B 238 -28.50 27.11 -31.28
CA PRO B 238 -29.55 27.00 -32.27
C PRO B 238 -30.53 25.87 -31.95
N ALA B 239 -31.75 26.02 -32.42
CA ALA B 239 -32.72 24.94 -32.40
C ALA B 239 -33.05 24.59 -33.84
N ILE B 240 -33.06 23.30 -34.15
CA ILE B 240 -33.48 22.80 -35.48
C ILE B 240 -34.75 22.03 -35.36
N VAL B 241 -35.73 22.38 -36.19
CA VAL B 241 -37.03 21.75 -36.17
C VAL B 241 -37.24 21.09 -37.51
N LEU B 242 -37.14 19.77 -37.50
CA LEU B 242 -37.28 18.97 -38.72
C LEU B 242 -38.76 18.82 -39.07
N GLU B 243 -39.00 18.47 -40.32
CA GLU B 243 -40.36 18.34 -40.84
C GLU B 243 -41.30 17.38 -40.04
N SER B 244 -40.72 16.35 -39.42
CA SER B 244 -41.50 15.34 -38.68
C SER B 244 -41.84 15.78 -37.22
N ALA B 245 -41.33 16.92 -36.77
CA ALA B 245 -41.41 17.31 -35.36
C ALA B 245 -42.83 17.48 -34.80
N ASN B 246 -42.98 17.23 -33.50
CA ASN B 246 -44.24 17.62 -32.85
C ASN B 246 -44.19 19.13 -32.66
N LEU B 247 -44.97 19.89 -33.43
CA LEU B 247 -44.81 21.34 -33.42
C LEU B 247 -45.37 21.99 -32.14
N GLU B 248 -46.33 21.32 -31.52
CA GLU B 248 -46.91 21.85 -30.28
C GLU B 248 -45.86 21.79 -29.15
N LEU B 249 -45.18 20.66 -29.04
CA LEU B 249 -44.08 20.55 -28.06
C LEU B 249 -42.90 21.47 -28.44
N ALA B 250 -42.60 21.52 -29.72
CA ALA B 250 -41.45 22.30 -30.21
C ALA B 250 -41.61 23.81 -29.95
N THR B 251 -42.78 24.35 -30.22
CA THR B 251 -43.04 25.79 -30.03
C THR B 251 -43.10 26.14 -28.52
N SER B 252 -43.69 25.26 -27.71
CA SER B 252 -43.66 25.50 -26.25
C SER B 252 -42.23 25.46 -25.70
N ALA B 253 -41.43 24.48 -26.16
CA ALA B 253 -40.06 24.28 -25.63
C ALA B 253 -39.11 25.43 -26.08
N ILE B 254 -39.15 25.74 -27.36
CA ILE B 254 -38.35 26.80 -27.93
C ILE B 254 -38.70 28.17 -27.35
N LEU B 255 -39.99 28.43 -27.17
CA LEU B 255 -40.41 29.65 -26.47
C LEU B 255 -39.75 29.77 -25.09
N TRP B 256 -39.88 28.71 -24.29
CA TRP B 256 -39.33 28.74 -22.96
C TRP B 256 -37.82 28.91 -23.03
N GLY B 257 -37.21 28.11 -23.89
CA GLY B 257 -35.76 28.13 -24.08
C GLY B 257 -35.23 29.50 -24.44
N ALA B 258 -35.99 30.22 -25.24
CA ALA B 258 -35.52 31.49 -25.84
C ALA B 258 -35.81 32.71 -24.95
N VAL B 259 -36.81 32.61 -24.09
CA VAL B 259 -37.21 33.76 -23.27
C VAL B 259 -37.16 33.60 -21.75
N VAL B 260 -36.88 32.40 -21.27
CA VAL B 260 -36.79 32.25 -19.83
C VAL B 260 -35.65 33.20 -19.38
N ASN B 261 -35.85 33.83 -18.23
CA ASN B 261 -34.93 34.85 -17.69
C ASN B 261 -34.73 35.98 -18.70
N THR B 262 -35.77 36.24 -19.48
CA THR B 262 -35.78 37.28 -20.50
C THR B 262 -34.68 37.02 -21.52
N GLY B 263 -34.32 35.75 -21.68
CA GLY B 263 -33.28 35.42 -22.70
C GLY B 263 -31.85 35.70 -22.21
N GLN B 264 -31.75 36.11 -20.96
CA GLN B 264 -30.44 36.50 -20.36
C GLN B 264 -29.69 35.27 -19.84
N SER B 265 -29.14 34.50 -20.77
CA SER B 265 -28.59 33.17 -20.46
C SER B 265 -27.66 32.69 -21.57
N CYS B 266 -26.51 32.15 -21.20
CA CYS B 266 -25.59 31.44 -22.10
C CYS B 266 -26.31 30.31 -22.88
N LEU B 267 -27.35 29.75 -22.26
CA LEU B 267 -28.09 28.59 -22.76
C LEU B 267 -29.38 28.97 -23.45
N SER B 268 -29.58 30.24 -23.73
CA SER B 268 -30.80 30.64 -24.36
C SER B 268 -30.79 30.18 -25.81
N ILE B 269 -31.93 29.73 -26.31
CA ILE B 269 -32.08 29.49 -27.76
C ILE B 269 -32.08 30.86 -28.45
N GLU B 270 -31.10 31.10 -29.29
CA GLU B 270 -30.96 32.43 -29.95
C GLU B 270 -31.17 32.42 -31.48
N ARG B 271 -31.23 31.22 -32.05
CA ARG B 271 -31.46 31.01 -33.49
C ARG B 271 -32.37 29.79 -33.70
N ILE B 272 -33.33 29.93 -34.61
CA ILE B 272 -34.30 28.88 -34.80
C ILE B 272 -34.39 28.57 -36.30
N TYR B 273 -34.20 27.29 -36.63
CA TYR B 273 -34.23 26.79 -38.04
C TYR B 273 -35.32 25.74 -38.17
N VAL B 274 -36.24 25.94 -39.11
CA VAL B 274 -37.38 25.06 -39.29
C VAL B 274 -37.49 24.61 -40.76
N ALA B 275 -37.85 23.34 -40.96
CA ALA B 275 -38.07 22.79 -42.29
C ALA B 275 -39.06 23.70 -43.01
N GLU B 276 -38.75 24.08 -44.24
CA GLU B 276 -39.56 25.07 -44.99
C GLU B 276 -41.04 24.71 -45.08
N SER B 277 -41.36 23.42 -45.16
CA SER B 277 -42.75 22.98 -45.29
C SER B 277 -43.55 23.22 -44.02
N LYS B 278 -42.85 23.41 -42.89
CA LYS B 278 -43.52 23.69 -41.64
C LYS B 278 -43.25 25.12 -41.14
N PHE B 279 -42.42 25.89 -41.86
CA PHE B 279 -41.96 27.21 -41.38
C PHE B 279 -43.13 28.13 -40.99
N GLU B 280 -44.11 28.23 -41.88
CA GLU B 280 -45.26 29.11 -41.67
C GLU B 280 -46.05 28.70 -40.45
N GLU B 281 -46.48 27.44 -40.37
CA GLU B 281 -47.29 27.04 -39.21
C GLU B 281 -46.50 27.10 -37.90
N PHE B 282 -45.22 26.76 -37.98
CA PHE B 282 -44.38 26.88 -36.77
C PHE B 282 -44.38 28.31 -36.24
N TYR B 283 -44.00 29.27 -37.09
CA TYR B 283 -43.76 30.61 -36.53
C TYR B 283 -45.03 31.27 -36.04
N HIS B 284 -46.15 30.90 -36.65
CA HIS B 284 -47.43 31.45 -36.26
C HIS B 284 -47.84 30.88 -34.91
N GLN B 285 -47.62 29.58 -34.71
CA GLN B 285 -47.93 29.00 -33.42
C GLN B 285 -47.03 29.63 -32.33
N LEU B 286 -45.79 29.90 -32.70
CA LEU B 286 -44.83 30.47 -31.74
C LEU B 286 -45.30 31.90 -31.31
N ILE B 287 -45.83 32.63 -32.28
CA ILE B 287 -46.34 33.99 -32.02
C ILE B 287 -47.52 33.90 -31.06
N ALA B 288 -48.44 32.99 -31.35
CA ALA B 288 -49.63 32.83 -30.52
C ALA B 288 -49.22 32.62 -29.05
N LYS B 289 -48.26 31.71 -28.80
CA LYS B 289 -47.86 31.43 -27.40
C LYS B 289 -46.99 32.55 -26.82
N ALA B 290 -46.24 33.26 -27.68
CA ALA B 290 -45.46 34.41 -27.23
C ALA B 290 -46.37 35.54 -26.73
N HIS B 291 -47.46 35.80 -27.45
CA HIS B 291 -48.40 36.82 -27.02
C HIS B 291 -48.97 36.55 -25.65
N ARG B 292 -48.95 35.32 -25.16
CA ARG B 292 -49.55 35.04 -23.85
C ARG B 292 -48.62 35.33 -22.66
N LEU B 293 -47.35 35.61 -22.91
CA LEU B 293 -46.43 35.95 -21.82
C LEU B 293 -46.55 37.44 -21.51
N GLN B 294 -46.55 37.76 -20.22
CA GLN B 294 -46.66 39.14 -19.73
C GLN B 294 -45.36 39.56 -19.02
N LEU B 295 -45.01 40.84 -19.12
CA LEU B 295 -43.93 41.40 -18.30
C LEU B 295 -44.29 41.31 -16.81
N ALA B 296 -43.29 41.14 -15.95
CA ALA B 296 -43.45 41.28 -14.49
C ALA B 296 -43.47 42.77 -14.14
N TYR B 297 -44.51 43.44 -14.59
CA TYR B 297 -44.66 44.87 -14.41
C TYR B 297 -46.15 45.18 -14.16
N PRO B 298 -46.48 46.07 -13.21
CA PRO B 298 -45.63 46.92 -12.36
C PRO B 298 -45.01 46.16 -11.18
N LEU B 299 -45.62 45.04 -10.79
CA LEU B 299 -45.13 44.21 -9.68
C LEU B 299 -44.47 42.92 -10.17
N VAL B 300 -43.45 42.50 -9.41
CA VAL B 300 -42.74 41.28 -9.73
C VAL B 300 -43.69 40.11 -9.91
N GLU B 301 -44.86 40.12 -9.26
CA GLU B 301 -45.85 39.03 -9.33
C GLU B 301 -46.73 39.03 -10.59
N ASP B 302 -46.74 40.13 -11.36
CA ASP B 302 -47.70 40.34 -12.45
C ASP B 302 -47.39 39.64 -13.78
N GLY B 303 -46.26 38.96 -13.86
CA GLY B 303 -45.88 38.32 -15.13
C GLY B 303 -44.63 37.49 -15.05
N ALA B 304 -44.42 36.72 -16.10
CA ALA B 304 -43.31 35.81 -16.18
C ALA B 304 -42.02 36.53 -16.54
N ILE B 305 -42.11 37.62 -17.29
CA ILE B 305 -40.91 38.13 -17.98
C ILE B 305 -40.28 39.34 -17.24
N GLY B 306 -39.14 39.14 -16.59
CA GLY B 306 -38.45 40.23 -15.85
C GLY B 306 -37.79 41.28 -16.74
N PRO B 307 -37.28 42.34 -16.11
CA PRO B 307 -36.57 43.38 -16.85
C PRO B 307 -35.20 42.87 -17.37
N ILE B 308 -34.63 43.63 -18.28
CA ILE B 308 -33.26 43.44 -18.73
C ILE B 308 -32.38 44.03 -17.63
N ILE B 309 -31.54 43.21 -17.06
CA ILE B 309 -30.87 43.56 -15.78
C ILE B 309 -29.82 44.66 -15.98
N ALA B 310 -29.07 44.56 -17.07
CA ALA B 310 -27.95 45.45 -17.32
C ALA B 310 -28.28 46.43 -18.41
N GLU B 311 -28.07 47.72 -18.15
CA GLU B 311 -28.36 48.75 -19.14
C GLU B 311 -27.61 48.52 -20.42
N LYS B 312 -26.35 48.12 -20.29
CA LYS B 312 -25.54 47.82 -21.48
C LYS B 312 -26.18 46.74 -22.37
N GLN B 313 -26.73 45.70 -21.73
CA GLN B 313 -27.39 44.65 -22.47
C GLN B 313 -28.65 45.13 -23.20
N ALA B 314 -29.42 46.01 -22.55
CA ALA B 314 -30.62 46.59 -23.15
C ALA B 314 -30.23 47.31 -24.44
N GLY B 315 -29.14 48.08 -24.40
CA GLY B 315 -28.57 48.71 -25.62
C GLY B 315 -28.12 47.72 -26.70
N ILE B 316 -27.54 46.61 -26.31
CA ILE B 316 -27.14 45.63 -27.29
C ILE B 316 -28.39 44.98 -27.90
N ILE B 317 -29.38 44.63 -27.08
CA ILE B 317 -30.59 43.99 -27.62
C ILE B 317 -31.28 44.93 -28.61
N ASN B 318 -31.36 46.19 -28.24
CA ASN B 318 -31.95 47.22 -29.13
C ASN B 318 -31.21 47.31 -30.48
N ASP B 319 -29.88 47.43 -30.38
CA ASP B 319 -29.02 47.48 -31.56
C ASP B 319 -29.21 46.25 -32.50
N HIS B 320 -29.24 45.05 -31.93
CA HIS B 320 -29.52 43.84 -32.73
C HIS B 320 -30.90 43.94 -33.43
N ILE B 321 -31.90 44.51 -32.75
CA ILE B 321 -33.24 44.57 -33.35
C ILE B 321 -33.23 45.56 -34.52
N LEU B 322 -32.54 46.69 -34.31
CA LEU B 322 -32.51 47.74 -35.30
C LEU B 322 -31.74 47.28 -36.56
N ASP B 323 -30.58 46.65 -36.34
CA ASP B 323 -29.74 46.10 -37.40
C ASP B 323 -30.53 45.11 -38.25
N ALA B 324 -31.31 44.27 -37.57
CA ALA B 324 -32.17 43.28 -38.21
C ALA B 324 -33.22 43.92 -39.13
N VAL B 325 -33.98 44.88 -38.59
CA VAL B 325 -35.02 45.59 -39.35
C VAL B 325 -34.38 46.30 -40.54
N GLU B 326 -33.26 46.96 -40.30
CA GLU B 326 -32.57 47.67 -41.36
C GLU B 326 -32.09 46.72 -42.44
N LYS B 327 -31.90 45.45 -42.13
CA LYS B 327 -31.51 44.51 -43.15
C LYS B 327 -32.66 43.70 -43.71
N GLY B 328 -33.91 44.12 -43.45
CA GLY B 328 -35.08 43.43 -44.00
C GLY B 328 -35.89 42.53 -43.05
N ALA B 329 -35.47 42.40 -41.80
CA ALA B 329 -36.21 41.53 -40.90
C ALA B 329 -37.65 42.05 -40.71
N VAL B 330 -38.61 41.12 -40.58
CA VAL B 330 -39.99 41.44 -40.23
C VAL B 330 -40.22 41.08 -38.77
N ILE B 331 -40.70 42.03 -38.00
CA ILE B 331 -41.05 41.80 -36.60
C ILE B 331 -42.51 41.44 -36.45
N HIS B 332 -42.82 40.28 -35.87
CA HIS B 332 -44.23 39.86 -35.77
C HIS B 332 -44.85 40.18 -34.41
N CYS B 333 -44.05 40.15 -33.36
CA CYS B 333 -44.51 40.63 -32.07
C CYS B 333 -43.32 41.10 -31.27
N GLY B 334 -43.58 41.84 -30.19
CA GLY B 334 -42.53 42.47 -29.37
C GLY B 334 -41.65 43.40 -30.20
N GLY B 335 -40.34 43.38 -29.94
CA GLY B 335 -39.38 44.13 -30.76
C GLY B 335 -39.13 45.56 -30.37
N LYS B 336 -39.56 45.96 -29.18
CA LYS B 336 -39.28 47.32 -28.71
C LYS B 336 -38.59 47.19 -27.35
N VAL B 337 -37.35 47.66 -27.23
CA VAL B 337 -36.72 47.74 -25.94
C VAL B 337 -37.19 49.04 -25.34
N GLU B 338 -37.86 49.02 -24.19
CA GLU B 338 -38.47 50.24 -23.70
C GLU B 338 -38.35 50.40 -22.17
N GLU B 339 -38.42 51.66 -21.74
CA GLU B 339 -38.41 52.05 -20.33
C GLU B 339 -39.81 52.03 -19.69
N LEU B 340 -39.94 51.35 -18.57
CA LEU B 340 -41.19 51.29 -17.82
C LEU B 340 -40.84 51.33 -16.36
N GLY B 341 -41.34 52.37 -15.69
CA GLY B 341 -41.08 52.54 -14.26
C GLY B 341 -39.61 52.73 -13.96
N GLY B 342 -38.84 53.20 -14.95
CA GLY B 342 -37.40 53.42 -14.77
C GLY B 342 -36.47 52.23 -15.12
N GLY B 343 -37.05 51.04 -15.28
CA GLY B 343 -36.29 49.89 -15.77
C GLY B 343 -36.44 49.68 -17.27
N TRP B 344 -35.58 48.86 -17.84
CA TRP B 344 -35.60 48.46 -19.25
C TRP B 344 -36.21 47.06 -19.44
N TRP B 345 -36.97 46.92 -20.51
CA TRP B 345 -37.79 45.73 -20.76
C TRP B 345 -37.86 45.46 -22.26
N CYS B 346 -38.06 44.20 -22.61
CA CYS B 346 -38.36 43.81 -23.97
C CYS B 346 -39.28 42.59 -23.85
N ARG B 347 -40.36 42.62 -24.59
CA ARG B 347 -41.27 41.51 -24.70
C ARG B 347 -40.73 40.44 -25.65
N PRO B 348 -41.20 39.20 -25.50
CA PRO B 348 -40.84 38.12 -26.43
C PRO B 348 -41.03 38.59 -27.83
N THR B 349 -40.02 38.41 -28.65
CA THR B 349 -40.04 38.99 -29.98
C THR B 349 -39.86 37.90 -31.03
N VAL B 350 -40.80 37.75 -31.97
CA VAL B 350 -40.61 36.77 -33.04
C VAL B 350 -40.28 37.54 -34.31
N MSE B 351 -39.19 37.16 -34.99
CA MSE B 351 -38.90 37.79 -36.28
C MSE B 351 -38.63 36.78 -37.37
O MSE B 351 -38.14 35.68 -37.12
CB MSE B 351 -37.85 38.86 -36.09
CG MSE B 351 -36.45 38.44 -35.79
SE MSE B 351 -35.28 40.00 -35.42
CE MSE B 351 -36.36 41.18 -34.32
N THR B 352 -38.99 37.14 -38.60
CA THR B 352 -38.73 36.32 -39.78
C THR B 352 -38.09 37.14 -40.89
N ASN B 353 -37.85 36.49 -42.04
CA ASN B 353 -37.08 37.09 -43.12
C ASN B 353 -35.72 37.53 -42.59
N VAL B 354 -35.09 36.61 -41.87
CA VAL B 354 -33.83 36.85 -41.23
C VAL B 354 -32.75 36.04 -41.93
N ASN B 355 -31.49 36.40 -41.71
CA ASN B 355 -30.37 35.61 -42.20
C ASN B 355 -29.07 35.94 -41.48
N HIS B 356 -28.00 35.25 -41.88
CA HIS B 356 -26.73 35.33 -41.12
C HIS B 356 -25.85 36.57 -41.42
N SER B 357 -26.36 37.51 -42.23
CA SER B 357 -25.71 38.84 -42.33
C SER B 357 -26.05 39.75 -41.13
N MSE B 358 -27.02 39.33 -40.30
CA MSE B 358 -27.50 40.17 -39.19
C MSE B 358 -26.86 39.80 -37.88
O MSE B 358 -26.67 38.62 -37.58
CB MSE B 358 -29.02 40.01 -39.05
CG MSE B 358 -29.88 40.49 -40.25
SE MSE B 358 -31.68 39.70 -40.05
CE MSE B 358 -31.42 38.19 -38.84
N LYS B 359 -26.54 40.81 -37.08
CA LYS B 359 -26.00 40.62 -35.74
C LYS B 359 -26.83 39.67 -34.92
N VAL B 360 -28.15 39.76 -35.04
CA VAL B 360 -29.03 38.97 -34.19
C VAL B 360 -28.88 37.46 -34.44
N MSE B 361 -28.25 37.09 -35.56
CA MSE B 361 -27.99 35.69 -35.87
C MSE B 361 -26.57 35.27 -35.73
O MSE B 361 -26.28 34.12 -35.94
CB MSE B 361 -28.44 35.41 -37.29
CG MSE B 361 -29.91 35.74 -37.32
SE MSE B 361 -30.93 34.09 -37.21
CE MSE B 361 -30.83 34.19 -39.11
N THR B 362 -25.70 36.19 -35.33
CA THR B 362 -24.28 35.94 -35.24
C THR B 362 -23.71 36.24 -33.84
N GLU B 363 -23.93 37.44 -33.32
CA GLU B 363 -23.42 37.86 -32.01
C GLU B 363 -24.43 37.52 -30.92
N GLU B 364 -23.89 37.17 -29.74
CA GLU B 364 -24.72 36.79 -28.62
C GLU B 364 -25.68 37.95 -28.29
N THR B 365 -26.97 37.67 -28.22
CA THR B 365 -27.99 38.73 -28.00
C THR B 365 -28.36 38.91 -26.51
N PHE B 366 -28.56 37.78 -25.83
CA PHE B 366 -28.87 37.77 -24.37
C PHE B 366 -30.21 38.47 -24.10
N GLY B 367 -31.15 38.29 -25.04
CA GLY B 367 -32.46 38.88 -25.02
C GLY B 367 -33.54 37.89 -25.43
N PRO B 368 -34.81 38.31 -25.34
CA PRO B 368 -35.94 37.39 -25.63
C PRO B 368 -36.37 37.45 -27.08
N ILE B 369 -35.42 37.20 -27.97
CA ILE B 369 -35.61 37.36 -29.42
C ILE B 369 -35.57 36.01 -30.11
N MSE B 370 -36.50 35.77 -31.04
CA MSE B 370 -36.69 34.46 -31.65
C MSE B 370 -36.68 34.70 -33.12
O MSE B 370 -37.76 34.87 -33.72
CB MSE B 370 -38.03 33.90 -31.21
CG MSE B 370 -37.93 33.29 -29.88
SE MSE B 370 -39.64 32.87 -29.03
CE MSE B 370 -40.16 34.78 -28.85
N PRO B 371 -35.47 34.78 -33.73
CA PRO B 371 -35.36 34.80 -35.18
C PRO B 371 -35.48 33.40 -35.79
N VAL B 372 -36.47 33.24 -36.69
CA VAL B 372 -36.83 31.95 -37.28
C VAL B 372 -36.48 31.99 -38.77
N MSE B 373 -35.74 30.96 -39.24
CA MSE B 373 -35.32 30.80 -40.65
C MSE B 373 -35.71 29.43 -41.21
O MSE B 373 -35.55 28.39 -40.56
CB MSE B 373 -33.83 31.10 -40.63
CG MSE B 373 -33.03 31.03 -41.91
SE MSE B 373 -31.21 31.80 -41.54
CE MSE B 373 -30.96 31.87 -43.50
N PRO B 374 -36.25 29.41 -42.45
CA PRO B 374 -36.54 28.11 -43.02
C PRO B 374 -35.29 27.50 -43.56
N PHE B 375 -35.27 26.16 -43.66
CA PHE B 375 -34.28 25.44 -44.46
C PHE B 375 -34.89 24.44 -45.48
N PRO B 376 -34.24 24.30 -46.67
CA PRO B 376 -34.73 23.35 -47.70
C PRO B 376 -34.43 21.87 -47.40
N ASP B 377 -33.39 21.59 -46.61
CA ASP B 377 -32.95 20.21 -46.37
C ASP B 377 -32.02 20.17 -45.17
N VAL B 378 -31.87 18.98 -44.60
CA VAL B 378 -31.14 18.81 -43.36
C VAL B 378 -29.72 19.25 -43.48
N GLU B 379 -29.09 19.04 -44.62
CA GLU B 379 -27.69 19.45 -44.82
C GLU B 379 -27.50 20.95 -44.57
N GLU B 380 -28.45 21.74 -45.05
CA GLU B 380 -28.41 23.21 -44.91
C GLU B 380 -28.65 23.67 -43.46
N ALA B 381 -29.62 23.02 -42.83
CA ALA B 381 -29.85 23.18 -41.39
C ALA B 381 -28.60 22.94 -40.54
N VAL B 382 -27.89 21.85 -40.80
CA VAL B 382 -26.63 21.54 -40.07
C VAL B 382 -25.59 22.61 -40.35
N TYR B 383 -25.43 22.96 -41.62
CA TYR B 383 -24.55 24.05 -42.01
C TYR B 383 -24.89 25.33 -41.22
N LEU B 384 -26.17 25.67 -41.14
CA LEU B 384 -26.56 26.95 -40.55
C LEU B 384 -26.31 26.91 -39.06
N ALA B 385 -26.70 25.79 -38.45
CA ALA B 385 -26.49 25.58 -37.02
C ALA B 385 -25.04 25.68 -36.63
N ASN B 386 -24.13 25.15 -37.46
CA ASN B 386 -22.71 25.18 -37.21
C ASN B 386 -22.00 26.45 -37.66
N ASP B 387 -22.72 27.38 -38.25
CA ASP B 387 -22.08 28.61 -38.75
C ASP B 387 -22.05 29.66 -37.67
N THR B 388 -21.16 29.48 -36.70
CA THR B 388 -21.14 30.32 -35.52
C THR B 388 -19.73 30.26 -34.91
N ILE B 389 -19.33 31.29 -34.21
CA ILE B 389 -18.09 31.20 -33.41
C ILE B 389 -18.31 30.53 -32.05
N TYR B 390 -19.53 30.12 -31.75
CA TYR B 390 -19.89 29.57 -30.41
C TYR B 390 -20.10 28.07 -30.51
N GLY B 391 -20.35 27.41 -29.39
CA GLY B 391 -20.53 25.99 -29.41
C GLY B 391 -20.88 25.38 -28.08
N LEU B 392 -21.87 25.96 -27.42
CA LEU B 392 -22.19 25.60 -26.10
C LEU B 392 -23.28 24.54 -26.14
N SER B 393 -24.41 24.85 -26.78
CA SER B 393 -25.46 23.88 -26.84
C SER B 393 -26.35 24.08 -28.07
N ALA B 394 -27.30 23.16 -28.20
CA ALA B 394 -28.25 23.22 -29.30
C ALA B 394 -29.41 22.30 -29.00
N ALA B 395 -30.43 22.35 -29.86
CA ALA B 395 -31.60 21.53 -29.73
C ALA B 395 -32.04 21.02 -31.09
N VAL B 396 -32.53 19.77 -31.11
CA VAL B 396 -33.12 19.16 -32.35
C VAL B 396 -34.45 18.50 -32.05
N PHE B 397 -35.45 18.81 -32.89
CA PHE B 397 -36.82 18.27 -32.80
C PHE B 397 -37.13 17.45 -34.06
N ALA B 398 -37.61 16.22 -33.82
CA ALA B 398 -38.05 15.31 -34.89
C ALA B 398 -39.19 14.40 -34.40
N GLY B 399 -39.71 13.59 -35.31
CA GLY B 399 -40.77 12.67 -34.99
C GLY B 399 -40.30 11.40 -34.30
N SER B 400 -38.98 11.20 -34.24
CA SER B 400 -38.36 10.12 -33.47
C SER B 400 -37.05 10.61 -32.83
N GLU B 401 -36.62 10.02 -31.73
CA GLU B 401 -35.33 10.35 -31.20
C GLU B 401 -34.25 9.98 -32.23
N ASP B 402 -34.32 8.81 -32.86
CA ASP B 402 -33.31 8.44 -33.86
C ASP B 402 -33.10 9.46 -34.98
N GLU B 403 -34.18 9.99 -35.55
CA GLU B 403 -34.00 11.01 -36.58
C GLU B 403 -33.34 12.29 -36.01
N ALA B 404 -33.76 12.67 -34.81
CA ALA B 404 -33.20 13.86 -34.19
C ALA B 404 -31.69 13.66 -33.90
N LEU B 405 -31.35 12.50 -33.35
CA LEU B 405 -29.96 12.22 -32.93
C LEU B 405 -29.03 12.21 -34.12
N LYS B 406 -29.46 11.62 -35.21
CA LYS B 406 -28.65 11.63 -36.40
C LYS B 406 -28.23 13.06 -36.84
N VAL B 407 -29.05 14.06 -36.55
CA VAL B 407 -28.71 15.44 -36.91
C VAL B 407 -27.83 16.02 -35.81
N ALA B 408 -28.26 15.78 -34.58
CA ALA B 408 -27.57 16.29 -33.39
C ALA B 408 -26.11 15.89 -33.38
N ARG B 409 -25.81 14.64 -33.73
CA ARG B 409 -24.41 14.18 -33.84
C ARG B 409 -23.51 15.00 -34.76
N GLN B 410 -24.08 15.78 -35.66
CA GLN B 410 -23.32 16.62 -36.62
C GLN B 410 -23.08 18.07 -36.11
N LEU B 411 -23.62 18.40 -34.93
CA LEU B 411 -23.52 19.73 -34.42
C LEU B 411 -22.28 19.93 -33.54
N ASN B 412 -21.59 21.03 -33.73
CA ASN B 412 -20.41 21.38 -32.94
C ASN B 412 -20.76 22.04 -31.60
N ALA B 413 -21.29 21.27 -30.66
CA ALA B 413 -21.81 21.83 -29.45
C ALA B 413 -21.73 20.81 -28.34
N GLY B 414 -21.47 21.25 -27.12
CA GLY B 414 -21.27 20.35 -26.05
C GLY B 414 -22.49 19.60 -25.55
N ALA B 415 -23.69 20.21 -25.64
CA ALA B 415 -24.91 19.56 -25.12
C ALA B 415 -26.10 19.77 -26.03
N ILE B 416 -26.69 18.68 -26.51
CA ILE B 416 -27.80 18.81 -27.43
C ILE B 416 -29.04 18.22 -26.77
N SER B 417 -30.06 19.06 -26.64
CA SER B 417 -31.39 18.61 -26.25
C SER B 417 -32.14 18.01 -27.44
N ILE B 418 -32.80 16.87 -27.20
CA ILE B 418 -33.45 16.10 -28.26
C ILE B 418 -34.94 16.12 -27.96
N ASN B 419 -35.68 16.72 -28.88
CA ASN B 419 -37.13 16.93 -28.75
C ASN B 419 -37.49 17.73 -27.53
N ASP B 420 -36.54 18.57 -27.12
CA ASP B 420 -36.80 19.55 -26.11
C ASP B 420 -35.70 20.62 -26.35
N ALA B 421 -35.70 21.69 -25.57
CA ALA B 421 -34.70 22.75 -25.75
C ALA B 421 -34.15 23.17 -24.41
N ALA B 422 -32.86 23.52 -24.40
CA ALA B 422 -32.22 24.13 -23.23
C ALA B 422 -32.30 23.30 -21.96
N LEU B 423 -32.26 21.97 -22.12
CA LEU B 423 -32.38 21.13 -20.92
C LEU B 423 -31.22 21.33 -19.95
N THR B 424 -30.05 21.76 -20.42
CA THR B 424 -28.93 21.99 -19.50
C THR B 424 -29.21 23.15 -18.56
N ALA B 425 -30.23 23.94 -18.88
CA ALA B 425 -30.67 25.01 -17.98
C ALA B 425 -31.39 24.48 -16.77
N MSE B 426 -31.95 23.26 -16.85
CA MSE B 426 -32.76 22.68 -15.78
C MSE B 426 -32.16 21.45 -15.16
O MSE B 426 -32.69 20.96 -14.18
CB MSE B 426 -34.16 22.26 -16.31
CG MSE B 426 -35.02 23.48 -16.61
SE MSE B 426 -35.34 24.67 -15.04
CE MSE B 426 -36.41 23.42 -13.93
N MSE B 427 -31.07 20.92 -15.71
CA MSE B 427 -30.45 19.76 -15.10
C MSE B 427 -28.97 19.77 -15.17
O MSE B 427 -28.39 20.34 -16.06
CB MSE B 427 -30.94 18.47 -15.70
CG MSE B 427 -30.78 18.33 -17.20
SE MSE B 427 -32.37 17.31 -17.84
CE MSE B 427 -32.16 15.78 -16.61
N HIS B 428 -28.36 19.07 -14.25
CA HIS B 428 -26.92 19.09 -14.07
C HIS B 428 -26.27 17.92 -14.82
N GLU B 429 -27.04 16.90 -15.14
CA GLU B 429 -26.49 15.70 -15.73
C GLU B 429 -25.88 15.96 -17.11
N GLY B 430 -24.88 15.17 -17.46
CA GLY B 430 -24.27 15.27 -18.79
C GLY B 430 -22.91 15.95 -18.78
N GLU B 431 -21.86 15.19 -18.99
CA GLU B 431 -20.54 15.76 -19.12
C GLU B 431 -20.45 16.42 -20.46
N LYS B 432 -19.89 17.63 -20.50
CA LYS B 432 -19.79 18.31 -21.76
C LYS B 432 -18.66 19.32 -21.81
N ASN B 433 -18.00 19.38 -22.96
CA ASN B 433 -16.95 20.35 -23.20
C ASN B 433 -17.52 21.32 -24.22
N ALA B 434 -17.25 22.59 -24.02
CA ALA B 434 -17.69 23.59 -24.99
C ALA B 434 -16.89 23.47 -26.27
N PHE B 435 -17.47 23.84 -27.40
CA PHE B 435 -16.74 23.89 -28.65
C PHE B 435 -16.49 25.38 -29.04
N ASN B 436 -15.55 25.57 -29.96
CA ASN B 436 -15.21 26.89 -30.49
C ASN B 436 -14.93 27.87 -29.38
N PHE B 437 -15.50 29.06 -29.42
CA PHE B 437 -15.17 30.06 -28.41
C PHE B 437 -16.06 30.03 -27.19
N SER B 438 -16.91 29.00 -27.00
CA SER B 438 -17.83 29.02 -25.92
C SER B 438 -17.13 28.64 -24.60
N GLY B 439 -15.93 28.07 -24.67
CA GLY B 439 -15.15 27.78 -23.44
C GLY B 439 -13.90 26.97 -23.64
N LEU B 440 -13.23 26.76 -22.52
CA LEU B 440 -12.02 25.94 -22.41
C LEU B 440 -11.97 25.49 -20.95
N GLY B 441 -11.31 24.39 -20.66
CA GLY B 441 -10.99 23.98 -19.27
C GLY B 441 -11.74 22.76 -18.80
N GLY B 442 -12.50 22.16 -19.70
CA GLY B 442 -13.15 20.88 -19.38
C GLY B 442 -14.64 20.97 -19.06
N SER B 443 -15.06 20.25 -18.05
CA SER B 443 -16.46 20.01 -17.78
C SER B 443 -16.71 20.26 -16.31
N ARG B 444 -17.95 20.60 -15.96
CA ARG B 444 -18.33 20.77 -14.56
C ARG B 444 -18.92 19.57 -13.85
N VAL B 445 -19.32 18.54 -14.56
CA VAL B 445 -20.16 17.52 -13.97
C VAL B 445 -19.36 16.36 -13.41
N GLY B 446 -19.70 15.89 -12.22
CA GLY B 446 -19.13 14.67 -11.70
C GLY B 446 -17.65 14.68 -11.40
N ALA B 447 -17.04 13.50 -11.44
CA ALA B 447 -15.62 13.37 -11.08
C ALA B 447 -14.76 14.39 -11.83
N ALA B 448 -15.00 14.53 -13.13
CA ALA B 448 -14.15 15.40 -13.94
C ALA B 448 -14.34 16.87 -13.53
N GLY B 449 -15.54 17.24 -13.10
CA GLY B 449 -15.80 18.56 -12.59
C GLY B 449 -15.11 18.88 -11.28
N LEU B 450 -15.20 17.99 -10.32
CA LEU B 450 -14.61 18.24 -9.02
C LEU B 450 -13.10 18.20 -9.17
N LYS B 451 -12.59 17.27 -9.98
CA LYS B 451 -11.13 17.09 -10.12
C LYS B 451 -10.40 18.17 -10.84
N ARG B 452 -11.11 19.04 -11.55
CA ARG B 452 -10.48 20.24 -12.09
C ARG B 452 -9.71 20.96 -11.00
N PHE B 453 -10.23 20.94 -9.78
CA PHE B 453 -9.64 21.71 -8.64
C PHE B 453 -8.54 21.00 -7.84
N LEU B 454 -8.11 19.84 -8.32
CA LEU B 454 -7.14 19.01 -7.62
C LEU B 454 -5.95 18.69 -8.51
N ARG B 455 -4.76 18.64 -7.97
CA ARG B 455 -3.66 18.01 -8.68
C ARG B 455 -3.53 16.55 -8.27
N LYS B 456 -3.40 15.68 -9.25
CA LYS B 456 -3.12 14.28 -9.00
C LYS B 456 -1.66 14.15 -8.63
N GLN B 457 -1.44 13.42 -7.59
CA GLN B 457 -0.12 13.13 -7.17
C GLN B 457 0.09 11.61 -6.97
N ALA B 458 1.08 11.07 -7.65
CA ALA B 458 1.36 9.65 -7.62
C ALA B 458 2.55 9.40 -6.73
N PHE B 459 2.48 8.34 -5.94
CA PHE B 459 3.63 7.89 -5.16
C PHE B 459 4.00 6.49 -5.62
N LEU B 460 5.21 6.34 -6.10
CA LEU B 460 5.70 5.06 -6.56
C LEU B 460 6.67 4.59 -5.48
N ILE B 461 6.34 3.47 -4.85
CA ILE B 461 6.99 3.04 -3.61
C ILE B 461 7.74 1.75 -3.77
N LYS B 462 9.06 1.82 -3.55
CA LYS B 462 9.85 0.64 -3.53
C LYS B 462 9.67 -0.07 -2.19
N THR B 463 9.25 -1.31 -2.24
CA THR B 463 8.86 -2.05 -1.06
C THR B 463 9.86 -3.14 -0.62
N ASN B 464 10.94 -3.36 -1.37
CA ASN B 464 11.93 -4.39 -1.06
C ASN B 464 13.28 -3.75 -0.79
N SER B 465 14.34 -4.54 -0.67
CA SER B 465 15.61 -4.07 -0.17
C SER B 465 16.81 -4.45 -1.05
N THR B 466 16.54 -4.91 -2.26
CA THR B 466 17.55 -5.34 -3.23
C THR B 466 17.65 -4.28 -4.35
N SER B 467 18.79 -4.13 -4.99
CA SER B 467 18.94 -3.21 -6.14
C SER B 467 17.81 -3.28 -7.20
N ASP B 468 17.36 -2.15 -7.70
CA ASP B 468 16.57 -2.16 -8.90
C ASP B 468 17.48 -2.71 -10.02
N PRO B 469 16.97 -3.60 -10.88
CA PRO B 469 17.74 -4.17 -11.96
C PRO B 469 18.32 -3.14 -12.93
N TRP B 470 17.63 -2.00 -13.09
CA TRP B 470 18.09 -1.00 -14.05
C TRP B 470 19.19 -0.06 -13.47
N TRP B 471 19.48 -0.19 -12.16
CA TRP B 471 20.54 0.62 -11.55
C TRP B 471 21.87 0.20 -12.13
N PHE B 472 22.90 1.01 -11.90
CA PHE B 472 24.24 0.64 -12.37
C PHE B 472 24.98 -0.33 -11.47
N ASP B 473 24.35 -0.82 -10.41
CA ASP B 473 24.89 -1.93 -9.57
C ASP B 473 25.13 -3.22 -10.43
N LYS B 474 26.16 -3.99 -10.11
CA LYS B 474 26.65 -5.07 -11.02
C LYS B 474 25.53 -5.90 -11.66
N THR C 5 15.42 26.51 -51.76
CA THR C 5 14.72 26.19 -50.49
C THR C 5 15.76 25.93 -49.37
N LYS C 6 15.62 26.64 -48.25
CA LYS C 6 16.63 26.74 -47.21
C LYS C 6 16.73 25.41 -46.42
N THR C 7 17.93 25.11 -45.90
CA THR C 7 18.17 23.86 -45.20
C THR C 7 18.85 24.03 -43.85
N ILE C 8 18.71 23.00 -42.99
CA ILE C 8 19.32 22.98 -41.65
C ILE C 8 20.33 21.83 -41.59
N GLU C 9 21.57 22.14 -41.28
CA GLU C 9 22.59 21.13 -41.17
C GLU C 9 22.51 20.57 -39.74
N VAL C 10 22.59 19.25 -39.59
CA VAL C 10 22.39 18.58 -38.29
C VAL C 10 23.69 17.97 -37.82
N ARG C 11 24.09 18.39 -36.64
CA ARG C 11 25.33 17.94 -36.03
C ARG C 11 25.14 16.52 -35.50
N ASN C 12 26.18 15.73 -35.65
CA ASN C 12 26.29 14.42 -34.95
C ASN C 12 26.92 14.60 -33.53
N PRO C 13 26.22 14.18 -32.48
CA PRO C 13 26.69 14.40 -31.11
C PRO C 13 27.91 13.60 -30.73
N ARG C 14 28.28 12.54 -31.46
CA ARG C 14 29.52 11.81 -31.15
C ARG C 14 30.72 12.40 -31.89
N THR C 15 30.53 12.79 -33.14
CA THR C 15 31.68 13.20 -33.99
C THR C 15 31.77 14.69 -34.08
N GLY C 16 30.71 15.39 -33.76
CA GLY C 16 30.70 16.81 -33.90
C GLY C 16 30.61 17.33 -35.34
N LYS C 17 30.52 16.46 -36.32
CA LYS C 17 30.47 16.85 -37.73
C LYS C 17 29.01 17.01 -38.12
N PHE C 18 28.74 17.83 -39.11
CA PHE C 18 27.45 17.86 -39.73
C PHE C 18 27.32 16.67 -40.68
N ASP C 19 26.39 15.77 -40.43
CA ASP C 19 26.26 14.64 -41.29
C ASP C 19 24.81 14.37 -41.68
N TYR C 20 23.91 15.32 -41.49
CA TYR C 20 22.50 15.13 -41.84
C TYR C 20 21.94 16.48 -42.17
N VAL C 21 20.85 16.47 -42.90
CA VAL C 21 20.26 17.68 -43.43
C VAL C 21 18.76 17.60 -43.24
N ILE C 22 18.16 18.71 -42.85
CA ILE C 22 16.70 18.79 -42.82
C ILE C 22 16.28 19.93 -43.74
N ILE C 23 15.13 19.80 -44.42
CA ILE C 23 14.57 20.90 -45.25
C ILE C 23 13.23 21.35 -44.63
N PRO C 24 13.26 22.42 -43.84
CA PRO C 24 11.99 22.87 -43.24
C PRO C 24 10.95 23.31 -44.28
N PRO C 25 9.66 23.09 -44.04
CA PRO C 25 8.65 23.50 -45.02
C PRO C 25 8.36 24.99 -44.91
N PRO C 26 8.33 25.69 -46.07
CA PRO C 26 7.90 27.08 -45.98
C PRO C 26 6.50 27.17 -45.34
N PRO C 27 6.13 28.35 -44.77
CA PRO C 27 4.84 28.48 -44.08
C PRO C 27 3.60 28.10 -44.91
N ARG C 28 3.61 28.35 -46.21
CA ARG C 28 2.48 27.89 -47.00
C ARG C 28 2.51 26.38 -47.27
N LEU C 29 3.66 25.75 -47.40
CA LEU C 29 3.66 24.26 -47.51
C LEU C 29 3.14 23.62 -46.22
N LEU C 30 3.52 24.18 -45.08
CA LEU C 30 3.08 23.62 -43.79
C LEU C 30 1.55 23.66 -43.69
N ALA C 31 0.95 24.79 -44.05
CA ALA C 31 -0.49 24.96 -44.01
C ALA C 31 -1.21 23.95 -44.89
N GLN C 32 -0.60 23.65 -46.02
CA GLN C 32 -1.16 22.69 -46.95
C GLN C 32 -1.19 21.29 -46.39
N GLN C 33 -0.08 20.88 -45.78
CA GLN C 33 -0.04 19.59 -45.11
C GLN C 33 -1.06 19.51 -43.98
N CYS C 34 -1.18 20.57 -43.19
CA CYS C 34 -2.19 20.59 -42.13
C CYS C 34 -3.58 20.41 -42.73
N ASN C 35 -3.87 21.09 -43.84
CA ASN C 35 -5.18 20.98 -44.49
C ASN C 35 -5.47 19.63 -45.09
N ARG C 36 -4.44 19.01 -45.65
CA ARG C 36 -4.58 17.66 -46.15
C ARG C 36 -4.92 16.67 -45.01
N ALA C 37 -4.23 16.84 -43.88
CA ALA C 37 -4.53 15.98 -42.72
C ALA C 37 -5.96 16.20 -42.20
N ARG C 38 -6.40 17.45 -42.18
CA ARG C 38 -7.78 17.75 -41.78
C ARG C 38 -8.81 17.10 -42.68
N ARG C 39 -8.54 17.07 -43.97
CA ARG C 39 -9.45 16.43 -44.92
C ARG C 39 -9.51 14.94 -44.69
N ALA C 40 -8.38 14.35 -44.33
CA ALA C 40 -8.30 12.90 -44.15
C ALA C 40 -8.83 12.45 -42.76
N GLN C 41 -8.92 13.39 -41.82
CA GLN C 41 -9.33 13.08 -40.45
C GLN C 41 -10.77 12.64 -40.27
N SER C 42 -11.71 13.13 -41.11
CA SER C 42 -13.08 12.63 -41.06
C SER C 42 -13.14 11.14 -41.23
N ARG C 43 -12.48 10.65 -42.28
CA ARG C 43 -12.46 9.24 -42.54
C ARG C 43 -11.83 8.45 -41.38
N TRP C 44 -10.72 8.96 -40.87
CA TRP C 44 -10.07 8.37 -39.70
C TRP C 44 -10.96 8.30 -38.44
N GLN C 45 -11.68 9.36 -38.15
CA GLN C 45 -12.65 9.35 -37.02
C GLN C 45 -13.72 8.27 -37.27
N GLU C 46 -14.30 8.34 -38.46
CA GLU C 46 -15.39 7.45 -38.83
C GLU C 46 -14.94 6.00 -38.97
N LEU C 47 -13.66 5.75 -39.13
CA LEU C 47 -13.16 4.38 -39.10
C LEU C 47 -13.46 3.69 -37.76
N GLY C 48 -13.56 4.44 -36.69
CA GLY C 48 -13.86 3.84 -35.39
C GLY C 48 -12.60 3.32 -34.74
N VAL C 49 -12.66 3.16 -33.42
CA VAL C 49 -11.50 2.79 -32.64
C VAL C 49 -10.93 1.43 -33.06
N GLU C 50 -11.79 0.47 -33.40
CA GLU C 50 -11.28 -0.86 -33.78
C GLU C 50 -10.51 -0.81 -35.11
N GLY C 51 -10.97 0.01 -36.03
CA GLY C 51 -10.25 0.24 -37.29
C GLY C 51 -8.94 0.99 -37.08
N ARG C 52 -8.92 1.94 -36.17
CA ARG C 52 -7.71 2.71 -35.92
C ARG C 52 -6.62 1.84 -35.26
N ILE C 53 -7.04 0.99 -34.35
CA ILE C 53 -6.18 -0.06 -33.73
C ILE C 53 -5.51 -0.98 -34.77
N THR C 54 -6.31 -1.53 -35.67
CA THR C 54 -5.79 -2.38 -36.72
C THR C 54 -4.70 -1.64 -37.50
N THR C 55 -4.98 -0.39 -37.84
CA THR C 55 -4.05 0.44 -38.58
C THR C 55 -2.75 0.66 -37.81
N LEU C 56 -2.85 0.93 -36.50
CA LEU C 56 -1.66 1.18 -35.72
C LEU C 56 -0.83 -0.06 -35.58
N GLN C 57 -1.51 -1.21 -35.48
CA GLN C 57 -0.82 -2.49 -35.42
C GLN C 57 -0.11 -2.78 -36.75
N GLN C 58 -0.72 -2.46 -37.88
CA GLN C 58 -0.04 -2.56 -39.18
C GLN C 58 1.22 -1.63 -39.21
N TRP C 59 1.12 -0.41 -38.67
CA TRP C 59 2.29 0.45 -38.59
C TRP C 59 3.38 -0.15 -37.71
N LYS C 60 2.98 -0.68 -36.56
CA LYS C 60 3.90 -1.37 -35.66
C LYS C 60 4.69 -2.49 -36.36
N GLN C 61 4.01 -3.29 -37.15
CA GLN C 61 4.70 -4.36 -37.88
C GLN C 61 5.67 -3.81 -38.89
N ALA C 62 5.27 -2.72 -39.55
CA ALA C 62 6.15 -2.11 -40.53
C ALA C 62 7.41 -1.50 -39.85
N ILE C 63 7.23 -0.93 -38.65
CA ILE C 63 8.34 -0.43 -37.85
C ILE C 63 9.29 -1.56 -37.44
N LEU C 64 8.74 -2.69 -37.00
CA LEU C 64 9.53 -3.81 -36.59
C LEU C 64 10.33 -4.30 -37.77
N SER C 65 9.72 -4.29 -38.96
CA SER C 65 10.48 -4.63 -40.12
C SER C 65 11.67 -3.71 -40.38
N ARG C 66 11.66 -2.49 -39.89
CA ARG C 66 12.78 -1.57 -40.06
C ARG C 66 13.52 -1.30 -38.73
N ARG C 67 13.47 -2.26 -37.81
CA ARG C 67 13.99 -1.99 -36.45
C ARG C 67 15.48 -1.68 -36.46
N GLU C 68 16.27 -2.41 -37.25
CA GLU C 68 17.73 -2.16 -37.26
C GLU C 68 18.02 -0.74 -37.81
N GLN C 69 17.27 -0.35 -38.82
CA GLN C 69 17.39 1.00 -39.38
C GLN C 69 16.98 2.07 -38.36
N LEU C 70 15.91 1.85 -37.64
CA LEU C 70 15.50 2.75 -36.60
C LEU C 70 16.57 2.86 -35.51
N THR C 71 17.12 1.72 -35.12
CA THR C 71 18.10 1.67 -34.08
C THR C 71 19.31 2.47 -34.49
N GLU C 72 19.80 2.25 -35.70
CA GLU C 72 20.93 2.98 -36.20
C GLU C 72 20.69 4.51 -36.28
N ALA C 73 19.51 4.92 -36.77
CA ALA C 73 19.15 6.35 -36.79
C ALA C 73 19.17 6.95 -35.38
N LEU C 74 18.61 6.22 -34.41
CA LEU C 74 18.46 6.76 -33.06
C LEU C 74 19.78 6.71 -32.32
N VAL C 75 20.63 5.71 -32.63
CA VAL C 75 22.02 5.73 -32.14
C VAL C 75 22.79 6.98 -32.61
N ASN C 76 22.68 7.31 -33.89
CA ASN C 76 23.31 8.51 -34.39
C ASN C 76 22.70 9.77 -33.77
N ASP C 77 21.38 9.81 -33.59
CA ASP C 77 20.73 10.97 -32.96
C ASP C 77 21.19 11.24 -31.54
N THR C 78 21.36 10.18 -30.76
CA THR C 78 21.54 10.32 -29.33
C THR C 78 23.00 10.00 -28.85
N GLY C 79 23.78 9.31 -29.68
CA GLY C 79 25.13 8.90 -29.31
C GLY C 79 25.20 7.71 -28.41
N ARG C 80 24.08 7.04 -28.18
CA ARG C 80 24.08 5.90 -27.29
C ARG C 80 23.21 4.76 -27.78
N LEU C 81 23.53 3.57 -27.27
CA LEU C 81 22.91 2.33 -27.75
C LEU C 81 21.92 1.73 -26.77
N SER C 82 22.37 1.42 -25.55
CA SER C 82 21.44 0.72 -24.64
C SER C 82 20.11 1.45 -24.36
N ILE C 83 20.18 2.77 -24.16
CA ILE C 83 18.97 3.57 -23.98
C ILE C 83 18.15 3.66 -25.29
N THR C 84 18.82 3.54 -26.42
CA THR C 84 18.14 3.46 -27.70
C THR C 84 17.27 2.21 -27.83
N VAL C 85 17.80 1.05 -27.45
CA VAL C 85 17.04 -0.19 -27.43
C VAL C 85 15.80 -0.05 -26.53
N LEU C 86 16.01 0.53 -25.35
CA LEU C 86 14.93 0.79 -24.45
C LEU C 86 13.86 1.74 -24.97
N GLU C 87 14.26 2.82 -25.64
CA GLU C 87 13.28 3.73 -26.22
C GLU C 87 12.42 2.99 -27.21
N ILE C 88 13.04 2.20 -28.09
CA ILE C 88 12.28 1.45 -29.10
C ILE C 88 11.29 0.48 -28.42
N ASP C 89 11.78 -0.31 -27.43
CA ASP C 89 10.93 -1.28 -26.74
C ASP C 89 9.78 -0.51 -26.05
N SER C 90 10.10 0.64 -25.47
CA SER C 90 9.06 1.43 -24.77
C SER C 90 8.00 1.97 -25.71
N PHE C 91 8.43 2.47 -26.86
CA PHE C 91 7.51 2.91 -27.89
C PHE C 91 6.58 1.80 -28.35
N LEU C 92 7.16 0.64 -28.65
CA LEU C 92 6.32 -0.45 -29.15
C LEU C 92 5.34 -0.96 -28.08
N ALA C 93 5.82 -1.08 -26.83
CA ALA C 93 4.98 -1.42 -25.70
C ALA C 93 3.86 -0.41 -25.51
N SER C 94 4.15 0.87 -25.75
CA SER C 94 3.14 1.89 -25.61
C SER C 94 2.02 1.70 -26.65
N ILE C 95 2.39 1.30 -27.87
CA ILE C 95 1.40 1.14 -28.91
C ILE C 95 0.47 0.04 -28.44
N ASP C 96 1.02 -1.08 -27.97
CA ASP C 96 0.18 -2.19 -27.55
C ASP C 96 -0.68 -1.85 -26.34
N ARG C 97 -0.14 -1.11 -25.35
CA ARG C 97 -0.89 -0.76 -24.13
CA ARG C 97 -0.91 -0.78 -24.14
C ARG C 97 -2.09 0.11 -24.49
N TRP C 98 -1.84 1.19 -25.25
CA TRP C 98 -2.90 2.09 -25.69
C TRP C 98 -3.93 1.40 -26.56
N CYS C 99 -3.51 0.54 -27.47
CA CYS C 99 -4.48 -0.23 -28.26
C CYS C 99 -5.37 -1.11 -27.37
N GLY C 100 -4.80 -1.68 -26.31
CA GLY C 100 -5.60 -2.52 -25.43
C GLY C 100 -6.62 -1.75 -24.62
N LEU C 101 -6.29 -0.52 -24.23
CA LEU C 101 -7.15 0.30 -23.39
C LEU C 101 -8.19 1.09 -24.14
N ALA C 102 -7.88 1.50 -25.35
CA ALA C 102 -8.71 2.43 -26.11
C ALA C 102 -10.20 2.06 -26.28
N PRO C 103 -10.53 0.82 -26.60
CA PRO C 103 -11.93 0.53 -26.83
C PRO C 103 -12.81 0.85 -25.60
N GLU C 104 -12.38 0.41 -24.42
CA GLU C 104 -13.17 0.62 -23.23
C GLU C 104 -13.18 2.09 -22.84
N LEU C 105 -12.06 2.79 -22.99
CA LEU C 105 -12.04 4.23 -22.73
C LEU C 105 -12.96 5.04 -23.64
N LEU C 106 -13.20 4.60 -24.88
CA LEU C 106 -14.01 5.37 -25.82
C LEU C 106 -15.45 4.93 -25.88
N GLN C 107 -15.83 4.07 -24.94
CA GLN C 107 -17.14 3.44 -24.91
C GLN C 107 -18.18 4.47 -24.49
N THR C 108 -19.26 4.57 -25.27
CA THR C 108 -20.39 5.46 -25.00
C THR C 108 -21.39 4.68 -24.21
N SER C 109 -22.20 5.42 -23.48
CA SER C 109 -23.22 4.80 -22.67
C SER C 109 -24.51 5.60 -22.82
N ALA C 110 -25.59 4.97 -22.37
CA ALA C 110 -26.91 5.57 -22.27
C ALA C 110 -27.37 5.38 -20.83
N LYS C 111 -27.89 6.43 -20.22
CA LYS C 111 -28.22 6.44 -18.82
C LYS C 111 -29.58 7.07 -18.60
N ASN C 112 -30.18 6.74 -17.47
CA ASN C 112 -31.29 7.51 -16.96
C ASN C 112 -30.75 8.72 -16.27
N THR C 113 -31.64 9.66 -15.97
CA THR C 113 -31.28 10.88 -15.24
C THR C 113 -32.21 10.95 -14.04
N SER C 114 -32.13 12.04 -13.29
CA SER C 114 -33.01 12.25 -12.15
C SER C 114 -34.39 12.83 -12.54
N ILE C 115 -34.63 13.06 -13.84
CA ILE C 115 -35.96 13.39 -14.36
C ILE C 115 -36.40 12.19 -15.22
N PRO C 116 -37.55 11.57 -14.89
CA PRO C 116 -37.85 10.27 -15.53
C PRO C 116 -38.09 10.34 -17.04
N PHE C 117 -38.50 11.48 -17.55
CA PHE C 117 -38.75 11.57 -18.98
C PHE C 117 -37.55 12.13 -19.75
N ILE C 118 -36.42 12.31 -19.07
CA ILE C 118 -35.17 12.69 -19.75
C ILE C 118 -34.09 11.60 -19.66
N ALA C 119 -33.62 11.16 -20.83
CA ALA C 119 -32.57 10.17 -20.94
C ALA C 119 -31.28 10.85 -21.41
N LEU C 120 -30.15 10.23 -21.11
CA LEU C 120 -28.86 10.84 -21.41
C LEU C 120 -28.05 9.90 -22.26
N GLN C 121 -27.57 10.35 -23.41
CA GLN C 121 -26.52 9.64 -24.14
C GLN C 121 -25.28 10.55 -24.14
N GLN C 122 -24.13 9.96 -24.39
CA GLN C 122 -22.86 10.65 -24.23
C GLN C 122 -22.02 10.22 -25.45
N SER C 123 -21.36 11.16 -26.12
CA SER C 123 -20.38 10.79 -27.12
C SER C 123 -19.06 11.54 -26.88
N LEU C 124 -18.04 11.17 -27.65
CA LEU C 124 -16.68 11.72 -27.53
C LEU C 124 -16.21 12.13 -28.92
N VAL C 125 -15.88 13.40 -29.10
CA VAL C 125 -15.54 13.94 -30.42
C VAL C 125 -14.10 14.44 -30.43
N PRO C 126 -13.22 13.86 -31.26
CA PRO C 126 -11.81 14.28 -31.19
C PRO C 126 -11.55 15.69 -31.69
N TYR C 127 -10.54 16.35 -31.15
CA TYR C 127 -10.00 17.54 -31.81
C TYR C 127 -9.45 17.10 -33.14
N PRO C 128 -9.81 17.81 -34.20
CA PRO C 128 -9.45 17.24 -35.52
C PRO C 128 -7.95 17.21 -35.82
N LEU C 129 -7.22 18.23 -35.41
CA LEU C 129 -5.78 18.33 -35.66
C LEU C 129 -5.00 18.73 -34.41
N VAL C 130 -4.18 17.82 -33.94
CA VAL C 130 -3.29 18.04 -32.81
C VAL C 130 -1.86 18.26 -33.27
N GLY C 131 -1.20 19.27 -32.73
CA GLY C 131 0.22 19.51 -32.98
C GLY C 131 1.07 19.07 -31.81
N VAL C 132 2.13 18.31 -32.11
CA VAL C 132 3.12 17.87 -31.14
C VAL C 132 4.48 18.42 -31.45
N ILE C 133 5.08 19.07 -30.45
CA ILE C 133 6.45 19.60 -30.58
C ILE C 133 7.25 18.92 -29.48
N SER C 134 8.27 18.15 -29.87
CA SER C 134 8.91 17.21 -28.92
C SER C 134 10.42 17.43 -28.88
N PRO C 135 11.10 16.97 -27.80
CA PRO C 135 12.51 17.36 -27.59
C PRO C 135 13.53 16.32 -28.04
N TRP C 136 14.79 16.70 -27.94
CA TRP C 136 15.89 15.92 -28.54
C TRP C 136 16.41 14.83 -27.61
N ASN C 137 16.01 14.84 -26.33
CA ASN C 137 16.74 13.97 -25.35
C ASN C 137 16.29 12.51 -25.33
N PHE C 138 15.00 12.27 -25.58
CA PHE C 138 14.50 10.92 -25.84
C PHE C 138 13.62 11.09 -27.08
N PRO C 139 14.24 11.21 -28.24
CA PRO C 139 13.54 11.74 -29.40
C PRO C 139 12.38 10.84 -29.84
N LEU C 140 12.52 9.51 -29.71
CA LEU C 140 11.47 8.59 -30.21
C LEU C 140 10.34 8.60 -29.23
N THR C 141 10.64 8.30 -27.97
CA THR C 141 9.54 8.10 -27.05
C THR C 141 8.79 9.40 -26.81
N LEU C 142 9.48 10.53 -26.76
CA LEU C 142 8.77 11.73 -26.45
C LEU C 142 8.10 12.37 -27.67
N SER C 143 8.44 11.95 -28.90
CA SER C 143 7.68 12.36 -30.08
C SER C 143 6.37 11.61 -30.14
N MSE C 144 6.32 10.42 -29.54
CA MSE C 144 5.20 9.52 -29.69
C MSE C 144 4.32 9.38 -28.44
O MSE C 144 3.23 8.80 -28.50
CB MSE C 144 5.72 8.15 -30.08
CG MSE C 144 6.44 8.11 -31.42
SE MSE C 144 5.10 8.39 -32.82
CE MSE C 144 5.65 10.05 -33.43
N ILE C 145 4.75 9.91 -27.30
CA ILE C 145 4.03 9.69 -26.04
C ILE C 145 2.61 10.27 -26.06
N ASP C 146 2.39 11.45 -26.65
CA ASP C 146 1.03 11.98 -26.83
C ASP C 146 0.38 11.58 -28.20
N THR C 147 1.22 11.40 -29.21
CA THR C 147 0.77 11.12 -30.59
C THR C 147 -0.09 9.88 -30.64
N ILE C 148 0.37 8.81 -29.97
CA ILE C 148 -0.33 7.54 -30.02
C ILE C 148 -1.75 7.62 -29.46
N PRO C 149 -1.97 8.08 -28.20
CA PRO C 149 -3.34 8.20 -27.72
C PRO C 149 -4.19 9.20 -28.56
N ALA C 150 -3.60 10.31 -28.98
CA ALA C 150 -4.33 11.19 -29.85
C ALA C 150 -4.82 10.53 -31.14
N LEU C 151 -3.97 9.74 -31.78
CA LEU C 151 -4.37 9.08 -32.99
C LEU C 151 -5.51 8.12 -32.70
N LEU C 152 -5.40 7.34 -31.60
CA LEU C 152 -6.43 6.39 -31.24
C LEU C 152 -7.76 7.06 -30.89
N ALA C 153 -7.72 8.30 -30.39
CA ALA C 153 -8.93 9.06 -30.13
C ALA C 153 -9.68 9.49 -31.39
N GLY C 154 -9.00 9.45 -32.54
CA GLY C 154 -9.58 9.88 -33.79
C GLY C 154 -9.00 11.18 -34.32
N CYS C 155 -7.96 11.69 -33.66
CA CYS C 155 -7.29 12.92 -34.11
C CYS C 155 -6.30 12.65 -35.22
N ALA C 156 -6.12 13.64 -36.09
CA ALA C 156 -4.98 13.70 -36.92
C ALA C 156 -3.92 14.40 -36.10
N VAL C 157 -2.66 14.05 -36.37
CA VAL C 157 -1.53 14.63 -35.63
C VAL C 157 -0.43 15.02 -36.52
N VAL C 158 0.05 16.24 -36.32
CA VAL C 158 1.30 16.70 -36.88
C VAL C 158 2.40 16.81 -35.83
N VAL C 159 3.48 16.05 -36.05
CA VAL C 159 4.58 15.92 -35.14
C VAL C 159 5.79 16.60 -35.68
N LYS C 160 6.31 17.55 -34.92
CA LYS C 160 7.58 18.24 -35.20
C LYS C 160 8.64 17.96 -34.13
N PRO C 161 9.49 16.98 -34.37
CA PRO C 161 10.56 16.71 -33.45
C PRO C 161 11.63 17.76 -33.54
N SER C 162 12.50 17.82 -32.54
CA SER C 162 13.62 18.76 -32.51
C SER C 162 14.57 18.54 -33.70
N GLU C 163 14.99 19.64 -34.32
CA GLU C 163 16.05 19.69 -35.32
C GLU C 163 17.38 19.14 -34.80
N ILE C 164 17.58 19.12 -33.48
CA ILE C 164 18.80 18.61 -32.89
C ILE C 164 18.90 17.08 -33.03
N ALA C 165 17.75 16.41 -33.16
CA ALA C 165 17.77 14.93 -33.20
C ALA C 165 16.65 14.34 -34.07
N PRO C 166 16.78 14.49 -35.38
CA PRO C 166 15.67 14.23 -36.26
C PRO C 166 15.76 12.95 -37.06
N ARG C 167 16.86 12.24 -36.95
CA ARG C 167 17.16 11.16 -37.91
C ARG C 167 16.22 9.95 -37.78
N PHE C 168 15.70 9.73 -36.59
CA PHE C 168 14.75 8.59 -36.37
C PHE C 168 13.45 8.69 -37.16
N VAL C 169 13.10 9.87 -37.66
CA VAL C 169 11.86 10.06 -38.40
C VAL C 169 11.85 9.24 -39.69
N ALA C 170 13.00 9.14 -40.33
CA ALA C 170 12.99 8.57 -41.68
C ALA C 170 12.53 7.11 -41.73
N PRO C 171 13.07 6.26 -40.84
CA PRO C 171 12.54 4.93 -40.82
C PRO C 171 11.11 4.87 -40.38
N LEU C 172 10.66 5.73 -39.46
CA LEU C 172 9.23 5.68 -39.10
C LEU C 172 8.34 6.02 -40.30
N LEU C 173 8.82 6.99 -41.08
CA LEU C 173 8.04 7.52 -42.16
C LEU C 173 7.94 6.52 -43.31
N MSE C 174 9.05 5.85 -43.62
CA MSE C 174 9.09 4.86 -44.68
C MSE C 174 8.19 3.71 -44.26
O MSE C 174 7.44 3.19 -45.07
CB MSE C 174 10.48 4.40 -44.99
CG MSE C 174 11.32 5.50 -45.65
SE MSE C 174 13.06 4.86 -46.29
CE MSE C 174 14.19 5.12 -44.74
N ALA C 175 8.17 3.37 -42.95
CA ALA C 175 7.18 2.39 -42.44
C ALA C 175 5.75 2.90 -42.56
N LEU C 176 5.53 4.16 -42.18
CA LEU C 176 4.20 4.79 -42.21
C LEU C 176 3.57 4.80 -43.60
N ASN C 177 4.39 5.05 -44.61
CA ASN C 177 3.88 5.18 -45.97
C ASN C 177 3.36 3.90 -46.55
N THR C 178 3.59 2.77 -45.89
CA THR C 178 2.98 1.51 -46.28
C THR C 178 1.59 1.27 -45.67
N VAL C 179 1.10 2.20 -44.84
CA VAL C 179 -0.14 2.05 -44.09
C VAL C 179 -1.18 3.05 -44.57
N PRO C 180 -2.10 2.61 -45.41
CA PRO C 180 -3.04 3.48 -46.08
C PRO C 180 -3.92 4.35 -45.21
N GLU C 181 -4.39 3.87 -44.09
CA GLU C 181 -5.33 4.74 -43.40
C GLU C 181 -4.61 5.75 -42.46
N LEU C 182 -3.38 5.51 -42.17
CA LEU C 182 -2.68 6.28 -41.17
C LEU C 182 -1.84 7.35 -41.80
N ARG C 183 -1.38 7.09 -43.02
CA ARG C 183 -0.36 7.88 -43.61
C ARG C 183 -0.84 9.26 -43.99
N ASP C 184 -2.15 9.47 -44.02
CA ASP C 184 -2.65 10.80 -44.35
C ASP C 184 -3.03 11.56 -43.07
N VAL C 185 -3.07 10.89 -41.92
CA VAL C 185 -3.41 11.59 -40.65
C VAL C 185 -2.30 11.75 -39.65
N LEU C 186 -1.19 11.07 -39.86
CA LEU C 186 -0.03 11.25 -39.04
C LEU C 186 1.01 11.86 -39.92
N ILE C 187 1.38 13.10 -39.59
CA ILE C 187 2.24 13.87 -40.47
C ILE C 187 3.50 14.23 -39.71
N PHE C 188 4.66 13.87 -40.22
CA PHE C 188 5.90 14.36 -39.58
C PHE C 188 6.42 15.56 -40.32
N VAL C 189 6.80 16.58 -39.59
CA VAL C 189 7.36 17.78 -40.19
C VAL C 189 8.72 17.98 -39.54
N GLU C 190 9.74 18.20 -40.33
CA GLU C 190 11.07 18.43 -39.81
C GLU C 190 11.38 19.90 -39.88
N GLY C 191 11.96 20.45 -38.82
CA GLY C 191 12.37 21.84 -38.79
C GLY C 191 12.72 22.32 -37.40
N GLY C 192 13.09 23.59 -37.30
CA GLY C 192 13.50 24.17 -36.04
C GLY C 192 12.38 24.85 -35.31
N GLY C 193 12.76 25.72 -34.38
CA GLY C 193 11.83 26.51 -33.60
C GLY C 193 10.87 27.38 -34.42
N GLU C 194 11.33 27.90 -35.54
CA GLU C 194 10.43 28.68 -36.36
C GLU C 194 9.31 27.81 -36.92
N THR C 195 9.64 26.60 -37.35
CA THR C 195 8.63 25.70 -37.89
C THR C 195 7.64 25.36 -36.76
N GLY C 196 8.17 25.11 -35.56
CA GLY C 196 7.32 24.88 -34.38
C GLY C 196 6.29 25.97 -34.13
N ALA C 197 6.76 27.21 -34.17
CA ALA C 197 5.87 28.36 -33.97
C ALA C 197 4.81 28.45 -35.02
N ASN C 198 5.17 28.14 -36.27
CA ASN C 198 4.20 28.24 -37.34
C ASN C 198 3.12 27.17 -37.21
N LEU C 199 3.55 25.99 -36.83
CA LEU C 199 2.67 24.87 -36.66
C LEU C 199 1.56 25.20 -35.66
N ILE C 200 1.91 25.90 -34.59
CA ILE C 200 0.91 26.25 -33.60
C ILE C 200 -0.22 27.10 -34.15
N ASN C 201 0.02 27.91 -35.17
CA ASN C 201 -1.10 28.60 -35.85
C ASN C 201 -2.12 27.76 -36.61
N TYR C 202 -1.86 26.49 -36.89
CA TYR C 202 -2.74 25.70 -37.74
C TYR C 202 -3.50 24.60 -37.01
N VAL C 203 -3.15 24.34 -35.74
CA VAL C 203 -3.69 23.18 -35.03
C VAL C 203 -4.84 23.54 -34.06
N ASP C 204 -5.64 22.56 -33.67
CA ASP C 204 -6.76 22.75 -32.74
C ASP C 204 -6.33 22.50 -31.28
N PHE C 205 -5.13 22.02 -31.08
CA PHE C 205 -4.65 21.53 -29.77
C PHE C 205 -3.16 21.43 -29.88
N VAL C 206 -2.41 21.92 -28.90
CA VAL C 206 -0.98 21.80 -28.94
C VAL C 206 -0.35 21.08 -27.72
N CYS C 207 0.52 20.12 -28.00
CA CYS C 207 1.39 19.49 -26.96
C CYS C 207 2.81 19.95 -27.16
N PHE C 208 3.37 20.58 -26.13
CA PHE C 208 4.76 21.05 -26.17
C PHE C 208 5.56 20.54 -24.98
N THR C 209 6.72 19.98 -25.28
CA THR C 209 7.71 19.58 -24.28
C THR C 209 9.03 20.25 -24.58
N GLY C 210 9.62 20.90 -23.56
CA GLY C 210 10.87 21.65 -23.76
C GLY C 210 11.15 22.58 -22.61
N SER C 211 11.85 23.67 -22.88
CA SER C 211 12.28 24.57 -21.84
C SER C 211 11.12 25.41 -21.29
N VAL C 212 11.29 25.87 -20.06
CA VAL C 212 10.25 26.66 -19.42
C VAL C 212 10.03 27.98 -20.19
N ALA C 213 11.10 28.65 -20.58
CA ALA C 213 10.96 29.86 -21.42
C ALA C 213 10.12 29.65 -22.70
N THR C 214 10.41 28.63 -23.49
CA THR C 214 9.67 28.42 -24.72
C THR C 214 8.23 27.98 -24.42
N GLY C 215 8.08 27.15 -23.40
CA GLY C 215 6.78 26.64 -23.01
C GLY C 215 5.84 27.76 -22.57
N ARG C 216 6.41 28.75 -21.91
CA ARG C 216 5.59 29.88 -21.49
C ARG C 216 5.17 30.71 -22.74
N GLU C 217 6.02 30.75 -23.76
CA GLU C 217 5.61 31.41 -25.05
C GLU C 217 4.50 30.60 -25.70
N VAL C 218 4.60 29.27 -25.64
CA VAL C 218 3.56 28.42 -26.18
C VAL C 218 2.26 28.60 -25.41
N ALA C 219 2.31 28.66 -24.08
CA ALA C 219 1.07 28.89 -23.32
C ALA C 219 0.33 30.16 -23.79
N GLU C 220 1.09 31.23 -23.96
CA GLU C 220 0.54 32.51 -24.32
C GLU C 220 0.02 32.47 -25.74
N THR C 221 0.71 31.76 -26.64
CA THR C 221 0.21 31.69 -28.05
C THR C 221 -1.06 30.89 -28.09
N ALA C 222 -1.09 29.80 -27.36
CA ALA C 222 -2.27 28.96 -27.35
C ALA C 222 -3.49 29.71 -26.80
N ALA C 223 -3.27 30.49 -25.74
CA ALA C 223 -4.34 31.30 -25.20
C ALA C 223 -4.79 32.36 -26.19
N ARG C 224 -3.85 32.98 -26.89
CA ARG C 224 -4.27 33.97 -27.93
C ARG C 224 -5.03 33.33 -29.08
N ARG C 225 -4.68 32.11 -29.47
CA ARG C 225 -5.44 31.39 -30.49
C ARG C 225 -6.74 30.76 -29.95
N PHE C 226 -6.84 30.64 -28.61
CA PHE C 226 -7.96 29.99 -27.92
C PHE C 226 -8.06 28.51 -28.23
N ILE C 227 -6.93 27.82 -28.05
CA ILE C 227 -6.86 26.38 -28.16
C ILE C 227 -6.26 25.79 -26.90
N PRO C 228 -6.58 24.54 -26.59
CA PRO C 228 -5.91 23.97 -25.45
C PRO C 228 -4.43 23.68 -25.68
N ALA C 229 -3.70 23.68 -24.56
CA ALA C 229 -2.31 23.38 -24.54
C ALA C 229 -1.98 22.41 -23.48
N TYR C 230 -1.24 21.36 -23.85
CA TYR C 230 -0.61 20.49 -22.88
C TYR C 230 0.88 20.76 -22.87
N LEU C 231 1.42 21.10 -21.70
CA LEU C 231 2.77 21.56 -21.60
C LEU C 231 3.58 20.79 -20.57
N GLU C 232 4.78 20.38 -20.94
CA GLU C 232 5.74 19.77 -19.97
C GLU C 232 7.06 20.46 -20.11
N LEU C 233 7.44 21.24 -19.10
CA LEU C 233 8.48 22.25 -19.21
C LEU C 233 9.76 21.98 -18.40
N GLY C 234 9.94 20.74 -17.95
CA GLY C 234 11.19 20.36 -17.29
C GLY C 234 11.02 20.31 -15.78
N GLY C 235 12.11 20.02 -15.10
CA GLY C 235 12.06 19.74 -13.69
C GLY C 235 13.39 20.12 -13.09
N LYS C 236 13.38 20.25 -11.77
CA LYS C 236 14.64 20.29 -10.99
C LYS C 236 14.42 19.36 -9.79
N ASP C 237 14.26 18.08 -10.11
CA ASP C 237 13.71 17.11 -9.17
C ASP C 237 14.69 16.90 -8.03
N PRO C 238 14.22 17.06 -6.77
CA PRO C 238 15.11 16.84 -5.64
C PRO C 238 14.93 15.45 -5.05
N ALA C 239 15.98 14.94 -4.43
CA ALA C 239 15.95 13.78 -3.59
C ALA C 239 16.28 14.17 -2.16
N ILE C 240 15.46 13.68 -1.23
CA ILE C 240 15.67 13.87 0.20
C ILE C 240 16.02 12.52 0.84
N VAL C 241 17.15 12.50 1.55
CA VAL C 241 17.66 11.29 2.21
C VAL C 241 17.64 11.55 3.73
N LEU C 242 16.68 10.93 4.39
CA LEU C 242 16.50 11.11 5.81
C LEU C 242 17.50 10.28 6.57
N GLU C 243 17.67 10.63 7.86
CA GLU C 243 18.66 10.01 8.71
C GLU C 243 18.52 8.50 8.79
N SER C 244 17.31 7.98 8.69
CA SER C 244 17.05 6.55 8.83
C SER C 244 17.16 5.77 7.51
N ALA C 245 17.52 6.43 6.42
CA ALA C 245 17.52 5.78 5.14
C ALA C 245 18.55 4.67 4.98
N ASN C 246 18.25 3.72 4.11
CA ASN C 246 19.25 2.74 3.67
C ASN C 246 20.17 3.41 2.64
N LEU C 247 21.41 3.67 3.04
CA LEU C 247 22.27 4.54 2.28
C LEU C 247 22.83 3.80 1.08
N GLU C 248 23.07 2.52 1.20
CA GLU C 248 23.53 1.68 0.11
C GLU C 248 22.55 1.67 -1.07
N LEU C 249 21.26 1.57 -0.77
CA LEU C 249 20.22 1.70 -1.80
C LEU C 249 20.07 3.15 -2.29
N ALA C 250 20.05 4.12 -1.37
CA ALA C 250 19.84 5.50 -1.78
C ALA C 250 20.99 6.05 -2.65
N THR C 251 22.23 5.70 -2.35
CA THR C 251 23.32 6.14 -3.21
C THR C 251 23.21 5.54 -4.61
N SER C 252 22.82 4.28 -4.70
CA SER C 252 22.71 3.65 -6.03
C SER C 252 21.55 4.21 -6.86
N ALA C 253 20.40 4.39 -6.21
CA ALA C 253 19.18 4.94 -6.80
C ALA C 253 19.40 6.39 -7.28
N ILE C 254 20.03 7.18 -6.44
CA ILE C 254 20.30 8.57 -6.75
C ILE C 254 21.34 8.69 -7.87
N LEU C 255 22.43 7.92 -7.82
CA LEU C 255 23.35 7.88 -8.93
C LEU C 255 22.63 7.62 -10.24
N TRP C 256 21.86 6.54 -10.29
CA TRP C 256 21.16 6.20 -11.48
C TRP C 256 20.24 7.34 -11.92
N GLY C 257 19.45 7.89 -10.99
CA GLY C 257 18.44 8.86 -11.34
C GLY C 257 19.03 10.15 -11.83
N ALA C 258 20.23 10.48 -11.33
CA ALA C 258 20.93 11.69 -11.72
C ALA C 258 21.70 11.57 -13.01
N VAL C 259 22.10 10.37 -13.40
CA VAL C 259 23.08 10.23 -14.50
C VAL C 259 22.61 9.44 -15.72
N VAL C 260 21.46 8.78 -15.63
CA VAL C 260 20.98 7.99 -16.72
C VAL C 260 20.66 8.97 -17.87
N ASN C 261 20.95 8.55 -19.11
CA ASN C 261 20.92 9.44 -20.31
C ASN C 261 21.82 10.63 -20.11
N THR C 262 22.88 10.45 -19.32
CA THR C 262 23.80 11.53 -18.96
C THR C 262 23.07 12.71 -18.31
N GLY C 263 21.96 12.44 -17.63
CA GLY C 263 21.26 13.45 -16.91
C GLY C 263 20.38 14.35 -17.78
N GLN C 264 20.26 14.00 -19.04
CA GLN C 264 19.51 14.77 -20.01
C GLN C 264 18.05 14.24 -20.00
N SER C 265 17.35 14.63 -18.96
CA SER C 265 16.03 14.22 -18.73
C SER C 265 15.34 15.19 -17.78
N CYS C 266 14.08 15.52 -18.11
CA CYS C 266 13.10 16.20 -17.23
C CYS C 266 13.04 15.50 -15.85
N LEU C 267 13.25 14.19 -15.84
CA LEU C 267 13.14 13.33 -14.63
C LEU C 267 14.44 13.05 -13.90
N SER C 268 15.49 13.76 -14.27
CA SER C 268 16.78 13.53 -13.68
C SER C 268 16.75 14.09 -12.25
N ILE C 269 17.40 13.42 -11.30
CA ILE C 269 17.58 13.99 -9.96
C ILE C 269 18.66 15.05 -10.15
N GLU C 270 18.35 16.27 -9.77
CA GLU C 270 19.24 17.39 -9.94
C GLU C 270 19.72 18.08 -8.67
N ARG C 271 19.14 17.72 -7.54
CA ARG C 271 19.42 18.38 -6.28
C ARG C 271 19.31 17.27 -5.25
N ILE C 272 20.25 17.18 -4.32
CA ILE C 272 20.22 16.08 -3.34
C ILE C 272 20.44 16.68 -1.93
N TYR C 273 19.49 16.39 -1.04
CA TYR C 273 19.46 16.91 0.35
C TYR C 273 19.61 15.70 1.31
N VAL C 274 20.61 15.71 2.19
CA VAL C 274 20.91 14.53 3.04
C VAL C 274 20.98 14.99 4.52
N ALA C 275 20.39 14.21 5.41
CA ALA C 275 20.46 14.50 6.84
C ALA C 275 21.93 14.78 7.26
N GLU C 276 22.20 15.83 8.04
CA GLU C 276 23.60 16.21 8.36
C GLU C 276 24.45 15.08 8.95
N SER C 277 23.86 14.27 9.82
CA SER C 277 24.59 13.15 10.43
C SER C 277 24.99 12.03 9.45
N LYS C 278 24.37 11.97 8.28
CA LYS C 278 24.72 10.95 7.26
C LYS C 278 25.39 11.54 6.04
N PHE C 279 25.56 12.86 6.03
CA PHE C 279 25.98 13.57 4.79
C PHE C 279 27.35 13.10 4.30
N GLU C 280 28.33 13.07 5.21
CA GLU C 280 29.69 12.68 4.88
C GLU C 280 29.72 11.25 4.32
N GLU C 281 29.08 10.33 5.02
CA GLU C 281 29.01 8.94 4.58
C GLU C 281 28.34 8.79 3.26
N PHE C 282 27.24 9.50 3.09
CA PHE C 282 26.50 9.42 1.87
C PHE C 282 27.34 9.91 0.71
N TYR C 283 27.96 11.09 0.82
CA TYR C 283 28.56 11.62 -0.40
C TYR C 283 29.81 10.90 -0.80
N HIS C 284 30.56 10.36 0.19
CA HIS C 284 31.69 9.51 -0.12
C HIS C 284 31.30 8.24 -0.84
N GLN C 285 30.20 7.62 -0.40
CA GLN C 285 29.72 6.43 -1.09
C GLN C 285 29.25 6.76 -2.50
N LEU C 286 28.60 7.90 -2.64
CA LEU C 286 28.19 8.32 -3.97
C LEU C 286 29.37 8.45 -4.93
N ILE C 287 30.43 9.09 -4.47
CA ILE C 287 31.62 9.24 -5.27
C ILE C 287 32.18 7.90 -5.68
N ALA C 288 32.27 6.96 -4.72
CA ALA C 288 32.85 5.67 -5.00
C ALA C 288 32.11 4.98 -6.10
N LYS C 289 30.78 5.07 -6.06
CA LYS C 289 29.97 4.45 -7.06
C LYS C 289 30.01 5.19 -8.41
N ALA C 290 30.13 6.52 -8.36
CA ALA C 290 30.25 7.33 -9.56
C ALA C 290 31.52 6.97 -10.35
N HIS C 291 32.62 6.73 -9.64
CA HIS C 291 33.92 6.39 -10.23
C HIS C 291 33.85 5.09 -11.03
N ARG C 292 32.89 4.21 -10.74
CA ARG C 292 32.75 2.95 -11.46
C ARG C 292 32.06 3.05 -12.81
N LEU C 293 31.41 4.15 -13.10
CA LEU C 293 30.65 4.24 -14.34
C LEU C 293 31.51 4.53 -15.59
N GLN C 294 31.10 3.97 -16.72
CA GLN C 294 31.90 4.00 -17.95
CA GLN C 294 31.88 4.04 -17.97
C GLN C 294 31.27 4.98 -18.96
N LEU C 295 32.07 5.83 -19.59
CA LEU C 295 31.55 6.58 -20.71
C LEU C 295 31.37 5.65 -21.95
N ALA C 296 30.43 5.98 -22.83
CA ALA C 296 30.24 5.23 -24.06
C ALA C 296 31.27 5.68 -25.10
N TYR C 297 32.56 5.59 -24.71
CA TYR C 297 33.72 6.13 -25.49
C TYR C 297 34.88 5.11 -25.32
N PRO C 298 35.57 4.74 -26.38
CA PRO C 298 35.46 5.21 -27.78
C PRO C 298 34.25 4.74 -28.58
N LEU C 299 33.66 3.62 -28.18
CA LEU C 299 32.58 3.02 -28.94
C LEU C 299 31.28 3.05 -28.13
N VAL C 300 30.14 3.13 -28.85
CA VAL C 300 28.81 3.12 -28.23
C VAL C 300 28.56 1.93 -27.33
N GLU C 301 29.21 0.81 -27.61
CA GLU C 301 29.14 -0.42 -26.79
C GLU C 301 29.91 -0.32 -25.46
N ASP C 302 30.87 0.59 -25.34
CA ASP C 302 31.75 0.67 -24.16
C ASP C 302 31.09 1.15 -22.83
N GLY C 303 29.86 1.64 -22.81
CA GLY C 303 29.30 2.18 -21.55
C GLY C 303 27.91 2.75 -21.80
N ALA C 304 27.17 3.03 -20.74
CA ALA C 304 25.80 3.53 -20.94
C ALA C 304 25.68 5.07 -20.97
N ILE C 305 26.75 5.79 -20.49
CA ILE C 305 26.80 7.26 -20.44
C ILE C 305 27.30 7.86 -21.76
N GLY C 306 26.36 8.29 -22.58
CA GLY C 306 26.68 8.89 -23.84
C GLY C 306 27.11 10.35 -23.76
N PRO C 307 27.33 10.93 -24.91
CA PRO C 307 27.73 12.35 -24.96
C PRO C 307 26.57 13.28 -24.62
N ILE C 308 26.88 14.57 -24.41
CA ILE C 308 25.88 15.59 -24.29
C ILE C 308 25.39 15.83 -25.71
N ILE C 309 24.11 15.69 -25.97
CA ILE C 309 23.59 15.66 -27.33
C ILE C 309 23.62 17.04 -27.99
N ALA C 310 23.22 18.08 -27.26
CA ALA C 310 23.10 19.45 -27.82
C ALA C 310 24.24 20.27 -27.37
N GLU C 311 24.90 20.94 -28.29
CA GLU C 311 26.05 21.80 -27.97
C GLU C 311 25.63 22.93 -27.03
N LYS C 312 24.42 23.43 -27.19
CA LYS C 312 23.92 24.46 -26.27
C LYS C 312 23.78 23.95 -24.82
N GLN C 313 23.36 22.69 -24.65
CA GLN C 313 23.28 22.12 -23.32
C GLN C 313 24.64 21.90 -22.72
N ALA C 314 25.59 21.49 -23.55
CA ALA C 314 26.97 21.38 -23.06
C ALA C 314 27.47 22.67 -22.48
N GLY C 315 27.21 23.77 -23.17
CA GLY C 315 27.54 25.10 -22.66
C GLY C 315 26.83 25.44 -21.34
N ILE C 316 25.57 25.08 -21.20
CA ILE C 316 24.80 25.32 -19.95
C ILE C 316 25.40 24.52 -18.79
N ILE C 317 25.67 23.25 -19.05
CA ILE C 317 26.29 22.38 -18.00
C ILE C 317 27.62 22.96 -17.57
N ASN C 318 28.45 23.34 -18.53
CA ASN C 318 29.73 24.00 -18.25
C ASN C 318 29.57 25.25 -17.40
N ASP C 319 28.61 26.09 -17.78
CA ASP C 319 28.36 27.33 -17.03
C ASP C 319 27.90 27.08 -15.57
N HIS C 320 27.08 26.06 -15.39
CA HIS C 320 26.61 25.69 -14.04
C HIS C 320 27.73 25.22 -13.15
N ILE C 321 28.64 24.41 -13.71
CA ILE C 321 29.80 23.95 -12.97
C ILE C 321 30.71 25.13 -12.63
N LEU C 322 31.01 25.97 -13.61
CA LEU C 322 31.89 27.15 -13.39
C LEU C 322 31.28 28.10 -12.35
N ASP C 323 29.98 28.38 -12.47
CA ASP C 323 29.27 29.24 -11.51
C ASP C 323 29.34 28.65 -10.09
N ALA C 324 29.13 27.34 -9.98
CA ALA C 324 29.17 26.72 -8.66
C ALA C 324 30.59 26.86 -8.02
N VAL C 325 31.62 26.54 -8.79
CA VAL C 325 33.00 26.66 -8.31
C VAL C 325 33.32 28.10 -7.89
N GLU C 326 32.89 29.10 -8.69
CA GLU C 326 33.12 30.49 -8.35
C GLU C 326 32.52 30.84 -7.04
N LYS C 327 31.37 30.23 -6.72
CA LYS C 327 30.69 30.54 -5.47
C LYS C 327 31.07 29.59 -4.33
N GLY C 328 32.13 28.82 -4.51
CA GLY C 328 32.68 28.02 -3.43
C GLY C 328 32.47 26.50 -3.44
N ALA C 329 31.84 25.95 -4.45
CA ALA C 329 31.55 24.55 -4.47
C ALA C 329 32.83 23.76 -4.62
N VAL C 330 32.85 22.57 -4.03
CA VAL C 330 33.96 21.64 -4.12
C VAL C 330 33.57 20.48 -5.00
N ILE C 331 34.30 20.33 -6.11
CA ILE C 331 34.13 19.20 -7.00
C ILE C 331 34.91 17.98 -6.56
N HIS C 332 34.24 16.85 -6.33
CA HIS C 332 34.94 15.65 -5.89
C HIS C 332 35.28 14.69 -7.00
N CYS C 333 34.52 14.71 -8.08
CA CYS C 333 34.83 13.86 -9.23
C CYS C 333 34.13 14.52 -10.41
N GLY C 334 34.56 14.18 -11.62
CA GLY C 334 33.97 14.71 -12.81
C GLY C 334 34.25 16.20 -12.86
N GLY C 335 33.23 17.00 -13.17
CA GLY C 335 33.37 18.44 -13.16
C GLY C 335 33.92 19.09 -14.43
N LYS C 336 34.00 18.37 -15.53
CA LYS C 336 34.63 18.89 -16.70
C LYS C 336 33.85 18.56 -17.98
N VAL C 337 33.38 19.59 -18.65
CA VAL C 337 32.80 19.37 -19.96
C VAL C 337 33.95 19.37 -20.94
N GLU C 338 34.12 18.28 -21.67
CA GLU C 338 35.31 18.12 -22.51
C GLU C 338 34.99 17.52 -23.87
N GLU C 339 35.81 17.83 -24.86
CA GLU C 339 35.68 17.30 -26.23
C GLU C 339 36.48 15.99 -26.41
N LEU C 340 35.82 14.92 -26.84
CA LEU C 340 36.45 13.66 -27.14
C LEU C 340 35.88 13.12 -28.42
N GLY C 341 36.74 12.85 -29.41
CA GLY C 341 36.32 12.36 -30.72
C GLY C 341 35.50 13.40 -31.46
N GLY C 342 35.54 14.64 -31.03
CA GLY C 342 34.68 15.69 -31.62
C GLY C 342 33.31 15.92 -30.97
N GLY C 343 32.93 15.08 -30.00
CA GLY C 343 31.74 15.28 -29.22
C GLY C 343 31.99 15.89 -27.84
N TRP C 344 30.95 16.45 -27.22
CA TRP C 344 30.99 16.92 -25.81
C TRP C 344 30.55 15.85 -24.80
N TRP C 345 31.36 15.67 -23.78
CA TRP C 345 31.14 14.68 -22.73
C TRP C 345 31.31 15.35 -21.36
N CYS C 346 30.60 14.82 -20.39
CA CYS C 346 30.80 15.19 -18.99
C CYS C 346 30.63 13.91 -18.18
N ARG C 347 31.57 13.69 -17.30
CA ARG C 347 31.50 12.54 -16.38
CA ARG C 347 31.49 12.55 -16.37
C ARG C 347 30.57 12.87 -15.19
N PRO C 348 30.02 11.82 -14.53
CA PRO C 348 29.26 11.95 -13.28
C PRO C 348 30.04 12.84 -12.34
N THR C 349 29.39 13.87 -11.81
CA THR C 349 30.06 14.92 -11.05
C THR C 349 29.39 15.07 -9.71
N VAL C 350 30.12 14.79 -8.63
CA VAL C 350 29.58 15.02 -7.30
C VAL C 350 30.19 16.29 -6.74
N MSE C 351 29.36 17.19 -6.23
CA MSE C 351 29.89 18.38 -5.61
C MSE C 351 29.21 18.69 -4.30
O MSE C 351 28.05 18.41 -4.11
CB MSE C 351 29.76 19.65 -6.52
CG MSE C 351 28.73 19.62 -7.54
SE MSE C 351 28.48 21.45 -8.36
CE MSE C 351 29.70 21.09 -9.73
N THR C 352 29.99 19.30 -3.42
CA THR C 352 29.51 19.70 -2.10
C THR C 352 29.88 21.17 -1.86
N ASN C 353 29.58 21.64 -0.64
CA ASN C 353 29.62 23.03 -0.30
C ASN C 353 28.79 23.88 -1.26
N VAL C 354 27.59 23.42 -1.52
CA VAL C 354 26.74 24.05 -2.53
C VAL C 354 25.57 24.73 -1.79
N ASN C 355 24.86 25.63 -2.47
CA ASN C 355 23.68 26.23 -1.89
C ASN C 355 22.82 26.80 -2.99
N HIS C 356 21.72 27.45 -2.59
CA HIS C 356 20.70 27.88 -3.55
C HIS C 356 21.02 29.22 -4.21
N SER C 357 22.17 29.81 -3.88
CA SER C 357 22.63 30.96 -4.66
C SER C 357 23.25 30.47 -5.99
N MSE C 358 23.48 29.17 -6.17
CA MSE C 358 24.11 28.67 -7.40
C MSE C 358 23.11 28.21 -8.45
O MSE C 358 22.13 27.52 -8.15
CB MSE C 358 25.05 27.52 -7.05
CG MSE C 358 26.06 27.90 -5.97
SE MSE C 358 26.93 26.24 -5.40
CE MSE C 358 28.21 27.12 -4.24
N LYS C 359 23.36 28.58 -9.69
CA LYS C 359 22.58 28.08 -10.81
C LYS C 359 22.34 26.58 -10.81
N VAL C 360 23.37 25.81 -10.49
CA VAL C 360 23.27 24.34 -10.48
C VAL C 360 22.21 23.80 -9.56
N MSE C 361 21.77 24.64 -8.62
CA MSE C 361 20.74 24.26 -7.71
C MSE C 361 19.43 24.89 -7.97
O MSE C 361 18.48 24.62 -7.28
CB MSE C 361 21.22 24.57 -6.29
CG MSE C 361 20.56 23.48 -5.54
SE MSE C 361 21.99 22.21 -5.13
CE MSE C 361 22.55 23.27 -3.67
N THR C 362 19.30 25.73 -8.98
CA THR C 362 18.07 26.41 -9.21
C THR C 362 17.61 26.32 -10.68
N GLU C 363 18.48 26.50 -11.65
CA GLU C 363 18.15 26.40 -13.05
C GLU C 363 18.34 24.98 -13.53
N GLU C 364 17.47 24.50 -14.40
CA GLU C 364 17.57 23.16 -14.95
C GLU C 364 18.93 22.94 -15.58
N THR C 365 19.63 21.86 -15.19
CA THR C 365 20.98 21.64 -15.71
C THR C 365 21.02 20.63 -16.87
N PHE C 366 20.23 19.54 -16.77
CA PHE C 366 20.17 18.52 -17.83
C PHE C 366 21.55 17.87 -18.08
N GLY C 367 22.32 17.65 -17.02
CA GLY C 367 23.63 17.04 -17.10
C GLY C 367 23.81 16.02 -15.93
N PRO C 368 24.96 15.37 -15.85
CA PRO C 368 25.13 14.30 -14.86
C PRO C 368 25.75 14.86 -13.56
N ILE C 369 25.08 15.85 -12.96
CA ILE C 369 25.64 16.62 -11.86
C ILE C 369 24.87 16.35 -10.60
N MSE C 370 25.58 16.14 -9.49
CA MSE C 370 24.98 15.74 -8.25
C MSE C 370 25.49 16.68 -7.17
O MSE C 370 26.52 16.41 -6.51
CB MSE C 370 25.40 14.33 -8.02
CG MSE C 370 24.67 13.30 -8.87
SE MSE C 370 25.43 11.53 -8.76
CE MSE C 370 27.05 11.88 -9.78
N PRO C 371 24.80 17.82 -7.00
CA PRO C 371 25.07 18.73 -5.93
C PRO C 371 24.35 18.25 -4.65
N VAL C 372 25.14 17.99 -3.59
CA VAL C 372 24.67 17.40 -2.33
C VAL C 372 24.83 18.39 -1.19
N MSE C 373 23.72 18.69 -0.52
CA MSE C 373 23.63 19.65 0.57
C MSE C 373 23.14 18.93 1.83
O MSE C 373 22.23 18.12 1.76
CB MSE C 373 22.68 20.65 0.02
CG MSE C 373 22.61 21.94 0.77
SE MSE C 373 21.54 23.30 -0.20
CE MSE C 373 21.80 24.46 1.34
N PRO C 374 23.75 19.20 3.00
CA PRO C 374 23.17 18.67 4.21
C PRO C 374 21.94 19.46 4.68
N PHE C 375 21.15 18.87 5.57
CA PHE C 375 20.14 19.62 6.30
C PHE C 375 20.10 19.28 7.80
N PRO C 376 19.76 20.27 8.66
CA PRO C 376 19.68 19.97 10.12
C PRO C 376 18.39 19.31 10.59
N ASP C 377 17.31 19.42 9.83
CA ASP C 377 16.04 18.82 10.23
C ASP C 377 15.10 18.75 9.03
N VAL C 378 14.09 17.93 9.17
CA VAL C 378 13.12 17.68 8.11
C VAL C 378 12.44 18.95 7.57
N GLU C 379 12.11 19.88 8.45
CA GLU C 379 11.45 21.10 8.01
C GLU C 379 12.35 21.86 7.03
N GLU C 380 13.64 21.89 7.29
CA GLU C 380 14.57 22.51 6.36
C GLU C 380 14.66 21.71 5.04
N ALA C 381 14.67 20.39 5.11
CA ALA C 381 14.71 19.58 3.88
C ALA C 381 13.49 19.87 2.96
N VAL C 382 12.33 20.00 3.59
CA VAL C 382 11.10 20.22 2.87
C VAL C 382 11.16 21.65 2.26
N TYR C 383 11.63 22.59 3.06
CA TYR C 383 11.83 23.96 2.59
C TYR C 383 12.75 23.98 1.38
N LEU C 384 13.89 23.35 1.48
CA LEU C 384 14.81 23.33 0.32
C LEU C 384 14.24 22.61 -0.93
N ALA C 385 13.66 21.44 -0.76
CA ALA C 385 13.06 20.69 -1.86
C ALA C 385 12.01 21.52 -2.60
N ASN C 386 11.26 22.32 -1.85
CA ASN C 386 10.19 23.11 -2.44
C ASN C 386 10.63 24.48 -2.90
N ASP C 387 11.90 24.83 -2.68
CA ASP C 387 12.40 26.15 -3.06
C ASP C 387 12.86 26.13 -4.54
N THR C 388 11.90 26.15 -5.45
CA THR C 388 12.16 25.89 -6.89
C THR C 388 10.97 26.41 -7.67
N ILE C 389 11.19 26.85 -8.89
CA ILE C 389 10.10 27.21 -9.80
C ILE C 389 9.51 25.98 -10.49
N TYR C 390 10.10 24.81 -10.26
CA TYR C 390 9.67 23.54 -10.84
C TYR C 390 8.83 22.71 -9.86
N GLY C 391 8.30 21.59 -10.34
CA GLY C 391 7.42 20.76 -9.56
C GLY C 391 7.00 19.50 -10.29
N LEU C 392 7.95 18.85 -10.95
CA LEU C 392 7.62 17.69 -11.76
C LEU C 392 7.63 16.40 -10.88
N SER C 393 8.76 16.13 -10.27
CA SER C 393 8.88 14.91 -9.49
C SER C 393 9.87 15.11 -8.34
N ALA C 394 10.03 14.09 -7.52
CA ALA C 394 10.94 14.17 -6.40
C ALA C 394 11.11 12.74 -5.85
N ALA C 395 12.06 12.57 -4.94
CA ALA C 395 12.32 11.27 -4.29
C ALA C 395 12.59 11.46 -2.81
N VAL C 396 12.09 10.56 -1.98
CA VAL C 396 12.34 10.61 -0.55
C VAL C 396 12.71 9.21 -0.06
N PHE C 397 13.80 9.15 0.69
CA PHE C 397 14.34 7.91 1.27
C PHE C 397 14.34 7.98 2.78
N ALA C 398 13.78 6.95 3.40
CA ALA C 398 13.79 6.79 4.84
C ALA C 398 13.83 5.29 5.21
N GLY C 399 13.89 5.02 6.50
CA GLY C 399 13.96 3.66 7.03
C GLY C 399 12.67 2.89 6.85
N SER C 400 11.54 3.59 6.60
CA SER C 400 10.23 2.95 6.36
C SER C 400 9.48 3.74 5.34
N GLU C 401 8.55 3.06 4.64
CA GLU C 401 7.70 3.70 3.63
CA GLU C 401 7.76 3.72 3.65
C GLU C 401 6.90 4.80 4.33
N ASP C 402 6.42 4.51 5.53
CA ASP C 402 5.59 5.43 6.33
C ASP C 402 6.27 6.77 6.56
N GLU C 403 7.49 6.74 7.06
CA GLU C 403 8.25 7.94 7.35
C GLU C 403 8.52 8.76 6.09
N ALA C 404 8.85 8.09 4.99
CA ALA C 404 9.17 8.78 3.77
C ALA C 404 7.93 9.41 3.21
N LEU C 405 6.81 8.70 3.26
CA LEU C 405 5.54 9.28 2.82
C LEU C 405 5.11 10.55 3.55
N LYS C 406 5.33 10.61 4.87
CA LYS C 406 4.98 11.79 5.63
C LYS C 406 5.72 13.03 5.11
N VAL C 407 6.98 12.85 4.71
CA VAL C 407 7.72 13.93 4.05
C VAL C 407 7.25 14.14 2.60
N ALA C 408 7.16 13.06 1.84
CA ALA C 408 6.74 13.18 0.44
C ALA C 408 5.44 13.99 0.24
N ARG C 409 4.48 13.81 1.15
CA ARG C 409 3.21 14.53 1.06
C ARG C 409 3.30 16.05 1.21
N GLN C 410 4.41 16.57 1.71
CA GLN C 410 4.61 17.97 1.84
C GLN C 410 5.30 18.59 0.62
N LEU C 411 5.64 17.79 -0.40
CA LEU C 411 6.40 18.28 -1.54
C LEU C 411 5.45 18.68 -2.69
N ASN C 412 5.75 19.83 -3.28
CA ASN C 412 4.98 20.34 -4.40
C ASN C 412 5.45 19.69 -5.73
N ALA C 413 5.16 18.39 -5.90
CA ALA C 413 5.53 17.67 -7.12
C ALA C 413 4.53 16.64 -7.49
N GLY C 414 4.45 16.37 -8.78
CA GLY C 414 3.44 15.44 -9.28
C GLY C 414 3.68 13.98 -9.01
N ALA C 415 4.93 13.56 -9.04
CA ALA C 415 5.25 12.14 -8.85
C ALA C 415 6.41 11.98 -7.91
N ILE C 416 6.18 11.27 -6.82
CA ILE C 416 7.23 11.12 -5.83
C ILE C 416 7.61 9.65 -5.68
N SER C 417 8.89 9.34 -5.88
CA SER C 417 9.40 8.00 -5.67
C SER C 417 9.79 7.86 -4.21
N ILE C 418 9.42 6.73 -3.60
CA ILE C 418 9.62 6.54 -2.17
C ILE C 418 10.59 5.40 -2.00
N ASN C 419 11.71 5.65 -1.33
CA ASN C 419 12.80 4.71 -1.19
C ASN C 419 13.41 4.28 -2.52
N ASP C 420 13.31 5.15 -3.52
CA ASP C 420 13.90 4.92 -4.82
C ASP C 420 13.82 6.30 -5.50
N ALA C 421 14.36 6.42 -6.71
CA ALA C 421 14.41 7.69 -7.44
C ALA C 421 14.09 7.54 -8.87
N ALA C 422 13.47 8.58 -9.40
CA ALA C 422 13.18 8.64 -10.83
C ALA C 422 12.40 7.45 -11.38
N LEU C 423 11.48 6.93 -10.58
CA LEU C 423 10.77 5.77 -11.01
C LEU C 423 9.86 6.06 -12.22
N THR C 424 9.39 7.30 -12.41
CA THR C 424 8.54 7.57 -13.57
C THR C 424 9.39 7.52 -14.87
N ALA C 425 10.72 7.47 -14.78
CA ALA C 425 11.54 7.31 -15.99
C ALA C 425 11.47 5.89 -16.47
N MSE C 426 11.06 4.96 -15.62
CA MSE C 426 11.09 3.53 -15.96
C MSE C 426 9.73 2.96 -16.08
O MSE C 426 9.58 1.91 -16.62
CB MSE C 426 11.79 2.69 -14.88
CG MSE C 426 13.30 2.78 -15.06
SE MSE C 426 13.91 2.15 -16.85
CE MSE C 426 13.11 0.36 -16.66
N MSE C 427 8.71 3.60 -15.56
CA MSE C 427 7.41 2.97 -15.63
C MSE C 427 6.32 3.90 -15.99
O MSE C 427 6.44 5.10 -15.80
CB MSE C 427 7.18 2.23 -14.33
CG MSE C 427 7.16 3.07 -13.11
SE MSE C 427 7.59 1.85 -11.59
CE MSE C 427 6.06 0.60 -11.87
N HIS C 428 5.26 3.35 -16.53
CA HIS C 428 4.18 4.18 -17.06
C HIS C 428 3.04 4.42 -16.05
N GLU C 429 2.99 3.65 -14.98
CA GLU C 429 1.91 3.79 -13.98
C GLU C 429 1.94 5.10 -13.20
N GLY C 430 0.76 5.55 -12.80
CA GLY C 430 0.63 6.72 -11.97
C GLY C 430 0.18 7.95 -12.74
N GLU C 431 -0.99 8.47 -12.40
CA GLU C 431 -1.50 9.72 -12.90
C GLU C 431 -0.90 10.86 -12.12
N LYS C 432 -0.43 11.87 -12.81
CA LYS C 432 0.19 12.99 -12.14
C LYS C 432 -0.05 14.31 -12.88
N ASN C 433 -0.21 15.39 -12.11
CA ASN C 433 -0.26 16.77 -12.66
C ASN C 433 0.98 17.48 -12.20
N ALA C 434 1.67 18.16 -13.11
CA ALA C 434 2.82 18.99 -12.73
C ALA C 434 2.40 20.14 -11.79
N PHE C 435 3.31 20.54 -10.89
CA PHE C 435 3.20 21.72 -10.08
C PHE C 435 4.09 22.84 -10.59
N ASN C 436 3.77 24.06 -10.16
CA ASN C 436 4.53 25.29 -10.50
C ASN C 436 4.72 25.39 -12.00
N PHE C 437 5.93 25.72 -12.48
CA PHE C 437 6.18 25.88 -13.91
C PHE C 437 6.51 24.65 -14.66
N SER C 438 6.39 23.46 -14.07
CA SER C 438 6.79 22.27 -14.74
C SER C 438 5.74 21.85 -15.74
N GLY C 439 4.55 22.43 -15.66
CA GLY C 439 3.53 22.13 -16.67
C GLY C 439 2.10 22.53 -16.39
N LEU C 440 1.28 22.34 -17.41
CA LEU C 440 -0.14 22.57 -17.32
C LEU C 440 -0.84 21.63 -18.27
N GLY C 441 -2.11 21.32 -17.98
CA GLY C 441 -2.99 20.66 -18.94
C GLY C 441 -3.34 19.23 -18.60
N GLY C 442 -3.08 18.79 -17.38
CA GLY C 442 -3.59 17.52 -16.93
C GLY C 442 -2.53 16.43 -16.89
N SER C 443 -2.94 15.23 -17.21
CA SER C 443 -2.14 14.02 -17.04
C SER C 443 -2.15 13.21 -18.34
N ARG C 444 -1.15 12.38 -18.52
CA ARG C 444 -1.03 11.52 -19.73
C ARG C 444 -1.55 10.11 -19.62
N VAL C 445 -1.74 9.61 -18.40
CA VAL C 445 -2.07 8.21 -18.21
C VAL C 445 -3.57 7.93 -18.28
N GLY C 446 -3.92 6.81 -18.90
CA GLY C 446 -5.27 6.29 -18.77
C GLY C 446 -6.40 7.12 -19.31
N ALA C 447 -7.56 7.05 -18.69
CA ALA C 447 -8.72 7.75 -19.27
C ALA C 447 -8.46 9.25 -19.44
N ALA C 448 -7.94 9.91 -18.40
CA ALA C 448 -7.69 11.35 -18.44
C ALA C 448 -6.72 11.70 -19.55
N GLY C 449 -5.77 10.82 -19.76
CA GLY C 449 -4.76 11.02 -20.76
C GLY C 449 -5.33 11.01 -22.17
N LEU C 450 -6.06 9.96 -22.51
CA LEU C 450 -6.68 9.83 -23.82
C LEU C 450 -7.72 10.89 -24.01
N LYS C 451 -8.51 11.20 -22.96
CA LYS C 451 -9.63 12.14 -23.13
C LYS C 451 -9.25 13.56 -23.21
N ARG C 452 -8.00 13.89 -22.90
CA ARG C 452 -7.53 15.20 -23.21
C ARG C 452 -7.87 15.56 -24.65
N PHE C 453 -7.81 14.56 -25.55
CA PHE C 453 -7.92 14.78 -26.99
C PHE C 453 -9.35 14.71 -27.50
N LEU C 454 -10.31 14.63 -26.58
CA LEU C 454 -11.70 14.43 -26.97
C LEU C 454 -12.57 15.51 -26.32
N ARG C 455 -13.60 15.99 -27.03
CA ARG C 455 -14.65 16.77 -26.41
C ARG C 455 -15.81 15.85 -26.04
N LYS C 456 -16.27 15.99 -24.80
CA LYS C 456 -17.43 15.30 -24.35
C LYS C 456 -18.65 16.06 -24.87
N GLN C 457 -19.65 15.31 -25.29
CA GLN C 457 -20.85 15.81 -25.86
C GLN C 457 -22.01 15.03 -25.21
N ALA C 458 -22.95 15.76 -24.59
CA ALA C 458 -24.09 15.16 -23.97
C ALA C 458 -25.32 15.29 -24.87
N PHE C 459 -26.16 14.27 -24.83
CA PHE C 459 -27.45 14.29 -25.52
C PHE C 459 -28.52 14.08 -24.50
N LEU C 460 -29.35 15.11 -24.29
CA LEU C 460 -30.40 15.07 -23.29
C LEU C 460 -31.72 14.91 -24.03
N ILE C 461 -32.36 13.77 -23.79
CA ILE C 461 -33.47 13.29 -24.65
C ILE C 461 -34.81 13.23 -23.91
N LYS C 462 -35.78 14.03 -24.37
CA LYS C 462 -37.14 13.99 -23.87
C LYS C 462 -37.85 12.76 -24.48
N THR C 463 -38.29 11.84 -23.62
CA THR C 463 -38.87 10.54 -24.06
C THR C 463 -40.40 10.47 -23.98
N ASN C 464 -41.03 11.50 -23.41
CA ASN C 464 -42.49 11.55 -23.31
C ASN C 464 -43.05 12.64 -24.20
N SER C 465 -44.35 12.88 -24.10
CA SER C 465 -45.05 13.77 -25.02
C SER C 465 -45.91 14.85 -24.35
N THR C 466 -45.89 14.93 -23.02
CA THR C 466 -46.60 16.00 -22.29
C THR C 466 -45.66 17.21 -22.06
N SER C 467 -46.22 18.38 -21.80
CA SER C 467 -45.46 19.57 -21.44
C SER C 467 -44.39 19.34 -20.38
N ASP C 468 -43.21 19.92 -20.53
CA ASP C 468 -42.29 19.97 -19.37
C ASP C 468 -42.93 20.88 -18.34
N PRO C 469 -42.86 20.50 -17.06
CA PRO C 469 -43.53 21.36 -16.10
C PRO C 469 -42.92 22.75 -15.94
N TRP C 470 -41.72 23.01 -16.41
CA TRP C 470 -41.13 24.37 -16.30
C TRP C 470 -41.56 25.27 -17.44
N TRP C 471 -42.19 24.74 -18.47
CA TRP C 471 -42.53 25.57 -19.62
C TRP C 471 -43.60 26.58 -19.22
N PHE C 472 -43.85 27.55 -20.09
CA PHE C 472 -44.85 28.59 -19.80
C PHE C 472 -46.30 28.15 -20.03
N ASP C 473 -46.52 27.17 -20.90
CA ASP C 473 -47.88 26.69 -21.25
C ASP C 473 -49.02 27.09 -20.31
N LYS D 6 3.61 -36.36 51.20
CA LYS D 6 5.02 -36.76 51.44
C LYS D 6 5.82 -35.58 52.03
N THR D 7 7.05 -35.86 52.41
CA THR D 7 8.12 -34.87 52.30
C THR D 7 9.24 -35.57 51.51
N ILE D 8 10.32 -34.85 51.25
CA ILE D 8 11.42 -35.39 50.49
C ILE D 8 12.65 -34.98 51.24
N GLU D 9 13.44 -35.99 51.57
CA GLU D 9 14.74 -35.77 52.22
C GLU D 9 15.78 -35.36 51.18
N VAL D 10 16.56 -34.33 51.46
CA VAL D 10 17.50 -33.81 50.48
C VAL D 10 18.94 -34.10 50.90
N ARG D 11 19.66 -34.79 50.00
CA ARG D 11 21.05 -35.13 50.17
C ARG D 11 22.00 -33.93 50.01
N ASN D 12 23.03 -33.89 50.85
CA ASN D 12 24.12 -32.94 50.71
C ASN D 12 25.22 -33.57 49.85
N PRO D 13 25.65 -32.90 48.77
CA PRO D 13 26.54 -33.55 47.79
C PRO D 13 27.99 -33.65 48.20
N ARG D 14 28.36 -32.91 49.25
CA ARG D 14 29.67 -33.08 49.87
C ARG D 14 29.72 -34.16 50.94
N THR D 15 28.73 -34.18 51.81
CA THR D 15 28.76 -35.09 52.95
C THR D 15 28.00 -36.39 52.70
N GLY D 16 27.11 -36.39 51.70
CA GLY D 16 26.25 -37.53 51.44
C GLY D 16 25.09 -37.74 52.44
N LYS D 17 24.98 -36.90 53.47
CA LYS D 17 23.93 -37.01 54.50
C LYS D 17 22.71 -36.30 53.99
N PHE D 18 21.56 -36.78 54.41
CA PHE D 18 20.33 -36.04 54.26
C PHE D 18 20.37 -34.92 55.27
N ASP D 19 20.27 -33.68 54.83
CA ASP D 19 20.34 -32.57 55.78
C ASP D 19 19.36 -31.45 55.54
N TYR D 20 18.30 -31.72 54.80
CA TYR D 20 17.29 -30.72 54.44
C TYR D 20 16.03 -31.47 54.07
N VAL D 21 14.88 -30.83 54.23
CA VAL D 21 13.61 -31.44 53.97
C VAL D 21 12.80 -30.42 53.16
N ILE D 22 12.15 -30.91 52.11
CA ILE D 22 11.27 -30.03 51.37
C ILE D 22 9.92 -30.66 51.44
N ILE D 23 8.90 -29.81 51.31
CA ILE D 23 7.50 -30.17 51.46
C ILE D 23 6.79 -29.92 50.14
N PRO D 24 6.44 -30.99 49.40
CA PRO D 24 5.78 -30.79 48.10
C PRO D 24 4.27 -30.54 48.27
N PRO D 25 3.73 -29.55 47.58
CA PRO D 25 2.33 -29.22 47.85
C PRO D 25 1.37 -30.27 47.30
N PRO D 26 0.38 -30.64 48.08
CA PRO D 26 -0.73 -31.41 47.51
C PRO D 26 -1.33 -30.61 46.35
N PRO D 27 -2.01 -31.29 45.40
CA PRO D 27 -2.60 -30.66 44.23
C PRO D 27 -3.44 -29.42 44.58
N ARG D 28 -4.20 -29.55 45.65
CA ARG D 28 -5.06 -28.50 46.16
C ARG D 28 -4.31 -27.21 46.64
N LEU D 29 -3.18 -27.39 47.29
CA LEU D 29 -2.39 -26.24 47.66
C LEU D 29 -1.75 -25.61 46.43
N LEU D 30 -1.26 -26.44 45.53
CA LEU D 30 -0.57 -25.92 44.34
C LEU D 30 -1.54 -25.07 43.50
N ALA D 31 -2.78 -25.57 43.38
CA ALA D 31 -3.84 -24.89 42.65
C ALA D 31 -4.10 -23.55 43.27
N GLN D 32 -4.13 -23.52 44.58
CA GLN D 32 -4.36 -22.29 45.31
C GLN D 32 -3.21 -21.28 45.15
N GLN D 33 -1.97 -21.74 45.18
CA GLN D 33 -0.86 -20.81 44.99
C GLN D 33 -0.87 -20.21 43.59
N CYS D 34 -1.22 -21.01 42.56
CA CYS D 34 -1.30 -20.54 41.22
C CYS D 34 -2.41 -19.52 41.06
N ASN D 35 -3.56 -19.76 41.70
CA ASN D 35 -4.67 -18.80 41.61
C ASN D 35 -4.40 -17.50 42.28
N ARG D 36 -3.70 -17.57 43.42
CA ARG D 36 -3.24 -16.33 44.05
C ARG D 36 -2.32 -15.53 43.12
N ALA D 37 -1.40 -16.21 42.47
CA ALA D 37 -0.50 -15.50 41.57
C ALA D 37 -1.28 -14.86 40.39
N ARG D 38 -2.27 -15.56 39.87
CA ARG D 38 -3.13 -15.03 38.82
C ARG D 38 -3.93 -13.82 39.27
N ARG D 39 -4.44 -13.83 40.48
CA ARG D 39 -5.18 -12.68 40.97
C ARG D 39 -4.22 -11.49 41.05
N ALA D 40 -2.98 -11.74 41.41
CA ALA D 40 -2.05 -10.63 41.59
C ALA D 40 -1.45 -10.16 40.28
N GLN D 41 -1.52 -10.99 39.23
CA GLN D 41 -0.87 -10.65 37.98
C GLN D 41 -1.45 -9.44 37.31
N SER D 42 -2.76 -9.18 37.47
CA SER D 42 -3.37 -7.98 36.87
C SER D 42 -2.76 -6.69 37.35
N ARG D 43 -2.59 -6.55 38.66
CA ARG D 43 -1.94 -5.35 39.18
C ARG D 43 -0.48 -5.29 38.72
N TRP D 44 0.25 -6.42 38.75
CA TRP D 44 1.64 -6.47 38.26
C TRP D 44 1.74 -5.94 36.82
N GLN D 45 0.83 -6.41 35.97
CA GLN D 45 0.75 -5.95 34.58
C GLN D 45 0.39 -4.46 34.55
N GLU D 46 -0.59 -4.05 35.36
CA GLU D 46 -1.00 -2.66 35.34
C GLU D 46 0.09 -1.75 35.89
N LEU D 47 1.05 -2.26 36.66
CA LEU D 47 2.14 -1.37 37.06
C LEU D 47 2.90 -0.75 35.92
N GLY D 48 2.91 -1.38 34.74
CA GLY D 48 3.74 -0.92 33.64
C GLY D 48 5.19 -1.37 33.86
N VAL D 49 5.89 -1.44 32.76
CA VAL D 49 7.22 -1.97 32.74
C VAL D 49 8.17 -1.15 33.66
N GLU D 50 7.94 0.15 33.76
CA GLU D 50 8.81 0.96 34.64
C GLU D 50 8.61 0.63 36.11
N GLY D 51 7.37 0.42 36.51
CA GLY D 51 7.09 0.02 37.88
C GLY D 51 7.66 -1.36 38.19
N ARG D 52 7.59 -2.26 37.21
CA ARG D 52 8.15 -3.60 37.39
C ARG D 52 9.67 -3.58 37.51
N ILE D 53 10.33 -2.72 36.75
CA ILE D 53 11.80 -2.49 36.88
C ILE D 53 12.16 -1.98 38.28
N THR D 54 11.44 -0.98 38.76
CA THR D 54 11.72 -0.42 40.09
C THR D 54 11.62 -1.53 41.13
N THR D 55 10.55 -2.30 41.01
CA THR D 55 10.38 -3.48 41.86
C THR D 55 11.49 -4.53 41.81
N LEU D 56 11.87 -5.01 40.62
CA LEU D 56 12.97 -5.95 40.51
C LEU D 56 14.31 -5.39 41.04
N GLN D 57 14.58 -4.10 40.81
CA GLN D 57 15.79 -3.44 41.39
C GLN D 57 15.78 -3.44 42.92
N GLN D 58 14.61 -3.19 43.49
CA GLN D 58 14.44 -3.28 44.95
C GLN D 58 14.71 -4.71 45.42
N TRP D 59 14.21 -5.71 44.70
CA TRP D 59 14.50 -7.07 45.09
C TRP D 59 16.02 -7.41 45.00
N LYS D 60 16.65 -6.90 43.95
CA LYS D 60 18.05 -7.05 43.70
C LYS D 60 18.83 -6.45 44.86
N GLN D 61 18.43 -5.27 45.30
CA GLN D 61 19.10 -4.64 46.44
C GLN D 61 18.96 -5.50 47.73
N ALA D 62 17.81 -6.13 47.92
CA ALA D 62 17.62 -7.00 49.06
C ALA D 62 18.44 -8.28 48.96
N ILE D 63 18.54 -8.84 47.77
CA ILE D 63 19.37 -10.01 47.54
C ILE D 63 20.84 -9.65 47.86
N LEU D 64 21.32 -8.51 47.36
CA LEU D 64 22.68 -8.07 47.66
C LEU D 64 22.93 -7.95 49.16
N SER D 65 21.97 -7.39 49.87
CA SER D 65 22.11 -7.22 51.31
C SER D 65 22.31 -8.54 52.01
N ARG D 66 21.70 -9.59 51.47
CA ARG D 66 21.71 -10.92 52.08
C ARG D 66 22.59 -11.89 51.30
N ARG D 67 23.50 -11.35 50.49
CA ARG D 67 24.27 -12.15 49.56
C ARG D 67 24.99 -13.32 50.26
N GLU D 68 25.43 -13.12 51.49
CA GLU D 68 26.15 -14.15 52.21
C GLU D 68 25.26 -15.37 52.47
N GLN D 69 24.01 -15.13 52.79
CA GLN D 69 23.05 -16.22 52.96
C GLN D 69 22.81 -16.98 51.63
N LEU D 70 22.74 -16.26 50.52
CA LEU D 70 22.54 -16.89 49.19
C LEU D 70 23.78 -17.70 48.81
N THR D 71 24.96 -17.18 49.12
CA THR D 71 26.19 -17.86 48.84
C THR D 71 26.26 -19.16 49.66
N GLU D 72 25.96 -19.08 50.96
CA GLU D 72 26.05 -20.27 51.82
C GLU D 72 25.06 -21.36 51.36
N ALA D 73 23.81 -20.98 51.11
CA ALA D 73 22.82 -21.93 50.62
C ALA D 73 23.24 -22.62 49.29
N LEU D 74 23.78 -21.84 48.39
CA LEU D 74 24.17 -22.37 47.11
C LEU D 74 25.43 -23.27 47.20
N VAL D 75 26.35 -22.95 48.10
CA VAL D 75 27.47 -23.84 48.40
C VAL D 75 26.93 -25.14 48.95
N ASN D 76 25.93 -25.08 49.81
CA ASN D 76 25.38 -26.33 50.33
C ASN D 76 24.70 -27.13 49.25
N ASP D 77 24.06 -26.43 48.30
CA ASP D 77 23.36 -27.07 47.17
C ASP D 77 24.28 -27.78 46.19
N THR D 78 25.40 -27.12 45.86
CA THR D 78 26.27 -27.54 44.78
C THR D 78 27.63 -28.12 45.23
N GLY D 79 27.99 -27.90 46.50
CA GLY D 79 29.27 -28.36 47.03
C GLY D 79 30.50 -27.60 46.51
N ARG D 80 30.30 -26.44 45.90
CA ARG D 80 31.39 -25.58 45.42
C ARG D 80 31.14 -24.07 45.57
N LEU D 81 32.24 -23.33 45.62
CA LEU D 81 32.27 -21.90 45.96
C LEU D 81 32.50 -20.99 44.73
N SER D 82 33.58 -21.22 44.01
CA SER D 82 33.98 -20.35 42.90
C SER D 82 32.87 -20.13 41.85
N ILE D 83 32.30 -21.24 41.35
CA ILE D 83 31.18 -21.14 40.37
C ILE D 83 29.94 -20.55 41.07
N THR D 84 29.83 -20.74 42.38
CA THR D 84 28.70 -20.22 43.13
C THR D 84 28.73 -18.72 43.06
N VAL D 85 29.90 -18.13 43.29
CA VAL D 85 30.07 -16.68 43.19
C VAL D 85 29.71 -16.22 41.78
N LEU D 86 30.22 -16.90 40.76
CA LEU D 86 29.89 -16.58 39.35
C LEU D 86 28.40 -16.69 39.04
N GLU D 87 27.71 -17.70 39.61
CA GLU D 87 26.24 -17.82 39.37
C GLU D 87 25.56 -16.60 39.89
N ILE D 88 25.96 -16.18 41.09
CA ILE D 88 25.29 -15.09 41.71
C ILE D 88 25.54 -13.83 40.88
N ASP D 89 26.80 -13.58 40.54
CA ASP D 89 27.16 -12.43 39.70
C ASP D 89 26.36 -12.46 38.41
N SER D 90 26.31 -13.60 37.74
CA SER D 90 25.58 -13.70 36.47
C SER D 90 24.07 -13.37 36.64
N PHE D 91 23.46 -13.88 37.70
CA PHE D 91 22.04 -13.61 38.02
C PHE D 91 21.81 -12.14 38.24
N LEU D 92 22.66 -11.50 39.03
CA LEU D 92 22.47 -10.11 39.32
C LEU D 92 22.64 -9.27 38.09
N ALA D 93 23.59 -9.61 37.24
CA ALA D 93 23.81 -8.85 36.01
C ALA D 93 22.63 -9.03 35.07
N SER D 94 21.96 -10.17 35.11
CA SER D 94 20.89 -10.36 34.13
C SER D 94 19.73 -9.50 34.55
N ILE D 95 19.58 -9.30 35.86
CA ILE D 95 18.53 -8.40 36.31
C ILE D 95 18.75 -7.03 35.69
N ASP D 96 19.97 -6.50 35.80
CA ASP D 96 20.26 -5.17 35.27
C ASP D 96 20.15 -5.13 33.76
N ARG D 97 20.66 -6.13 33.09
CA ARG D 97 20.59 -6.15 31.63
C ARG D 97 19.13 -6.21 31.08
N TRP D 98 18.32 -7.12 31.59
CA TRP D 98 16.91 -7.13 31.19
C TRP D 98 16.14 -5.84 31.55
N CYS D 99 16.39 -5.27 32.72
CA CYS D 99 15.74 -4.04 33.10
C CYS D 99 16.09 -2.91 32.16
N GLY D 100 17.31 -2.90 31.66
CA GLY D 100 17.75 -1.89 30.67
C GLY D 100 17.14 -2.10 29.28
N LEU D 101 16.87 -3.35 28.89
CA LEU D 101 16.23 -3.64 27.55
C LEU D 101 14.71 -3.54 27.51
N ALA D 102 14.06 -3.80 28.64
CA ALA D 102 12.63 -4.02 28.64
C ALA D 102 11.79 -2.83 28.11
N PRO D 103 12.10 -1.58 28.53
CA PRO D 103 11.22 -0.46 28.08
C PRO D 103 11.02 -0.41 26.55
N GLU D 104 12.12 -0.54 25.85
CA GLU D 104 12.11 -0.45 24.41
C GLU D 104 11.44 -1.69 23.80
N LEU D 105 11.75 -2.86 24.33
CA LEU D 105 11.15 -4.08 23.84
C LEU D 105 9.62 -4.16 23.99
N LEU D 106 9.09 -3.49 25.00
CA LEU D 106 7.67 -3.48 25.27
C LEU D 106 6.97 -2.24 24.73
N GLN D 107 7.69 -1.40 24.00
CA GLN D 107 7.04 -0.23 23.35
C GLN D 107 5.98 -0.69 22.34
N THR D 108 4.74 -0.26 22.53
CA THR D 108 3.72 -0.35 21.47
C THR D 108 4.13 0.49 20.27
N SER D 109 3.57 0.16 19.12
CA SER D 109 3.89 0.87 17.87
C SER D 109 2.61 1.20 17.08
N ALA D 110 2.74 2.16 16.18
CA ALA D 110 1.66 2.59 15.30
C ALA D 110 2.19 2.91 13.90
N LYS D 111 1.48 2.50 12.88
CA LYS D 111 1.88 2.85 11.55
C LYS D 111 0.74 2.77 10.58
N ASN D 112 0.91 3.42 9.45
CA ASN D 112 -0.02 3.28 8.36
C ASN D 112 0.28 1.97 7.64
N THR D 113 -0.72 1.36 7.02
CA THR D 113 -0.54 0.14 6.22
C THR D 113 -0.39 0.45 4.73
N SER D 114 -0.34 -0.58 3.89
CA SER D 114 -0.33 -0.37 2.44
C SER D 114 -1.72 0.00 1.88
N ILE D 115 -2.75 -0.07 2.72
CA ILE D 115 -4.09 0.42 2.34
C ILE D 115 -4.26 1.76 3.01
N PRO D 116 -4.49 2.81 2.20
CA PRO D 116 -4.41 4.18 2.71
C PRO D 116 -5.36 4.52 3.86
N PHE D 117 -6.54 3.88 3.90
CA PHE D 117 -7.54 4.13 4.92
C PHE D 117 -7.51 3.10 6.07
N ILE D 118 -6.49 2.24 6.12
CA ILE D 118 -6.32 1.33 7.29
C ILE D 118 -5.00 1.67 7.99
N ALA D 119 -5.09 2.06 9.26
CA ALA D 119 -3.95 2.29 10.11
C ALA D 119 -3.80 1.04 11.04
N LEU D 120 -2.61 0.88 11.60
CA LEU D 120 -2.32 -0.28 12.44
C LEU D 120 -1.77 0.23 13.77
N GLN D 121 -2.27 -0.35 14.88
CA GLN D 121 -1.62 -0.24 16.17
C GLN D 121 -1.35 -1.64 16.67
N GLN D 122 -0.33 -1.77 17.52
CA GLN D 122 0.09 -3.07 18.06
C GLN D 122 0.23 -2.98 19.57
N SER D 123 -0.12 -4.06 20.25
CA SER D 123 0.15 -4.13 21.66
C SER D 123 0.63 -5.52 22.00
N LEU D 124 0.99 -5.69 23.25
CA LEU D 124 1.64 -6.89 23.69
C LEU D 124 1.03 -7.28 25.01
N VAL D 125 0.54 -8.50 25.10
CA VAL D 125 -0.27 -8.93 26.23
C VAL D 125 0.42 -10.13 26.88
N PRO D 126 0.78 -10.05 28.16
CA PRO D 126 1.54 -11.19 28.71
C PRO D 126 0.71 -12.43 29.01
N TYR D 127 1.33 -13.60 28.91
CA TYR D 127 0.74 -14.83 29.46
C TYR D 127 0.59 -14.56 30.96
N PRO D 128 -0.61 -14.82 31.55
CA PRO D 128 -0.76 -14.44 32.97
C PRO D 128 0.19 -15.22 33.92
N LEU D 129 0.36 -16.51 33.68
CA LEU D 129 1.16 -17.35 34.58
C LEU D 129 2.08 -18.33 33.83
N VAL D 130 3.39 -18.13 34.04
CA VAL D 130 4.44 -18.92 33.45
C VAL D 130 4.99 -19.88 34.55
N GLY D 131 5.13 -21.15 34.19
CA GLY D 131 5.75 -22.17 35.05
C GLY D 131 7.17 -22.42 34.60
N VAL D 132 8.10 -22.40 35.56
CA VAL D 132 9.52 -22.72 35.32
C VAL D 132 9.91 -23.97 36.13
N ILE D 133 10.47 -24.94 35.43
CA ILE D 133 10.98 -26.16 36.01
C ILE D 133 12.45 -26.18 35.68
N SER D 134 13.29 -26.01 36.71
CA SER D 134 14.72 -25.76 36.54
C SER D 134 15.61 -26.86 37.13
N PRO D 135 16.81 -27.04 36.60
CA PRO D 135 17.68 -28.15 36.99
C PRO D 135 18.65 -27.85 38.13
N TRP D 136 19.31 -28.89 38.61
CA TRP D 136 20.13 -28.85 39.82
C TRP D 136 21.54 -28.44 39.61
N ASN D 137 22.01 -28.39 38.35
CA ASN D 137 23.44 -28.18 38.08
C ASN D 137 23.93 -26.75 38.23
N PHE D 138 23.09 -25.80 37.81
CA PHE D 138 23.28 -24.37 38.09
C PHE D 138 21.96 -23.87 38.67
N PRO D 139 21.72 -24.17 39.95
CA PRO D 139 20.38 -24.04 40.50
C PRO D 139 19.80 -22.60 40.41
N LEU D 140 20.64 -21.61 40.66
CA LEU D 140 20.20 -20.24 40.72
C LEU D 140 20.09 -19.69 39.33
N THR D 141 21.16 -19.72 38.53
CA THR D 141 21.05 -19.05 37.24
C THR D 141 19.95 -19.69 36.40
N LEU D 142 19.86 -21.01 36.44
CA LEU D 142 18.88 -21.69 35.60
C LEU D 142 17.43 -21.62 36.11
N SER D 143 17.19 -21.28 37.37
CA SER D 143 15.82 -21.06 37.82
C SER D 143 15.40 -19.68 37.42
N MSE D 144 16.36 -18.79 37.17
CA MSE D 144 16.08 -17.37 36.95
C MSE D 144 16.22 -16.88 35.49
O MSE D 144 15.75 -15.79 35.13
CB MSE D 144 16.98 -16.58 37.88
CG MSE D 144 16.71 -16.80 39.39
SE MSE D 144 14.95 -15.99 39.86
CE MSE D 144 14.13 -17.67 40.30
N ILE D 145 16.82 -17.68 34.61
CA ILE D 145 17.14 -17.24 33.29
C ILE D 145 15.90 -16.86 32.45
N ASP D 146 14.80 -17.60 32.62
CA ASP D 146 13.55 -17.26 31.96
C ASP D 146 12.64 -16.42 32.90
N THR D 147 12.72 -16.68 34.20
CA THR D 147 11.89 -15.98 35.16
C THR D 147 12.01 -14.46 35.06
N ILE D 148 13.23 -13.94 35.02
CA ILE D 148 13.40 -12.50 34.99
C ILE D 148 12.77 -11.79 33.79
N PRO D 149 13.02 -12.24 32.55
CA PRO D 149 12.31 -11.57 31.46
C PRO D 149 10.80 -11.80 31.46
N ALA D 150 10.34 -12.95 31.92
CA ALA D 150 8.90 -13.17 32.00
C ALA D 150 8.27 -12.19 32.99
N LEU D 151 8.91 -12.00 34.13
CA LEU D 151 8.39 -11.05 35.11
C LEU D 151 8.34 -9.64 34.51
N LEU D 152 9.40 -9.26 33.79
CA LEU D 152 9.43 -7.92 33.25
C LEU D 152 8.38 -7.71 32.15
N ALA D 153 8.12 -8.75 31.39
CA ALA D 153 7.00 -8.72 30.44
C ALA D 153 5.62 -8.47 31.05
N GLY D 154 5.48 -8.70 32.37
CA GLY D 154 4.20 -8.64 33.05
C GLY D 154 3.54 -9.97 33.42
N CYS D 155 4.27 -11.07 33.30
CA CYS D 155 3.78 -12.35 33.75
C CYS D 155 4.02 -12.51 35.25
N ALA D 156 3.20 -13.33 35.87
CA ALA D 156 3.51 -13.97 37.16
C ALA D 156 4.21 -15.26 36.82
N VAL D 157 5.11 -15.68 37.72
CA VAL D 157 5.91 -16.85 37.48
C VAL D 157 5.94 -17.74 38.75
N VAL D 158 5.69 -19.01 38.53
CA VAL D 158 5.83 -20.07 39.53
C VAL D 158 7.06 -20.90 39.19
N VAL D 159 8.04 -20.88 40.08
CA VAL D 159 9.32 -21.53 39.88
C VAL D 159 9.39 -22.77 40.77
N LYS D 160 9.68 -23.89 40.16
CA LYS D 160 9.85 -25.18 40.88
C LYS D 160 11.25 -25.70 40.59
N PRO D 161 12.18 -25.37 41.47
CA PRO D 161 13.56 -25.83 41.26
C PRO D 161 13.67 -27.35 41.56
N SER D 162 14.77 -27.97 41.14
CA SER D 162 14.98 -29.39 41.36
C SER D 162 15.03 -29.76 42.86
N GLU D 163 14.38 -30.88 43.19
CA GLU D 163 14.46 -31.46 44.54
C GLU D 163 15.89 -31.80 44.95
N ILE D 164 16.76 -32.02 43.97
CA ILE D 164 18.18 -32.30 44.20
C ILE D 164 18.95 -31.08 44.76
N ALA D 165 18.50 -29.87 44.43
CA ALA D 165 19.21 -28.62 44.84
C ALA D 165 18.29 -27.43 45.13
N PRO D 166 17.65 -27.45 46.30
CA PRO D 166 16.54 -26.55 46.52
C PRO D 166 16.79 -25.48 47.57
N ARG D 167 17.98 -25.51 48.16
CA ARG D 167 18.26 -24.69 49.36
C ARG D 167 18.35 -23.24 49.02
N PHE D 168 18.83 -22.94 47.82
CA PHE D 168 19.01 -21.52 47.40
C PHE D 168 17.73 -20.68 47.40
N VAL D 169 16.55 -21.31 47.40
CA VAL D 169 15.31 -20.52 47.37
C VAL D 169 15.08 -19.75 48.68
N ALA D 170 15.58 -20.26 49.80
CA ALA D 170 15.25 -19.66 51.10
C ALA D 170 15.65 -18.22 51.17
N PRO D 171 16.92 -17.91 50.86
CA PRO D 171 17.29 -16.49 50.90
C PRO D 171 16.64 -15.66 49.82
N LEU D 172 16.29 -16.24 48.67
CA LEU D 172 15.50 -15.46 47.70
C LEU D 172 14.13 -15.10 48.27
N LEU D 173 13.50 -16.03 49.00
CA LEU D 173 12.23 -15.72 49.71
C LEU D 173 12.36 -14.71 50.82
N MSE D 174 13.41 -14.85 51.65
CA MSE D 174 13.70 -13.80 52.65
C MSE D 174 13.77 -12.43 51.98
O MSE D 174 13.10 -11.50 52.40
CB MSE D 174 15.02 -14.05 53.32
CG MSE D 174 14.97 -15.29 54.19
SE MSE D 174 13.49 -15.08 55.48
CE MSE D 174 14.25 -13.58 56.49
N ALA D 175 14.49 -12.32 50.86
CA ALA D 175 14.60 -11.02 50.11
C ALA D 175 13.27 -10.51 49.56
N LEU D 176 12.37 -11.44 49.20
CA LEU D 176 11.02 -11.05 48.74
C LEU D 176 10.16 -10.47 49.88
N ASN D 177 10.44 -10.81 51.13
CA ASN D 177 9.67 -10.28 52.29
C ASN D 177 9.81 -8.70 52.33
N THR D 178 10.77 -8.13 51.58
CA THR D 178 11.02 -6.68 51.46
C THR D 178 10.31 -6.07 50.29
N VAL D 179 9.75 -6.90 49.43
CA VAL D 179 9.23 -6.43 48.16
C VAL D 179 7.80 -6.95 47.90
N PRO D 180 6.80 -6.39 48.59
CA PRO D 180 5.40 -6.81 48.56
C PRO D 180 4.83 -6.93 47.13
N GLU D 181 5.17 -6.01 46.23
CA GLU D 181 4.63 -6.08 44.83
C GLU D 181 5.09 -7.32 44.09
N LEU D 182 6.30 -7.78 44.38
CA LEU D 182 6.88 -8.89 43.62
C LEU D 182 6.53 -10.19 44.29
N ARG D 183 6.45 -10.14 45.59
CA ARG D 183 6.23 -11.35 46.38
C ARG D 183 4.91 -12.09 46.04
N ASP D 184 3.92 -11.38 45.55
CA ASP D 184 2.65 -12.00 45.12
C ASP D 184 2.67 -12.60 43.69
N VAL D 185 3.64 -12.23 42.90
CA VAL D 185 3.71 -12.76 41.54
C VAL D 185 4.90 -13.65 41.23
N LEU D 186 5.90 -13.71 42.12
CA LEU D 186 7.04 -14.61 41.91
C LEU D 186 6.91 -15.61 42.99
N ILE D 187 6.47 -16.81 42.62
CA ILE D 187 6.12 -17.84 43.58
C ILE D 187 7.09 -19.00 43.49
N PHE D 188 7.59 -19.44 44.65
CA PHE D 188 8.47 -20.62 44.70
C PHE D 188 7.78 -21.78 45.28
N VAL D 189 7.87 -22.89 44.57
CA VAL D 189 7.26 -24.11 45.01
C VAL D 189 8.35 -25.19 45.08
N GLU D 190 8.31 -26.05 46.08
CA GLU D 190 9.35 -27.08 46.23
C GLU D 190 8.74 -28.41 45.83
N GLY D 191 9.46 -29.28 45.14
CA GLY D 191 9.01 -30.64 44.98
C GLY D 191 9.82 -31.39 43.95
N GLY D 192 9.43 -32.64 43.70
CA GLY D 192 10.11 -33.49 42.71
C GLY D 192 9.41 -33.46 41.37
N GLY D 193 9.67 -34.48 40.56
CA GLY D 193 9.14 -34.54 39.18
C GLY D 193 7.63 -34.50 39.19
N GLU D 194 7.04 -35.11 40.21
CA GLU D 194 5.59 -35.20 40.30
C GLU D 194 4.99 -33.82 40.47
N THR D 195 5.63 -32.98 41.27
CA THR D 195 5.17 -31.60 41.48
C THR D 195 5.33 -30.82 40.17
N GLY D 196 6.39 -31.13 39.43
CA GLY D 196 6.57 -30.54 38.13
C GLY D 196 5.47 -30.88 37.16
N ALA D 197 5.16 -32.17 37.02
CA ALA D 197 4.03 -32.58 36.16
C ALA D 197 2.73 -31.88 36.58
N ASN D 198 2.44 -31.81 37.87
CA ASN D 198 1.19 -31.19 38.33
C ASN D 198 1.12 -29.74 37.96
N LEU D 199 2.25 -29.04 38.10
CA LEU D 199 2.31 -27.60 37.84
C LEU D 199 1.94 -27.26 36.43
N ILE D 200 2.30 -28.14 35.49
CA ILE D 200 2.01 -27.91 34.09
C ILE D 200 0.51 -27.79 33.84
N ASN D 201 -0.29 -28.39 34.69
CA ASN D 201 -1.74 -28.29 34.59
C ASN D 201 -2.30 -26.97 35.00
N TYR D 202 -1.53 -26.11 35.65
CA TYR D 202 -2.10 -24.87 36.15
C TYR D 202 -1.63 -23.59 35.43
N VAL D 203 -0.67 -23.75 34.54
CA VAL D 203 0.00 -22.59 34.02
C VAL D 203 -0.41 -22.35 32.55
N ASP D 204 -0.07 -21.17 32.03
CA ASP D 204 -0.36 -20.79 30.62
C ASP D 204 0.80 -21.01 29.66
N PHE D 205 1.99 -21.35 30.18
CA PHE D 205 3.26 -21.38 29.45
C PHE D 205 4.26 -22.11 30.36
N VAL D 206 4.95 -23.13 29.85
CA VAL D 206 5.92 -23.88 30.66
C VAL D 206 7.34 -23.75 30.06
N CYS D 207 8.30 -23.37 30.90
CA CYS D 207 9.72 -23.43 30.58
C CYS D 207 10.34 -24.57 31.32
N PHE D 208 10.99 -25.47 30.62
CA PHE D 208 11.66 -26.62 31.24
C PHE D 208 13.06 -26.80 30.74
N THR D 209 13.95 -27.02 31.70
CA THR D 209 15.35 -27.32 31.43
C THR D 209 15.72 -28.59 32.15
N GLY D 210 16.35 -29.50 31.42
CA GLY D 210 16.60 -30.87 31.92
C GLY D 210 16.92 -31.94 30.90
N SER D 211 16.72 -33.19 31.30
CA SER D 211 17.03 -34.32 30.48
C SER D 211 16.10 -34.41 29.27
N VAL D 212 16.60 -35.03 28.22
CA VAL D 212 15.84 -35.18 27.00
C VAL D 212 14.62 -36.04 27.31
N ALA D 213 14.75 -37.11 28.08
CA ALA D 213 13.59 -37.96 28.34
C ALA D 213 12.43 -37.23 29.05
N THR D 214 12.77 -36.48 30.07
CA THR D 214 11.79 -35.75 30.85
C THR D 214 11.23 -34.59 30.01
N GLY D 215 12.09 -33.90 29.28
CA GLY D 215 11.65 -32.82 28.41
C GLY D 215 10.63 -33.24 27.35
N ARG D 216 10.80 -34.44 26.80
CA ARG D 216 9.86 -34.95 25.82
C ARG D 216 8.53 -35.21 26.48
N GLU D 217 8.53 -35.63 27.75
CA GLU D 217 7.26 -35.71 28.48
C GLU D 217 6.59 -34.35 28.67
N VAL D 218 7.38 -33.33 29.01
CA VAL D 218 6.85 -32.00 29.23
C VAL D 218 6.24 -31.52 27.89
N ALA D 219 6.92 -31.79 26.78
CA ALA D 219 6.40 -31.40 25.46
C ALA D 219 5.05 -31.98 25.20
N GLU D 220 4.93 -33.28 25.47
CA GLU D 220 3.67 -33.97 25.21
C GLU D 220 2.56 -33.49 26.15
N THR D 221 2.88 -33.25 27.41
CA THR D 221 1.90 -32.68 28.35
C THR D 221 1.46 -31.26 28.02
N ALA D 222 2.40 -30.41 27.65
CA ALA D 222 2.10 -29.03 27.22
C ALA D 222 1.16 -29.03 26.00
N ALA D 223 1.46 -29.85 25.02
CA ALA D 223 0.61 -29.99 23.84
C ALA D 223 -0.84 -30.50 24.17
N ARG D 224 -0.96 -31.44 25.08
CA ARG D 224 -2.28 -31.90 25.52
C ARG D 224 -3.01 -30.80 26.30
N ARG D 225 -2.29 -29.95 27.06
CA ARG D 225 -2.97 -28.82 27.68
C ARG D 225 -3.20 -27.67 26.68
N PHE D 226 -2.52 -27.71 25.54
CA PHE D 226 -2.57 -26.65 24.58
C PHE D 226 -1.96 -25.35 25.10
N ILE D 227 -0.73 -25.46 25.64
CA ILE D 227 0.04 -24.31 26.02
C ILE D 227 1.40 -24.36 25.35
N PRO D 228 2.01 -23.18 25.18
CA PRO D 228 3.34 -23.18 24.64
C PRO D 228 4.35 -23.73 25.62
N ALA D 229 5.44 -24.27 25.09
CA ALA D 229 6.52 -24.82 25.90
C ALA D 229 7.83 -24.39 25.32
N TYR D 230 8.68 -23.90 26.21
CA TYR D 230 10.07 -23.65 25.92
C TYR D 230 10.93 -24.71 26.57
N LEU D 231 11.67 -25.45 25.78
CA LEU D 231 12.43 -26.58 26.26
C LEU D 231 13.92 -26.51 25.92
N GLU D 232 14.76 -26.72 26.93
CA GLU D 232 16.21 -26.90 26.72
C GLU D 232 16.66 -28.20 27.35
N LEU D 233 17.08 -29.15 26.52
CA LEU D 233 17.15 -30.51 26.93
C LEU D 233 18.53 -31.12 26.92
N GLY D 234 19.54 -30.29 26.98
CA GLY D 234 20.90 -30.84 27.07
C GLY D 234 21.55 -30.93 25.70
N GLY D 235 22.75 -31.46 25.74
CA GLY D 235 23.66 -31.41 24.62
C GLY D 235 24.72 -32.49 24.68
N LYS D 236 25.35 -32.72 23.53
CA LYS D 236 26.58 -33.49 23.50
C LYS D 236 27.55 -32.70 22.61
N ASP D 237 27.84 -31.48 23.08
CA ASP D 237 28.58 -30.49 22.30
C ASP D 237 29.96 -30.99 21.91
N PRO D 238 30.28 -30.97 20.59
CA PRO D 238 31.56 -31.41 20.10
C PRO D 238 32.53 -30.24 19.86
N ALA D 239 33.81 -30.50 20.07
CA ALA D 239 34.84 -29.61 19.62
C ALA D 239 35.59 -30.25 18.46
N ILE D 240 35.85 -29.47 17.41
CA ILE D 240 36.64 -29.90 16.31
C ILE D 240 37.94 -29.07 16.30
N VAL D 241 39.08 -29.75 16.26
CA VAL D 241 40.40 -29.11 16.24
C VAL D 241 41.05 -29.44 14.90
N LEU D 242 41.13 -28.46 14.00
CA LEU D 242 41.76 -28.68 12.68
C LEU D 242 43.28 -28.59 12.77
N GLU D 243 43.96 -28.99 11.69
CA GLU D 243 45.43 -29.04 11.66
C GLU D 243 46.09 -27.74 11.97
N SER D 244 45.52 -26.67 11.44
CA SER D 244 46.13 -25.37 11.57
C SER D 244 45.83 -24.72 12.95
N ALA D 245 45.19 -25.44 13.87
CA ALA D 245 44.73 -24.84 15.13
C ALA D 245 45.88 -24.41 16.01
N ASN D 246 45.69 -23.31 16.73
CA ASN D 246 46.53 -23.03 17.87
C ASN D 246 46.27 -24.01 19.00
N LEU D 247 47.12 -25.00 19.13
CA LEU D 247 46.90 -26.06 20.10
C LEU D 247 47.01 -25.61 21.56
N GLU D 248 47.80 -24.57 21.85
CA GLU D 248 47.97 -24.13 23.24
C GLU D 248 46.66 -23.50 23.74
N LEU D 249 46.00 -22.71 22.90
CA LEU D 249 44.70 -22.12 23.24
C LEU D 249 43.59 -23.18 23.21
N ALA D 250 43.71 -24.12 22.30
CA ALA D 250 42.67 -25.13 22.12
C ALA D 250 42.59 -26.08 23.33
N THR D 251 43.73 -26.55 23.80
CA THR D 251 43.74 -27.41 24.96
C THR D 251 43.24 -26.69 26.22
N SER D 252 43.64 -25.44 26.42
CA SER D 252 43.11 -24.67 27.54
C SER D 252 41.59 -24.45 27.41
N ALA D 253 41.11 -24.09 26.21
CA ALA D 253 39.65 -23.80 26.01
C ALA D 253 38.82 -25.04 26.24
N ILE D 254 39.26 -26.12 25.63
CA ILE D 254 38.48 -27.35 25.66
C ILE D 254 38.51 -27.98 27.05
N LEU D 255 39.65 -27.90 27.76
CA LEU D 255 39.70 -28.36 29.15
C LEU D 255 38.68 -27.59 29.99
N TRP D 256 38.70 -26.28 29.82
CA TRP D 256 37.78 -25.45 30.58
C TRP D 256 36.35 -25.81 30.24
N GLY D 257 36.05 -25.85 28.94
CA GLY D 257 34.71 -26.12 28.47
C GLY D 257 34.22 -27.50 28.87
N ALA D 258 35.15 -28.45 28.98
CA ALA D 258 34.75 -29.83 29.32
C ALA D 258 34.61 -30.08 30.82
N VAL D 259 35.35 -29.37 31.66
CA VAL D 259 35.36 -29.71 33.11
C VAL D 259 34.87 -28.64 34.05
N VAL D 260 34.53 -27.45 33.55
CA VAL D 260 33.97 -26.43 34.45
C VAL D 260 32.64 -26.96 35.00
N ASN D 261 32.38 -26.64 36.25
CA ASN D 261 31.28 -27.26 37.01
C ASN D 261 31.32 -28.79 37.02
N THR D 262 32.52 -29.36 36.94
CA THR D 262 32.75 -30.81 36.88
C THR D 262 32.02 -31.42 35.67
N GLY D 263 31.85 -30.58 34.64
CA GLY D 263 31.20 -31.01 33.40
C GLY D 263 29.71 -31.16 33.49
N GLN D 264 29.11 -30.64 34.57
CA GLN D 264 27.70 -30.74 34.83
C GLN D 264 27.00 -29.55 34.15
N SER D 265 26.90 -29.60 32.84
CA SER D 265 26.37 -28.49 32.09
C SER D 265 25.95 -28.96 30.75
N CYS D 266 24.81 -28.43 30.28
CA CYS D 266 24.29 -28.67 28.90
C CYS D 266 25.31 -28.18 27.86
N LEU D 267 26.08 -27.19 28.27
CA LEU D 267 27.13 -26.52 27.42
C LEU D 267 28.54 -27.13 27.52
N SER D 268 28.67 -28.23 28.24
CA SER D 268 29.99 -28.84 28.39
C SER D 268 30.43 -29.46 27.05
N ILE D 269 31.71 -29.35 26.74
CA ILE D 269 32.32 -30.10 25.67
C ILE D 269 32.42 -31.56 26.14
N GLU D 270 31.75 -32.44 25.39
CA GLU D 270 31.67 -33.84 25.72
C GLU D 270 32.31 -34.73 24.67
N ARG D 271 32.66 -34.19 23.51
CA ARG D 271 33.28 -34.99 22.42
C ARG D 271 34.33 -34.13 21.76
N ILE D 272 35.51 -34.70 21.54
CA ILE D 272 36.57 -33.93 20.93
C ILE D 272 37.15 -34.66 19.72
N TYR D 273 37.14 -33.98 18.58
CA TYR D 273 37.67 -34.48 17.34
C TYR D 273 38.88 -33.66 16.90
N VAL D 274 40.00 -34.34 16.65
CA VAL D 274 41.29 -33.69 16.35
C VAL D 274 41.90 -34.21 15.05
N ALA D 275 42.40 -33.30 14.22
CA ALA D 275 42.98 -33.71 12.95
C ALA D 275 44.13 -34.67 13.23
N GLU D 276 44.12 -35.79 12.53
CA GLU D 276 45.13 -36.84 12.67
C GLU D 276 46.56 -36.37 12.83
N SER D 277 47.01 -35.42 12.03
CA SER D 277 48.41 -34.97 12.13
C SER D 277 48.73 -34.14 13.39
N LYS D 278 47.72 -33.88 14.23
CA LYS D 278 47.94 -33.18 15.50
C LYS D 278 47.45 -33.91 16.75
N PHE D 279 46.91 -35.12 16.55
CA PHE D 279 46.17 -35.87 17.57
C PHE D 279 47.00 -36.12 18.83
N GLU D 280 48.20 -36.64 18.64
CA GLU D 280 49.08 -37.02 19.75
C GLU D 280 49.48 -35.80 20.56
N GLU D 281 50.02 -34.79 19.87
CA GLU D 281 50.44 -33.56 20.50
C GLU D 281 49.27 -32.93 21.33
N PHE D 282 48.07 -32.90 20.72
CA PHE D 282 46.90 -32.36 21.38
C PHE D 282 46.58 -33.08 22.68
N TYR D 283 46.33 -34.39 22.61
CA TYR D 283 45.88 -35.10 23.81
C TYR D 283 46.94 -35.13 24.90
N HIS D 284 48.21 -35.21 24.51
CA HIS D 284 49.33 -35.16 25.48
C HIS D 284 49.31 -33.81 26.23
N GLN D 285 49.19 -32.71 25.50
CA GLN D 285 49.04 -31.42 26.12
C GLN D 285 47.79 -31.30 27.03
N LEU D 286 46.66 -31.85 26.58
CA LEU D 286 45.42 -31.79 27.34
C LEU D 286 45.59 -32.49 28.69
N ILE D 287 46.30 -33.60 28.72
CA ILE D 287 46.50 -34.37 29.95
C ILE D 287 47.31 -33.54 30.95
N ALA D 288 48.41 -32.99 30.44
CA ALA D 288 49.27 -32.14 31.24
C ALA D 288 48.46 -31.06 31.94
N LYS D 289 47.60 -30.40 31.20
CA LYS D 289 46.76 -29.34 31.81
C LYS D 289 45.70 -29.88 32.76
N ALA D 290 45.04 -30.97 32.38
CA ALA D 290 44.04 -31.61 33.27
C ALA D 290 44.61 -32.01 34.64
N HIS D 291 45.86 -32.52 34.65
CA HIS D 291 46.53 -32.98 35.90
C HIS D 291 46.67 -31.86 36.93
N ARG D 292 46.91 -30.63 36.49
CA ARG D 292 46.96 -29.50 37.41
C ARG D 292 45.69 -29.18 38.20
N LEU D 293 44.52 -29.64 37.77
CA LEU D 293 43.29 -29.23 38.46
C LEU D 293 43.07 -30.05 39.73
N GLN D 294 42.54 -29.41 40.76
CA GLN D 294 42.33 -30.01 42.06
C GLN D 294 40.82 -30.24 42.37
N LEU D 295 40.52 -31.32 43.08
CA LEU D 295 39.21 -31.50 43.67
C LEU D 295 39.04 -30.49 44.82
N ALA D 296 37.86 -29.90 44.96
CA ALA D 296 37.52 -29.11 46.15
C ALA D 296 37.31 -30.00 47.38
N TYR D 297 38.37 -30.69 47.79
CA TYR D 297 38.31 -31.65 48.89
C TYR D 297 39.66 -31.65 49.59
N PRO D 298 39.70 -31.69 50.95
CA PRO D 298 38.55 -31.81 51.86
C PRO D 298 37.72 -30.56 52.02
N LEU D 299 38.24 -29.40 51.65
CA LEU D 299 37.53 -28.15 51.87
C LEU D 299 37.12 -27.53 50.56
N VAL D 300 36.07 -26.72 50.60
CA VAL D 300 35.56 -26.06 49.43
C VAL D 300 36.60 -25.17 48.73
N GLU D 301 37.47 -24.56 49.52
CA GLU D 301 38.58 -23.74 49.04
C GLU D 301 39.65 -24.50 48.27
N ASP D 302 39.73 -25.83 48.40
CA ASP D 302 40.91 -26.59 47.95
C ASP D 302 41.04 -26.77 46.45
N GLY D 303 40.03 -26.43 45.66
CA GLY D 303 40.16 -26.70 44.23
C GLY D 303 38.98 -26.29 43.40
N ALA D 304 39.19 -26.33 42.10
CA ALA D 304 38.19 -25.84 41.16
C ALA D 304 37.06 -26.85 41.01
N ILE D 305 37.40 -28.12 41.15
CA ILE D 305 36.50 -29.18 40.74
C ILE D 305 35.61 -29.66 41.88
N GLY D 306 34.35 -29.31 41.81
CA GLY D 306 33.37 -29.72 42.82
C GLY D 306 32.92 -31.16 42.65
N PRO D 307 32.10 -31.63 43.60
CA PRO D 307 31.59 -32.97 43.55
C PRO D 307 30.50 -33.10 42.54
N ILE D 308 30.25 -34.34 42.15
CA ILE D 308 29.10 -34.68 41.35
C ILE D 308 27.92 -34.52 42.27
N ILE D 309 27.06 -33.59 41.92
CA ILE D 309 25.96 -33.16 42.79
C ILE D 309 24.87 -34.21 42.98
N ALA D 310 24.44 -34.83 41.87
CA ALA D 310 23.40 -35.85 41.95
C ALA D 310 23.98 -37.26 41.99
N GLU D 311 23.56 -38.06 42.97
CA GLU D 311 23.95 -39.47 43.02
C GLU D 311 23.66 -40.22 41.73
N LYS D 312 22.49 -40.01 41.18
CA LYS D 312 22.14 -40.68 39.94
C LYS D 312 23.15 -40.35 38.82
N GLN D 313 23.63 -39.11 38.79
CA GLN D 313 24.61 -38.72 37.81
C GLN D 313 25.98 -39.39 38.02
N ALA D 314 26.38 -39.55 39.27
CA ALA D 314 27.61 -40.30 39.54
C ALA D 314 27.55 -41.71 38.93
N GLY D 315 26.39 -42.34 39.00
CA GLY D 315 26.19 -43.67 38.44
C GLY D 315 26.24 -43.67 36.93
N ILE D 316 25.66 -42.65 36.30
CA ILE D 316 25.77 -42.51 34.84
C ILE D 316 27.21 -42.29 34.43
N ILE D 317 27.92 -41.38 35.10
CA ILE D 317 29.31 -41.12 34.74
C ILE D 317 30.12 -42.42 34.89
N ASN D 318 29.90 -43.13 35.98
CA ASN D 318 30.63 -44.39 36.27
C ASN D 318 30.36 -45.40 35.16
N ASP D 319 29.09 -45.54 34.83
CA ASP D 319 28.66 -46.39 33.74
C ASP D 319 29.31 -46.05 32.40
N HIS D 320 29.37 -44.75 32.05
CA HIS D 320 29.97 -44.35 30.75
C HIS D 320 31.42 -44.73 30.64
N ILE D 321 32.13 -44.57 31.75
CA ILE D 321 33.57 -44.94 31.82
C ILE D 321 33.76 -46.44 31.65
N LEU D 322 33.09 -47.24 32.46
CA LEU D 322 33.10 -48.74 32.31
C LEU D 322 32.74 -49.23 30.91
N ASP D 323 31.66 -48.72 30.33
CA ASP D 323 31.28 -49.02 28.96
C ASP D 323 32.42 -48.70 27.97
N ALA D 324 33.01 -47.51 28.11
CA ALA D 324 34.16 -47.08 27.29
C ALA D 324 35.33 -48.01 27.42
N VAL D 325 35.71 -48.34 28.64
CA VAL D 325 36.86 -49.26 28.85
C VAL D 325 36.56 -50.69 28.37
N GLU D 326 35.36 -51.17 28.68
CA GLU D 326 34.93 -52.48 28.21
C GLU D 326 35.09 -52.52 26.69
N LYS D 327 34.85 -51.42 26.00
CA LYS D 327 34.94 -51.40 24.54
C LYS D 327 36.33 -51.00 24.01
N GLY D 328 37.32 -50.95 24.90
CA GLY D 328 38.70 -50.70 24.50
C GLY D 328 39.31 -49.32 24.79
N ALA D 329 38.58 -48.41 25.43
CA ALA D 329 39.12 -47.07 25.59
C ALA D 329 40.33 -47.11 26.52
N VAL D 330 41.19 -46.12 26.35
CA VAL D 330 42.38 -45.97 27.18
C VAL D 330 42.21 -44.74 28.07
N ILE D 331 42.34 -44.92 29.38
CA ILE D 331 42.24 -43.86 30.34
C ILE D 331 43.65 -43.36 30.65
N HIS D 332 43.93 -42.13 30.30
CA HIS D 332 45.23 -41.50 30.59
C HIS D 332 45.32 -40.79 31.95
N CYS D 333 44.25 -40.16 32.40
CA CYS D 333 44.22 -39.58 33.75
C CYS D 333 42.81 -39.65 34.28
N GLY D 334 42.69 -39.50 35.60
CA GLY D 334 41.40 -39.63 36.28
C GLY D 334 40.71 -40.94 35.95
N GLY D 335 39.43 -40.89 35.62
CA GLY D 335 38.73 -42.11 35.22
C GLY D 335 38.08 -42.92 36.33
N LYS D 336 37.87 -42.34 37.51
CA LYS D 336 37.31 -43.09 38.63
C LYS D 336 36.27 -42.28 39.35
N VAL D 337 35.04 -42.75 39.42
CA VAL D 337 34.05 -42.10 40.26
C VAL D 337 34.24 -42.62 41.67
N GLU D 338 34.69 -41.78 42.60
CA GLU D 338 35.04 -42.30 43.92
C GLU D 338 34.28 -41.55 45.00
N GLU D 339 34.09 -42.23 46.13
CA GLU D 339 33.47 -41.59 47.28
C GLU D 339 34.56 -40.99 48.19
N LEU D 340 34.40 -39.74 48.59
CA LEU D 340 35.31 -39.11 49.55
C LEU D 340 34.49 -38.27 50.50
N GLY D 341 34.65 -38.48 51.80
CA GLY D 341 33.91 -37.70 52.81
C GLY D 341 32.41 -37.82 52.74
N GLY D 342 31.93 -38.82 52.00
CA GLY D 342 30.53 -39.07 51.83
C GLY D 342 30.02 -38.60 50.48
N GLY D 343 30.81 -37.79 49.77
CA GLY D 343 30.40 -37.28 48.47
C GLY D 343 30.94 -38.08 47.31
N TRP D 344 30.36 -37.90 46.11
CA TRP D 344 30.87 -38.57 44.90
C TRP D 344 31.70 -37.58 44.11
N TRP D 345 32.87 -38.04 43.62
CA TRP D 345 33.82 -37.20 42.88
C TRP D 345 34.37 -37.92 41.64
N CYS D 346 34.71 -37.15 40.61
CA CYS D 346 35.45 -37.67 39.47
C CYS D 346 36.42 -36.61 39.02
N ARG D 347 37.66 -36.99 38.75
CA ARG D 347 38.64 -36.05 38.26
C ARG D 347 38.53 -35.87 36.78
N PRO D 348 39.04 -34.74 36.25
CA PRO D 348 39.21 -34.57 34.81
C PRO D 348 39.86 -35.82 34.20
N THR D 349 39.19 -36.34 33.19
CA THR D 349 39.51 -37.59 32.61
C THR D 349 39.68 -37.48 31.13
N VAL D 350 40.86 -37.86 30.63
CA VAL D 350 41.14 -37.88 29.21
C VAL D 350 41.21 -39.31 28.70
N MSE D 351 40.45 -39.63 27.67
CA MSE D 351 40.46 -40.98 27.11
C MSE D 351 40.63 -40.92 25.65
O MSE D 351 40.21 -40.00 25.01
CB MSE D 351 39.19 -41.82 27.31
CG MSE D 351 38.16 -41.29 28.24
SE MSE D 351 36.60 -42.56 28.17
CE MSE D 351 36.45 -42.71 30.13
N THR D 352 41.28 -41.94 25.11
CA THR D 352 41.47 -42.09 23.68
C THR D 352 41.14 -43.55 23.32
N ASN D 353 41.31 -43.91 22.06
CA ASN D 353 40.89 -45.23 21.52
C ASN D 353 39.37 -45.34 21.67
N VAL D 354 38.69 -44.24 21.38
CA VAL D 354 37.22 -44.16 21.55
C VAL D 354 36.52 -44.08 20.19
N ASN D 355 35.23 -44.38 20.21
CA ASN D 355 34.42 -44.26 19.01
C ASN D 355 32.95 -44.21 19.36
N HIS D 356 32.13 -44.10 18.32
CA HIS D 356 30.73 -43.84 18.51
C HIS D 356 29.94 -45.06 18.91
N SER D 357 30.55 -46.22 19.06
CA SER D 357 29.79 -47.34 19.70
C SER D 357 29.67 -47.15 21.22
N MSE D 358 30.38 -46.17 21.79
CA MSE D 358 30.44 -45.98 23.23
C MSE D 358 29.41 -45.00 23.72
O MSE D 358 29.24 -43.90 23.15
CB MSE D 358 31.82 -45.44 23.60
CG MSE D 358 32.89 -46.46 23.24
SE MSE D 358 34.68 -45.69 23.63
CE MSE D 358 35.69 -47.24 23.00
N LYS D 359 28.75 -45.32 24.83
CA LYS D 359 27.84 -44.36 25.48
C LYS D 359 28.45 -42.98 25.71
N VAL D 360 29.72 -42.97 26.09
CA VAL D 360 30.39 -41.73 26.44
C VAL D 360 30.53 -40.77 25.25
N MSE D 361 30.44 -41.31 24.04
CA MSE D 361 30.36 -40.47 22.82
C MSE D 361 28.99 -40.24 22.25
O MSE D 361 28.86 -39.62 21.21
CB MSE D 361 31.21 -41.10 21.74
CG MSE D 361 32.57 -41.37 22.31
SE MSE D 361 33.67 -39.84 21.83
CE MSE D 361 34.24 -40.74 20.25
N THR D 362 27.93 -40.74 22.88
CA THR D 362 26.60 -40.60 22.28
C THR D 362 25.53 -40.10 23.28
N GLU D 363 25.54 -40.61 24.49
CA GLU D 363 24.59 -40.19 25.52
C GLU D 363 25.20 -39.09 26.37
N GLU D 364 24.38 -38.10 26.79
CA GLU D 364 24.88 -37.01 27.63
C GLU D 364 25.53 -37.61 28.84
N THR D 365 26.75 -37.20 29.14
CA THR D 365 27.53 -37.71 30.28
C THR D 365 27.41 -36.80 31.51
N PHE D 366 27.46 -35.48 31.31
CA PHE D 366 27.35 -34.49 32.39
C PHE D 366 28.47 -34.69 33.45
N GLY D 367 29.65 -35.08 32.96
CA GLY D 367 30.83 -35.29 33.80
C GLY D 367 32.06 -34.64 33.22
N PRO D 368 33.20 -34.79 33.92
CA PRO D 368 34.41 -34.14 33.53
C PRO D 368 35.22 -35.04 32.59
N ILE D 369 34.60 -35.47 31.50
CA ILE D 369 35.16 -36.48 30.59
C ILE D 369 35.52 -35.92 29.22
N MSE D 370 36.73 -36.23 28.77
CA MSE D 370 37.25 -35.72 27.50
C MSE D 370 37.67 -36.88 26.64
O MSE D 370 38.81 -37.30 26.64
CB MSE D 370 38.40 -34.77 27.83
CG MSE D 370 37.91 -33.63 28.71
SE MSE D 370 39.40 -32.50 29.25
CE MSE D 370 39.78 -33.39 30.95
N PRO D 371 36.73 -37.43 25.87
CA PRO D 371 37.10 -38.49 24.97
C PRO D 371 37.58 -37.87 23.66
N VAL D 372 38.76 -38.27 23.19
CA VAL D 372 39.40 -37.62 22.04
C VAL D 372 39.57 -38.62 20.89
N MSE D 373 39.06 -38.28 19.71
CA MSE D 373 39.11 -39.14 18.53
C MSE D 373 39.81 -38.40 17.41
O MSE D 373 39.52 -37.24 17.18
CB MSE D 373 37.69 -39.39 18.06
CG MSE D 373 37.29 -40.82 17.88
SE MSE D 373 35.43 -40.88 17.24
CE MSE D 373 35.73 -42.11 15.73
N PRO D 374 40.68 -39.09 16.64
CA PRO D 374 41.30 -38.41 15.52
C PRO D 374 40.35 -38.37 14.33
N PHE D 375 40.65 -37.56 13.33
CA PHE D 375 39.97 -37.73 12.02
C PHE D 375 40.93 -37.52 10.85
N PRO D 376 40.68 -38.22 9.73
CA PRO D 376 41.59 -38.09 8.59
C PRO D 376 41.33 -36.89 7.68
N ASP D 377 40.13 -36.33 7.72
CA ASP D 377 39.77 -35.21 6.86
C ASP D 377 38.52 -34.50 7.39
N VAL D 378 38.32 -33.28 6.95
CA VAL D 378 37.29 -32.42 7.48
C VAL D 378 35.89 -32.99 7.31
N GLU D 379 35.65 -33.65 6.17
CA GLU D 379 34.31 -34.23 5.90
C GLU D 379 33.95 -35.27 6.94
N GLU D 380 34.94 -36.06 7.36
CA GLU D 380 34.73 -37.00 8.45
C GLU D 380 34.50 -36.29 9.78
N ALA D 381 35.23 -35.22 10.04
CA ALA D 381 35.03 -34.44 11.28
C ALA D 381 33.62 -33.89 11.39
N VAL D 382 33.16 -33.21 10.34
CA VAL D 382 31.77 -32.70 10.21
C VAL D 382 30.75 -33.84 10.37
N TYR D 383 30.99 -34.97 9.72
CA TYR D 383 30.10 -36.15 9.89
C TYR D 383 30.02 -36.63 11.34
N LEU D 384 31.17 -36.78 12.00
CA LEU D 384 31.21 -37.27 13.38
C LEU D 384 30.54 -36.27 14.32
N ALA D 385 30.78 -34.98 14.11
CA ALA D 385 30.23 -33.94 14.95
C ALA D 385 28.73 -33.88 14.83
N ASN D 386 28.19 -34.15 13.63
CA ASN D 386 26.74 -34.17 13.41
C ASN D 386 26.03 -35.49 13.78
N ASP D 387 26.82 -36.48 14.16
CA ASP D 387 26.28 -37.81 14.44
C ASP D 387 25.83 -37.92 15.89
N THR D 388 24.69 -37.31 16.17
CA THR D 388 24.19 -37.09 17.52
C THR D 388 22.73 -36.76 17.47
N ILE D 389 21.99 -37.05 18.52
CA ILE D 389 20.59 -36.67 18.60
C ILE D 389 20.45 -35.28 19.18
N TYR D 390 21.57 -34.69 19.60
CA TYR D 390 21.57 -33.37 20.22
C TYR D 390 22.00 -32.30 19.20
N GLY D 391 22.00 -31.04 19.63
CA GLY D 391 22.40 -29.95 18.74
C GLY D 391 22.35 -28.58 19.37
N LEU D 392 22.92 -28.46 20.53
CA LEU D 392 22.87 -27.27 21.32
C LEU D 392 24.00 -26.32 20.87
N SER D 393 25.24 -26.78 21.00
CA SER D 393 26.43 -25.97 20.63
C SER D 393 27.58 -26.82 20.13
N ALA D 394 28.64 -26.14 19.68
CA ALA D 394 29.85 -26.75 19.20
C ALA D 394 30.97 -25.70 19.22
N ALA D 395 32.18 -26.21 18.97
CA ALA D 395 33.39 -25.42 18.90
C ALA D 395 34.28 -25.90 17.76
N VAL D 396 34.85 -24.95 17.01
CA VAL D 396 35.75 -25.26 15.92
C VAL D 396 37.04 -24.42 16.09
N PHE D 397 38.20 -25.08 16.08
CA PHE D 397 39.48 -24.41 16.20
C PHE D 397 40.28 -24.52 14.90
N ALA D 398 40.80 -23.40 14.43
CA ALA D 398 41.64 -23.41 13.23
C ALA D 398 42.61 -22.26 13.23
N GLY D 399 43.55 -22.28 12.29
CA GLY D 399 44.62 -21.29 12.22
C GLY D 399 44.05 -19.94 11.91
N SER D 400 42.88 -19.89 11.29
CA SER D 400 42.21 -18.65 10.99
C SER D 400 40.71 -18.77 11.27
N GLU D 401 40.06 -17.61 11.39
CA GLU D 401 38.65 -17.60 11.67
C GLU D 401 37.87 -18.07 10.45
N ASP D 402 38.31 -17.69 9.26
CA ASP D 402 37.62 -18.09 8.04
C ASP D 402 37.58 -19.59 7.81
N GLU D 403 38.68 -20.31 8.01
CA GLU D 403 38.59 -21.75 7.80
C GLU D 403 37.82 -22.46 8.93
N ALA D 404 37.86 -21.95 10.17
CA ALA D 404 37.01 -22.51 11.21
C ALA D 404 35.51 -22.27 10.89
N LEU D 405 35.17 -21.09 10.41
CA LEU D 405 33.77 -20.79 10.07
C LEU D 405 33.23 -21.65 8.93
N LYS D 406 34.09 -21.95 7.97
CA LYS D 406 33.64 -22.79 6.85
C LYS D 406 33.15 -24.13 7.36
N VAL D 407 33.79 -24.66 8.39
CA VAL D 407 33.38 -25.92 8.99
C VAL D 407 32.18 -25.73 9.90
N ALA D 408 32.26 -24.74 10.78
CA ALA D 408 31.16 -24.39 11.69
C ALA D 408 29.79 -24.25 11.00
N ARG D 409 29.79 -23.74 9.79
CA ARG D 409 28.54 -23.56 9.07
C ARG D 409 27.88 -24.89 8.69
N GLN D 410 28.59 -26.01 8.76
CA GLN D 410 28.04 -27.30 8.41
C GLN D 410 27.57 -28.05 9.61
N LEU D 411 27.71 -27.48 10.81
CA LEU D 411 27.32 -28.16 12.01
C LEU D 411 25.87 -27.84 12.39
N ASN D 412 25.17 -28.85 12.86
CA ASN D 412 23.75 -28.72 13.16
C ASN D 412 23.64 -28.35 14.63
N ALA D 413 23.98 -27.12 14.95
CA ALA D 413 23.94 -26.68 16.34
C ALA D 413 23.66 -25.20 16.39
N GLY D 414 23.06 -24.74 17.48
CA GLY D 414 22.68 -23.34 17.65
C GLY D 414 23.77 -22.33 17.89
N ALA D 415 24.77 -22.67 18.69
CA ALA D 415 25.84 -21.68 18.99
C ALA D 415 27.19 -22.36 18.81
N ILE D 416 28.00 -21.86 17.91
CA ILE D 416 29.29 -22.44 17.64
C ILE D 416 30.36 -21.44 18.04
N SER D 417 31.23 -21.89 18.93
CA SER D 417 32.39 -21.09 19.35
C SER D 417 33.50 -21.31 18.37
N ILE D 418 34.14 -20.22 17.97
CA ILE D 418 35.19 -20.24 16.96
C ILE D 418 36.54 -19.83 17.57
N ASN D 419 37.52 -20.73 17.51
CA ASN D 419 38.82 -20.59 18.20
C ASN D 419 38.72 -20.38 19.68
N ASP D 420 37.65 -20.93 20.21
CA ASP D 420 37.33 -20.94 21.61
C ASP D 420 36.26 -22.04 21.81
N ALA D 421 35.94 -22.33 23.06
CA ALA D 421 34.96 -23.34 23.40
C ALA D 421 34.06 -22.88 24.50
N ALA D 422 32.79 -23.26 24.37
CA ALA D 422 31.78 -23.07 25.39
C ALA D 422 31.53 -21.65 25.73
N LEU D 423 31.58 -20.78 24.73
CA LEU D 423 31.45 -19.36 24.99
C LEU D 423 30.08 -18.95 25.50
N THR D 424 29.03 -19.70 25.11
CA THR D 424 27.72 -19.42 25.64
C THR D 424 27.61 -19.71 27.12
N ALA D 425 28.53 -20.44 27.73
CA ALA D 425 28.51 -20.55 29.21
C ALA D 425 28.87 -19.22 29.89
N MSE D 426 29.59 -18.36 29.18
CA MSE D 426 30.15 -17.14 29.76
C MSE D 426 29.47 -15.90 29.28
O MSE D 426 29.64 -14.86 29.88
CB MSE D 426 31.63 -16.98 29.37
CG MSE D 426 32.48 -17.86 30.28
SE MSE D 426 32.27 -17.50 32.23
CE MSE D 426 32.79 -15.60 32.09
N MSE D 427 28.76 -15.93 28.16
CA MSE D 427 28.21 -14.68 27.68
C MSE D 427 26.81 -14.82 27.19
O MSE D 427 26.37 -15.91 26.84
CB MSE D 427 29.18 -14.07 26.69
CG MSE D 427 29.41 -14.77 25.39
SE MSE D 427 31.24 -14.26 24.76
CE MSE D 427 30.83 -12.39 24.30
N HIS D 428 26.10 -13.71 27.19
CA HIS D 428 24.68 -13.72 26.91
C HIS D 428 24.37 -13.45 25.44
N GLU D 429 25.31 -12.96 24.67
CA GLU D 429 24.98 -12.47 23.34
C GLU D 429 24.84 -13.62 22.33
N GLY D 430 24.05 -13.41 21.29
CA GLY D 430 23.89 -14.41 20.25
C GLY D 430 22.54 -15.12 20.30
N GLU D 431 21.70 -14.85 19.32
CA GLU D 431 20.40 -15.49 19.18
C GLU D 431 20.64 -16.88 18.64
N LYS D 432 20.04 -17.87 19.27
CA LYS D 432 20.27 -19.25 18.86
CA LYS D 432 20.28 -19.26 18.88
C LYS D 432 19.01 -20.08 19.06
N ASN D 433 18.81 -21.01 18.13
CA ASN D 433 17.81 -22.08 18.23
C ASN D 433 18.53 -23.42 18.36
N ALA D 434 18.11 -24.22 19.33
CA ALA D 434 18.57 -25.60 19.45
C ALA D 434 18.21 -26.43 18.21
N PHE D 435 19.09 -27.33 17.81
CA PHE D 435 18.77 -28.32 16.79
C PHE D 435 18.49 -29.70 17.42
N ASN D 436 17.77 -30.52 16.65
CA ASN D 436 17.50 -31.91 16.97
C ASN D 436 16.79 -31.98 18.29
N PHE D 437 17.18 -32.88 19.19
CA PHE D 437 16.43 -33.02 20.43
C PHE D 437 16.93 -32.09 21.54
N SER D 438 17.78 -31.11 21.24
CA SER D 438 18.31 -30.26 22.30
C SER D 438 17.28 -29.19 22.74
N GLY D 439 16.22 -29.02 21.96
CA GLY D 439 15.17 -28.10 22.38
C GLY D 439 14.19 -27.63 21.34
N LEU D 440 13.21 -26.88 21.82
CA LEU D 440 12.17 -26.24 21.00
C LEU D 440 11.73 -24.97 21.66
N GLY D 441 11.10 -24.06 20.90
CA GLY D 441 10.47 -22.86 21.45
C GLY D 441 11.18 -21.53 21.21
N GLY D 442 12.24 -21.55 20.43
CA GLY D 442 12.89 -20.34 20.04
C GLY D 442 14.20 -20.04 20.80
N SER D 443 14.41 -18.77 21.10
CA SER D 443 15.67 -18.28 21.70
C SER D 443 15.38 -17.46 22.93
N ARG D 444 16.36 -17.34 23.83
CA ARG D 444 16.23 -16.46 25.02
C ARG D 444 16.74 -15.03 24.87
N VAL D 445 17.50 -14.72 23.82
CA VAL D 445 18.16 -13.44 23.78
C VAL D 445 17.29 -12.33 23.15
N GLY D 446 17.32 -11.16 23.78
CA GLY D 446 16.81 -9.95 23.15
C GLY D 446 15.32 -9.93 22.93
N ALA D 447 14.92 -9.26 21.86
CA ALA D 447 13.51 -9.14 21.54
C ALA D 447 12.79 -10.48 21.60
N ALA D 448 13.36 -11.49 20.96
CA ALA D 448 12.71 -12.79 20.80
C ALA D 448 12.59 -13.52 22.13
N GLY D 449 13.57 -13.33 23.00
CA GLY D 449 13.58 -13.94 24.31
C GLY D 449 12.63 -13.39 25.36
N LEU D 450 12.36 -12.09 25.32
CA LEU D 450 11.36 -11.51 26.20
C LEU D 450 10.04 -11.64 25.53
N LYS D 451 9.97 -11.52 24.20
CA LYS D 451 8.66 -11.59 23.52
C LYS D 451 8.05 -12.95 23.45
N ARG D 452 8.81 -14.01 23.72
CA ARG D 452 8.20 -15.33 23.92
C ARG D 452 7.04 -15.23 24.88
N PHE D 453 7.13 -14.34 25.88
CA PHE D 453 6.17 -14.34 26.97
C PHE D 453 4.98 -13.39 26.78
N LEU D 454 4.85 -12.86 25.57
CA LEU D 454 3.81 -11.90 25.23
C LEU D 454 3.04 -12.37 23.98
N ARG D 455 1.72 -12.23 23.99
CA ARG D 455 0.97 -12.36 22.76
C ARG D 455 0.91 -10.98 22.04
N LYS D 456 1.16 -10.97 20.75
CA LYS D 456 1.01 -9.75 19.95
C LYS D 456 -0.44 -9.63 19.55
N GLN D 457 -0.98 -8.42 19.69
CA GLN D 457 -2.26 -8.07 19.17
C GLN D 457 -2.14 -6.97 18.14
N ALA D 458 -2.89 -7.10 17.06
CA ALA D 458 -2.93 -6.08 16.03
C ALA D 458 -4.30 -5.38 16.09
N PHE D 459 -4.29 -4.07 15.96
CA PHE D 459 -5.52 -3.32 15.80
C PHE D 459 -5.50 -2.63 14.42
N LEU D 460 -6.47 -2.99 13.59
CA LEU D 460 -6.50 -2.54 12.25
C LEU D 460 -7.68 -1.58 12.17
N ILE D 461 -7.38 -0.32 11.87
CA ILE D 461 -8.29 0.76 12.12
C ILE D 461 -8.72 1.43 10.82
N LYS D 462 -10.01 1.33 10.47
CA LYS D 462 -10.56 2.10 9.35
C LYS D 462 -10.69 3.57 9.69
N THR D 463 -10.03 4.41 8.93
CA THR D 463 -9.91 5.84 9.28
C THR D 463 -10.74 6.72 8.34
N ASN D 464 -11.45 6.15 7.38
CA ASN D 464 -12.27 6.99 6.50
C ASN D 464 -13.76 6.62 6.63
N SER D 465 -14.63 7.22 5.83
CA SER D 465 -16.07 6.93 5.96
C SER D 465 -16.77 6.42 4.72
N THR D 466 -16.04 6.01 3.68
CA THR D 466 -16.67 5.38 2.52
C THR D 466 -16.66 3.86 2.64
N SER D 467 -17.49 3.18 1.82
CA SER D 467 -17.52 1.70 1.82
C SER D 467 -16.15 1.13 1.50
N ASP D 468 -15.76 0.02 2.11
CA ASP D 468 -14.59 -0.70 1.67
C ASP D 468 -14.89 -1.24 0.26
N PRO D 469 -13.89 -1.27 -0.63
CA PRO D 469 -14.15 -1.70 -2.01
C PRO D 469 -14.57 -3.16 -2.15
N TRP D 470 -14.24 -4.01 -1.18
CA TRP D 470 -14.61 -5.42 -1.19
C TRP D 470 -15.99 -5.75 -0.59
N TRP D 471 -16.67 -4.79 0.05
CA TRP D 471 -18.00 -5.06 0.58
C TRP D 471 -18.97 -5.32 -0.57
N PHE D 472 -20.15 -5.80 -0.22
CA PHE D 472 -21.13 -6.17 -1.26
C PHE D 472 -21.84 -4.96 -1.88
N ASP D 473 -22.02 -3.89 -1.11
CA ASP D 473 -22.82 -2.76 -1.58
C ASP D 473 -22.18 -2.06 -2.80
C1 GOL E . 19.70 -18.53 2.75
O1 GOL E . 19.85 -19.03 1.42
C2 GOL E . 18.77 -19.41 3.61
O2 GOL E . 18.56 -20.76 3.13
C3 GOL E . 19.39 -19.46 4.99
O3 GOL E . 19.52 -18.13 5.47
C1 GOL F . 5.55 -22.56 14.91
O1 GOL F . 5.65 -21.29 14.29
C2 GOL F . 6.75 -22.91 15.76
O2 GOL F . 6.24 -23.21 17.05
C3 GOL F . 7.84 -21.84 15.85
O3 GOL F . 9.05 -22.54 16.22
C1 GOL G . 13.55 -37.83 8.98
O1 GOL G . 12.73 -38.68 8.17
C2 GOL G . 12.92 -37.63 10.37
O2 GOL G . 11.59 -38.13 10.29
C3 GOL G . 12.87 -36.16 10.82
O3 GOL G . 12.10 -35.92 12.04
C1 GOL H . -12.53 -29.07 21.83
O1 GOL H . -11.67 -30.10 21.33
C2 GOL H . -12.01 -28.52 23.16
O2 GOL H . -11.07 -27.49 22.88
C3 GOL H . -13.10 -27.87 24.02
O3 GOL H . -12.47 -27.14 25.08
C1 GOL I . -10.60 40.67 -17.25
O1 GOL I . -9.33 41.14 -16.82
C2 GOL I . -11.71 41.24 -16.36
O2 GOL I . -11.21 42.41 -15.71
C3 GOL I . -12.09 40.23 -15.29
O3 GOL I . -13.01 40.76 -14.33
C1 GOL J . -23.59 39.10 -20.96
O1 GOL J . -23.20 39.67 -22.21
C2 GOL J . -22.39 38.49 -20.22
O2 GOL J . -21.58 39.52 -19.64
C3 GOL J . -22.88 37.57 -19.09
O3 GOL J . -22.33 36.24 -19.24
C1 GOL K . -27.10 28.50 -16.46
O1 GOL K . -27.01 29.62 -17.36
C2 GOL K . -28.19 28.67 -15.42
O2 GOL K . -29.33 27.81 -15.66
C3 GOL K . -27.62 28.38 -14.04
O3 GOL K . -28.63 28.52 -13.04
C1 GOL L . -9.83 28.37 -31.88
O1 GOL L . -9.50 27.97 -33.20
C2 GOL L . -11.32 28.34 -31.58
O2 GOL L . -11.71 27.04 -31.09
C3 GOL L . -12.12 28.74 -32.81
O3 GOL L . -12.15 27.65 -33.73
C1 GOL M . 8.19 26.12 -30.35
O1 GOL M . 8.83 25.39 -31.42
C2 GOL M . 7.84 27.53 -30.76
O2 GOL M . 8.91 28.14 -31.47
C3 GOL M . 7.60 28.41 -29.55
O3 GOL M . 6.66 29.38 -29.99
C1 GOL N . 29.76 28.96 1.46
O1 GOL N . 31.05 29.03 0.86
C2 GOL N . 28.82 28.12 0.59
O2 GOL N . 29.44 27.79 -0.69
C3 GOL N . 28.34 26.86 1.33
O3 GOL N . 26.93 26.92 1.60
C1 GOL O . 16.28 20.87 -22.64
O1 GOL O . 16.67 21.99 -21.86
C2 GOL O . 14.92 21.14 -23.24
O2 GOL O . 15.07 22.10 -24.31
C3 GOL O . 14.29 19.83 -23.76
O3 GOL O . 13.23 19.34 -22.87
C1 GOL P . 1.43 30.26 -10.10
O1 GOL P . 1.31 31.49 -9.38
C2 GOL P . 2.90 30.02 -10.37
O2 GOL P . 3.25 31.10 -11.23
C3 GOL P . 3.21 28.69 -11.06
O3 GOL P . 2.20 27.69 -10.75
C1 GOL Q . 7.81 -34.59 33.55
O1 GOL Q . 6.38 -34.47 33.57
C2 GOL Q . 8.33 -34.01 34.85
O2 GOL Q . 7.53 -34.52 35.88
C3 GOL Q . 8.20 -32.51 34.96
O3 GOL Q . 8.95 -32.11 36.11
C1 GOL R . 20.12 -31.54 34.48
O1 GOL R . 19.86 -30.92 33.21
C2 GOL R . 19.95 -33.07 34.56
O2 GOL R . 18.59 -33.37 34.95
C3 GOL R . 20.36 -33.80 33.27
O3 GOL R . 21.09 -35.01 33.55
C1 GOL S . -5.77 -23.72 27.37
O1 GOL S . -5.83 -22.73 26.31
C2 GOL S . -4.93 -23.26 28.56
O2 GOL S . -4.52 -21.90 28.42
C3 GOL S . -5.58 -23.38 29.93
O3 GOL S . -4.54 -23.30 30.93
#